data_2FE1
# 
_entry.id   2FE1 
# 
_audit_conform.dict_name       mmcif_pdbx.dic 
_audit_conform.dict_version    5.387 
_audit_conform.dict_location   http://mmcif.pdb.org/dictionaries/ascii/mmcif_pdbx.dic 
# 
loop_
_database_2.database_id 
_database_2.database_code 
_database_2.pdbx_database_accession 
_database_2.pdbx_DOI 
PDB   2FE1         pdb_00002fe1 10.2210/pdb2fe1/pdb 
RCSB  RCSB035764   ?            ?                   
WWPDB D_1000035764 ?            ?                   
# 
loop_
_pdbx_audit_revision_history.ordinal 
_pdbx_audit_revision_history.data_content_type 
_pdbx_audit_revision_history.major_revision 
_pdbx_audit_revision_history.minor_revision 
_pdbx_audit_revision_history.revision_date 
1 'Structure model' 1 0 2005-12-27 
2 'Structure model' 1 1 2008-05-01 
3 'Structure model' 1 2 2011-07-13 
4 'Structure model' 1 3 2021-10-20 
5 'Structure model' 1 4 2024-02-14 
# 
_pdbx_audit_revision_details.ordinal             1 
_pdbx_audit_revision_details.revision_ordinal    1 
_pdbx_audit_revision_details.data_content_type   'Structure model' 
_pdbx_audit_revision_details.provider            repository 
_pdbx_audit_revision_details.type                'Initial release' 
_pdbx_audit_revision_details.description         ? 
_pdbx_audit_revision_details.details             ? 
# 
loop_
_pdbx_audit_revision_group.ordinal 
_pdbx_audit_revision_group.revision_ordinal 
_pdbx_audit_revision_group.data_content_type 
_pdbx_audit_revision_group.group 
1 2 'Structure model' 'Version format compliance' 
2 3 'Structure model' Advisory                    
3 3 'Structure model' 'Derived calculations'      
4 3 'Structure model' 'Source and taxonomy'       
5 3 'Structure model' 'Version format compliance' 
6 4 'Structure model' 'Database references'       
7 4 'Structure model' 'Derived calculations'      
8 5 'Structure model' 'Data collection'           
# 
loop_
_pdbx_audit_revision_category.ordinal 
_pdbx_audit_revision_category.revision_ordinal 
_pdbx_audit_revision_category.data_content_type 
_pdbx_audit_revision_category.category 
1 4 'Structure model' database_2             
2 4 'Structure model' pdbx_struct_conn_angle 
3 4 'Structure model' struct_conn            
4 4 'Structure model' struct_ref_seq_dif     
5 4 'Structure model' struct_site            
6 5 'Structure model' chem_comp_atom         
7 5 'Structure model' chem_comp_bond         
# 
loop_
_pdbx_audit_revision_item.ordinal 
_pdbx_audit_revision_item.revision_ordinal 
_pdbx_audit_revision_item.data_content_type 
_pdbx_audit_revision_item.item 
1  4 'Structure model' '_database_2.pdbx_DOI'                        
2  4 'Structure model' '_database_2.pdbx_database_accession'         
3  4 'Structure model' '_pdbx_struct_conn_angle.ptnr1_auth_comp_id'  
4  4 'Structure model' '_pdbx_struct_conn_angle.ptnr1_auth_seq_id'   
5  4 'Structure model' '_pdbx_struct_conn_angle.ptnr1_label_asym_id' 
6  4 'Structure model' '_pdbx_struct_conn_angle.ptnr1_label_atom_id' 
7  4 'Structure model' '_pdbx_struct_conn_angle.ptnr1_label_comp_id' 
8  4 'Structure model' '_pdbx_struct_conn_angle.ptnr1_label_seq_id'  
9  4 'Structure model' '_pdbx_struct_conn_angle.ptnr1_symmetry'      
10 4 'Structure model' '_pdbx_struct_conn_angle.ptnr3_auth_comp_id'  
11 4 'Structure model' '_pdbx_struct_conn_angle.ptnr3_auth_seq_id'   
12 4 'Structure model' '_pdbx_struct_conn_angle.ptnr3_label_asym_id' 
13 4 'Structure model' '_pdbx_struct_conn_angle.ptnr3_label_atom_id' 
14 4 'Structure model' '_pdbx_struct_conn_angle.ptnr3_label_comp_id' 
15 4 'Structure model' '_pdbx_struct_conn_angle.ptnr3_label_seq_id'  
16 4 'Structure model' '_pdbx_struct_conn_angle.ptnr3_symmetry'      
17 4 'Structure model' '_pdbx_struct_conn_angle.value'               
18 4 'Structure model' '_struct_conn.pdbx_dist_value'                
19 4 'Structure model' '_struct_conn.ptnr1_auth_comp_id'             
20 4 'Structure model' '_struct_conn.ptnr1_auth_seq_id'              
21 4 'Structure model' '_struct_conn.ptnr1_label_asym_id'            
22 4 'Structure model' '_struct_conn.ptnr1_label_atom_id'            
23 4 'Structure model' '_struct_conn.ptnr1_label_comp_id'            
24 4 'Structure model' '_struct_conn.ptnr1_label_seq_id'             
25 4 'Structure model' '_struct_conn.ptnr1_symmetry'                 
26 4 'Structure model' '_struct_conn.ptnr2_auth_comp_id'             
27 4 'Structure model' '_struct_conn.ptnr2_auth_seq_id'              
28 4 'Structure model' '_struct_conn.ptnr2_label_asym_id'            
29 4 'Structure model' '_struct_conn.ptnr2_label_atom_id'            
30 4 'Structure model' '_struct_conn.ptnr2_label_comp_id'            
31 4 'Structure model' '_struct_conn.ptnr2_label_seq_id'             
32 4 'Structure model' '_struct_conn.ptnr2_symmetry'                 
33 4 'Structure model' '_struct_ref_seq_dif.details'                 
34 4 'Structure model' '_struct_site.pdbx_auth_asym_id'              
35 4 'Structure model' '_struct_site.pdbx_auth_comp_id'              
36 4 'Structure model' '_struct_site.pdbx_auth_seq_id'               
# 
_pdbx_database_status.entry_id                        2FE1 
_pdbx_database_status.deposit_site                    RCSB 
_pdbx_database_status.process_site                    RCSB 
_pdbx_database_status.recvd_initial_deposition_date   2005-12-15 
_pdbx_database_status.status_code                     REL 
_pdbx_database_status.status_code_sf                  REL 
_pdbx_database_status.status_code_mr                  ? 
_pdbx_database_status.SG_entry                        ? 
_pdbx_database_status.pdb_format_compatible           Y 
_pdbx_database_status.status_code_cs                  ? 
_pdbx_database_status.status_code_nmr_data            ? 
_pdbx_database_status.methods_development_category    ? 
# 
loop_
_audit_author.name 
_audit_author.pdbx_ordinal 
'Bunker, R.D.' 1 
'Baker, E.N.'  2 
'Arcus, V.L.'  3 
# 
_citation.id                        primary 
_citation.title                     
'Crystal structure of PAE0151 from Pyrobaculum aerophilum, a PIN-domain (VapC) protein from a toxin-antitoxin operon.' 
_citation.journal_abbrev            Proteins 
_citation.journal_volume            72 
_citation.page_first                510 
_citation.page_last                 518 
_citation.year                      2008 
_citation.journal_id_ASTM           PSFGEY 
_citation.country                   US 
_citation.journal_id_ISSN           0887-3585 
_citation.journal_id_CSD            0867 
_citation.book_publisher            ? 
_citation.pdbx_database_id_PubMed   18398909 
_citation.pdbx_database_id_DOI      10.1002/prot.22048 
# 
loop_
_citation_author.citation_id 
_citation_author.name 
_citation_author.ordinal 
_citation_author.identifier_ORCID 
primary 'Bunker, R.D.'   1 ? 
primary 'McKenzie, J.L.' 2 ? 
primary 'Baker, E.N.'    3 ? 
primary 'Arcus, V.L.'    4 ? 
# 
loop_
_entity.id 
_entity.type 
_entity.src_method 
_entity.pdbx_description 
_entity.formula_weight 
_entity.pdbx_number_of_molecules 
_entity.pdbx_ec 
_entity.pdbx_mutation 
_entity.pdbx_fragment 
_entity.details 
1 polymer     man 'conserved hypothetical protein PAE0151' 17746.002 1  ? K2E PAE0151 ? 
2 non-polymer syn 'MANGANESE (II) ION'                     54.938    1  ? ?   ?       ? 
3 non-polymer syn 'CHLORIDE ION'                           35.453    1  ? ?   ?       ? 
4 non-polymer syn 'CALCIUM ION'                            40.078    1  ? ?   ?       ? 
5 water       nat water                                    18.015    80 ? ?   ?       ? 
# 
_entity_poly.entity_id                      1 
_entity_poly.type                           'polypeptide(L)' 
_entity_poly.nstd_linkage                   no 
_entity_poly.nstd_monomer                   no 
_entity_poly.pdbx_seq_one_letter_code       
;MSYYHHHHHHDYDIPTTENLYFQGAMELVVDASAIAALYVPEERSEQAERAVSQAQELHTLDLAAYEVANDLWKHARRGL
LREDEASNMLEELWEFFKALKVHSYAEVLKDAFALALKHGVTVYDAAYVALAEKIGGKLLTLDRQLAEKFPALVTP
;
_entity_poly.pdbx_seq_one_letter_code_can   
;MSYYHHHHHHDYDIPTTENLYFQGAMELVVDASAIAALYVPEERSEQAERAVSQAQELHTLDLAAYEVANDLWKHARRGL
LREDEASNMLEELWEFFKALKVHSYAEVLKDAFALALKHGVTVYDAAYVALAEKIGGKLLTLDRQLAEKFPALVTP
;
_entity_poly.pdbx_strand_id                 A 
_entity_poly.pdbx_target_identifier         ? 
# 
loop_
_pdbx_entity_nonpoly.entity_id 
_pdbx_entity_nonpoly.name 
_pdbx_entity_nonpoly.comp_id 
2 'MANGANESE (II) ION' MN  
3 'CHLORIDE ION'       CL  
4 'CALCIUM ION'        CA  
5 water                HOH 
# 
loop_
_entity_poly_seq.entity_id 
_entity_poly_seq.num 
_entity_poly_seq.mon_id 
_entity_poly_seq.hetero 
1 1   MET n 
1 2   SER n 
1 3   TYR n 
1 4   TYR n 
1 5   HIS n 
1 6   HIS n 
1 7   HIS n 
1 8   HIS n 
1 9   HIS n 
1 10  HIS n 
1 11  ASP n 
1 12  TYR n 
1 13  ASP n 
1 14  ILE n 
1 15  PRO n 
1 16  THR n 
1 17  THR n 
1 18  GLU n 
1 19  ASN n 
1 20  LEU n 
1 21  TYR n 
1 22  PHE n 
1 23  GLN n 
1 24  GLY n 
1 25  ALA n 
1 26  MET n 
1 27  GLU n 
1 28  LEU n 
1 29  VAL n 
1 30  VAL n 
1 31  ASP n 
1 32  ALA n 
1 33  SER n 
1 34  ALA n 
1 35  ILE n 
1 36  ALA n 
1 37  ALA n 
1 38  LEU n 
1 39  TYR n 
1 40  VAL n 
1 41  PRO n 
1 42  GLU n 
1 43  GLU n 
1 44  ARG n 
1 45  SER n 
1 46  GLU n 
1 47  GLN n 
1 48  ALA n 
1 49  GLU n 
1 50  ARG n 
1 51  ALA n 
1 52  VAL n 
1 53  SER n 
1 54  GLN n 
1 55  ALA n 
1 56  GLN n 
1 57  GLU n 
1 58  LEU n 
1 59  HIS n 
1 60  THR n 
1 61  LEU n 
1 62  ASP n 
1 63  LEU n 
1 64  ALA n 
1 65  ALA n 
1 66  TYR n 
1 67  GLU n 
1 68  VAL n 
1 69  ALA n 
1 70  ASN n 
1 71  ASP n 
1 72  LEU n 
1 73  TRP n 
1 74  LYS n 
1 75  HIS n 
1 76  ALA n 
1 77  ARG n 
1 78  ARG n 
1 79  GLY n 
1 80  LEU n 
1 81  LEU n 
1 82  ARG n 
1 83  GLU n 
1 84  ASP n 
1 85  GLU n 
1 86  ALA n 
1 87  SER n 
1 88  ASN n 
1 89  MET n 
1 90  LEU n 
1 91  GLU n 
1 92  GLU n 
1 93  LEU n 
1 94  TRP n 
1 95  GLU n 
1 96  PHE n 
1 97  PHE n 
1 98  LYS n 
1 99  ALA n 
1 100 LEU n 
1 101 LYS n 
1 102 VAL n 
1 103 HIS n 
1 104 SER n 
1 105 TYR n 
1 106 ALA n 
1 107 GLU n 
1 108 VAL n 
1 109 LEU n 
1 110 LYS n 
1 111 ASP n 
1 112 ALA n 
1 113 PHE n 
1 114 ALA n 
1 115 LEU n 
1 116 ALA n 
1 117 LEU n 
1 118 LYS n 
1 119 HIS n 
1 120 GLY n 
1 121 VAL n 
1 122 THR n 
1 123 VAL n 
1 124 TYR n 
1 125 ASP n 
1 126 ALA n 
1 127 ALA n 
1 128 TYR n 
1 129 VAL n 
1 130 ALA n 
1 131 LEU n 
1 132 ALA n 
1 133 GLU n 
1 134 LYS n 
1 135 ILE n 
1 136 GLY n 
1 137 GLY n 
1 138 LYS n 
1 139 LEU n 
1 140 LEU n 
1 141 THR n 
1 142 LEU n 
1 143 ASP n 
1 144 ARG n 
1 145 GLN n 
1 146 LEU n 
1 147 ALA n 
1 148 GLU n 
1 149 LYS n 
1 150 PHE n 
1 151 PRO n 
1 152 ALA n 
1 153 LEU n 
1 154 VAL n 
1 155 THR n 
1 156 PRO n 
# 
_entity_src_gen.entity_id                          1 
_entity_src_gen.pdbx_src_id                        1 
_entity_src_gen.pdbx_alt_source_flag               sample 
_entity_src_gen.pdbx_seq_type                      ? 
_entity_src_gen.pdbx_beg_seq_num                   ? 
_entity_src_gen.pdbx_end_seq_num                   ? 
_entity_src_gen.gene_src_common_name               ? 
_entity_src_gen.gene_src_genus                     Pyrobaculum 
_entity_src_gen.pdbx_gene_src_gene                 PAE0151 
_entity_src_gen.gene_src_species                   'Pyrobaculum aerophilum' 
_entity_src_gen.gene_src_strain                    IM2 
_entity_src_gen.gene_src_tissue                    ? 
_entity_src_gen.gene_src_tissue_fraction           ? 
_entity_src_gen.gene_src_details                   ? 
_entity_src_gen.pdbx_gene_src_fragment             ? 
_entity_src_gen.pdbx_gene_src_scientific_name      'Pyrobaculum aerophilum' 
_entity_src_gen.pdbx_gene_src_ncbi_taxonomy_id     178306 
_entity_src_gen.pdbx_gene_src_variant              ? 
_entity_src_gen.pdbx_gene_src_cell_line            ? 
_entity_src_gen.pdbx_gene_src_atcc                 ? 
_entity_src_gen.pdbx_gene_src_organ                ? 
_entity_src_gen.pdbx_gene_src_organelle            ? 
_entity_src_gen.pdbx_gene_src_cell                 ? 
_entity_src_gen.pdbx_gene_src_cellular_location    ? 
_entity_src_gen.host_org_common_name               ? 
_entity_src_gen.pdbx_host_org_scientific_name      'Escherichia coli' 
_entity_src_gen.pdbx_host_org_ncbi_taxonomy_id     562 
_entity_src_gen.host_org_genus                     Escherichia 
_entity_src_gen.pdbx_host_org_gene                 ? 
_entity_src_gen.pdbx_host_org_organ                ? 
_entity_src_gen.host_org_species                   ? 
_entity_src_gen.pdbx_host_org_tissue               ? 
_entity_src_gen.pdbx_host_org_tissue_fraction      ? 
_entity_src_gen.pdbx_host_org_strain               'BL21(DE3) pRI' 
_entity_src_gen.pdbx_host_org_variant              ? 
_entity_src_gen.pdbx_host_org_cell_line            ? 
_entity_src_gen.pdbx_host_org_atcc                 ? 
_entity_src_gen.pdbx_host_org_culture_collection   ? 
_entity_src_gen.pdbx_host_org_cell                 ? 
_entity_src_gen.pdbx_host_org_organelle            ? 
_entity_src_gen.pdbx_host_org_cellular_location    ? 
_entity_src_gen.pdbx_host_org_vector_type          PLASMID 
_entity_src_gen.pdbx_host_org_vector               ? 
_entity_src_gen.host_org_details                   ? 
_entity_src_gen.expression_system_id               ? 
_entity_src_gen.plasmid_name                       pProEX-HTa 
_entity_src_gen.plasmid_details                    ? 
_entity_src_gen.pdbx_description                   ? 
# 
loop_
_chem_comp.id 
_chem_comp.type 
_chem_comp.mon_nstd_flag 
_chem_comp.name 
_chem_comp.pdbx_synonyms 
_chem_comp.formula 
_chem_comp.formula_weight 
ALA 'L-peptide linking' y ALANINE              ? 'C3 H7 N O2'     89.093  
ARG 'L-peptide linking' y ARGININE             ? 'C6 H15 N4 O2 1' 175.209 
ASN 'L-peptide linking' y ASPARAGINE           ? 'C4 H8 N2 O3'    132.118 
ASP 'L-peptide linking' y 'ASPARTIC ACID'      ? 'C4 H7 N O4'     133.103 
CA  non-polymer         . 'CALCIUM ION'        ? 'Ca 2'           40.078  
CL  non-polymer         . 'CHLORIDE ION'       ? 'Cl -1'          35.453  
GLN 'L-peptide linking' y GLUTAMINE            ? 'C5 H10 N2 O3'   146.144 
GLU 'L-peptide linking' y 'GLUTAMIC ACID'      ? 'C5 H9 N O4'     147.129 
GLY 'peptide linking'   y GLYCINE              ? 'C2 H5 N O2'     75.067  
HIS 'L-peptide linking' y HISTIDINE            ? 'C6 H10 N3 O2 1' 156.162 
HOH non-polymer         . WATER                ? 'H2 O'           18.015  
ILE 'L-peptide linking' y ISOLEUCINE           ? 'C6 H13 N O2'    131.173 
LEU 'L-peptide linking' y LEUCINE              ? 'C6 H13 N O2'    131.173 
LYS 'L-peptide linking' y LYSINE               ? 'C6 H15 N2 O2 1' 147.195 
MET 'L-peptide linking' y METHIONINE           ? 'C5 H11 N O2 S'  149.211 
MN  non-polymer         . 'MANGANESE (II) ION' ? 'Mn 2'           54.938  
PHE 'L-peptide linking' y PHENYLALANINE        ? 'C9 H11 N O2'    165.189 
PRO 'L-peptide linking' y PROLINE              ? 'C5 H9 N O2'     115.130 
SER 'L-peptide linking' y SERINE               ? 'C3 H7 N O3'     105.093 
THR 'L-peptide linking' y THREONINE            ? 'C4 H9 N O3'     119.119 
TRP 'L-peptide linking' y TRYPTOPHAN           ? 'C11 H12 N2 O2'  204.225 
TYR 'L-peptide linking' y TYROSINE             ? 'C9 H11 N O3'    181.189 
VAL 'L-peptide linking' y VALINE               ? 'C5 H11 N O2'    117.146 
# 
loop_
_pdbx_poly_seq_scheme.asym_id 
_pdbx_poly_seq_scheme.entity_id 
_pdbx_poly_seq_scheme.seq_id 
_pdbx_poly_seq_scheme.mon_id 
_pdbx_poly_seq_scheme.ndb_seq_num 
_pdbx_poly_seq_scheme.pdb_seq_num 
_pdbx_poly_seq_scheme.auth_seq_num 
_pdbx_poly_seq_scheme.pdb_mon_id 
_pdbx_poly_seq_scheme.auth_mon_id 
_pdbx_poly_seq_scheme.pdb_strand_id 
_pdbx_poly_seq_scheme.pdb_ins_code 
_pdbx_poly_seq_scheme.hetero 
A 1 1   MET 1   -24 ?   ?   ?   A . n 
A 1 2   SER 2   -23 ?   ?   ?   A . n 
A 1 3   TYR 3   -22 ?   ?   ?   A . n 
A 1 4   TYR 4   -21 ?   ?   ?   A . n 
A 1 5   HIS 5   -20 ?   ?   ?   A . n 
A 1 6   HIS 6   -19 ?   ?   ?   A . n 
A 1 7   HIS 7   -18 ?   ?   ?   A . n 
A 1 8   HIS 8   -17 ?   ?   ?   A . n 
A 1 9   HIS 9   -16 ?   ?   ?   A . n 
A 1 10  HIS 10  -15 ?   ?   ?   A . n 
A 1 11  ASP 11  -14 ?   ?   ?   A . n 
A 1 12  TYR 12  -13 ?   ?   ?   A . n 
A 1 13  ASP 13  -12 ?   ?   ?   A . n 
A 1 14  ILE 14  -11 ?   ?   ?   A . n 
A 1 15  PRO 15  -10 ?   ?   ?   A . n 
A 1 16  THR 16  -9  ?   ?   ?   A . n 
A 1 17  THR 17  -8  ?   ?   ?   A . n 
A 1 18  GLU 18  -7  ?   ?   ?   A . n 
A 1 19  ASN 19  -6  ?   ?   ?   A . n 
A 1 20  LEU 20  -5  ?   ?   ?   A . n 
A 1 21  TYR 21  -4  ?   ?   ?   A . n 
A 1 22  PHE 22  -3  ?   ?   ?   A . n 
A 1 23  GLN 23  -2  ?   ?   ?   A . n 
A 1 24  GLY 24  -1  ?   ?   ?   A . n 
A 1 25  ALA 25  0   ?   ?   ?   A . n 
A 1 26  MET 26  1   1   MET MET A . n 
A 1 27  GLU 27  2   2   GLU GLU A . n 
A 1 28  LEU 28  3   3   LEU LEU A . n 
A 1 29  VAL 29  4   4   VAL VAL A . n 
A 1 30  VAL 30  5   5   VAL VAL A . n 
A 1 31  ASP 31  6   6   ASP ASP A . n 
A 1 32  ALA 32  7   7   ALA ALA A . n 
A 1 33  SER 33  8   8   SER SER A . n 
A 1 34  ALA 34  9   9   ALA ALA A . n 
A 1 35  ILE 35  10  10  ILE ILE A . n 
A 1 36  ALA 36  11  11  ALA ALA A . n 
A 1 37  ALA 37  12  12  ALA ALA A . n 
A 1 38  LEU 38  13  13  LEU LEU A . n 
A 1 39  TYR 39  14  14  TYR TYR A . n 
A 1 40  VAL 40  15  15  VAL VAL A . n 
A 1 41  PRO 41  16  16  PRO PRO A . n 
A 1 42  GLU 42  17  17  GLU GLU A . n 
A 1 43  GLU 43  18  18  GLU GLU A . n 
A 1 44  ARG 44  19  19  ARG ARG A . n 
A 1 45  SER 45  20  20  SER SER A . n 
A 1 46  GLU 46  21  21  GLU GLU A . n 
A 1 47  GLN 47  22  22  GLN GLN A . n 
A 1 48  ALA 48  23  23  ALA ALA A . n 
A 1 49  GLU 49  24  24  GLU GLU A . n 
A 1 50  ARG 50  25  25  ARG ARG A . n 
A 1 51  ALA 51  26  26  ALA ALA A . n 
A 1 52  VAL 52  27  27  VAL VAL A . n 
A 1 53  SER 53  28  28  SER SER A . n 
A 1 54  GLN 54  29  29  GLN GLN A . n 
A 1 55  ALA 55  30  30  ALA ALA A . n 
A 1 56  GLN 56  31  31  GLN GLN A . n 
A 1 57  GLU 57  32  32  GLU GLU A . n 
A 1 58  LEU 58  33  33  LEU LEU A . n 
A 1 59  HIS 59  34  34  HIS HIS A . n 
A 1 60  THR 60  35  35  THR THR A . n 
A 1 61  LEU 61  36  36  LEU LEU A . n 
A 1 62  ASP 62  37  37  ASP ASP A . n 
A 1 63  LEU 63  38  38  LEU LEU A . n 
A 1 64  ALA 64  39  39  ALA ALA A . n 
A 1 65  ALA 65  40  40  ALA ALA A . n 
A 1 66  TYR 66  41  41  TYR TYR A . n 
A 1 67  GLU 67  42  42  GLU GLU A . n 
A 1 68  VAL 68  43  43  VAL VAL A . n 
A 1 69  ALA 69  44  44  ALA ALA A . n 
A 1 70  ASN 70  45  45  ASN ASN A . n 
A 1 71  ASP 71  46  46  ASP ASP A . n 
A 1 72  LEU 72  47  47  LEU LEU A . n 
A 1 73  TRP 73  48  48  TRP TRP A . n 
A 1 74  LYS 74  49  49  LYS LYS A . n 
A 1 75  HIS 75  50  50  HIS HIS A . n 
A 1 76  ALA 76  51  51  ALA ALA A . n 
A 1 77  ARG 77  52  52  ARG ARG A . n 
A 1 78  ARG 78  53  53  ARG ARG A . n 
A 1 79  GLY 79  54  54  GLY GLY A . n 
A 1 80  LEU 80  55  55  LEU LEU A . n 
A 1 81  LEU 81  56  56  LEU LEU A . n 
A 1 82  ARG 82  57  57  ARG ARG A . n 
A 1 83  GLU 83  58  58  GLU GLU A . n 
A 1 84  ASP 84  59  59  ASP ASP A . n 
A 1 85  GLU 85  60  60  GLU GLU A . n 
A 1 86  ALA 86  61  61  ALA ALA A . n 
A 1 87  SER 87  62  62  SER SER A . n 
A 1 88  ASN 88  63  63  ASN ASN A . n 
A 1 89  MET 89  64  64  MET MET A . n 
A 1 90  LEU 90  65  65  LEU LEU A . n 
A 1 91  GLU 91  66  66  GLU GLU A . n 
A 1 92  GLU 92  67  67  GLU GLU A . n 
A 1 93  LEU 93  68  68  LEU LEU A . n 
A 1 94  TRP 94  69  69  TRP TRP A . n 
A 1 95  GLU 95  70  70  GLU GLU A . n 
A 1 96  PHE 96  71  71  PHE PHE A . n 
A 1 97  PHE 97  72  72  PHE PHE A . n 
A 1 98  LYS 98  73  73  LYS LYS A . n 
A 1 99  ALA 99  74  74  ALA ALA A . n 
A 1 100 LEU 100 75  75  LEU LEU A . n 
A 1 101 LYS 101 76  76  LYS LYS A . n 
A 1 102 VAL 102 77  77  VAL VAL A . n 
A 1 103 HIS 103 78  78  HIS HIS A . n 
A 1 104 SER 104 79  79  SER SER A . n 
A 1 105 TYR 105 80  80  TYR TYR A . n 
A 1 106 ALA 106 81  81  ALA ALA A . n 
A 1 107 GLU 107 82  82  GLU GLU A . n 
A 1 108 VAL 108 83  83  VAL VAL A . n 
A 1 109 LEU 109 84  84  LEU LEU A . n 
A 1 110 LYS 110 85  85  LYS LYS A . n 
A 1 111 ASP 111 86  86  ASP ASP A . n 
A 1 112 ALA 112 87  87  ALA ALA A . n 
A 1 113 PHE 113 88  88  PHE PHE A . n 
A 1 114 ALA 114 89  89  ALA ALA A . n 
A 1 115 LEU 115 90  90  LEU LEU A . n 
A 1 116 ALA 116 91  91  ALA ALA A . n 
A 1 117 LEU 117 92  92  LEU LEU A . n 
A 1 118 LYS 118 93  93  LYS LYS A . n 
A 1 119 HIS 119 94  94  HIS HIS A . n 
A 1 120 GLY 120 95  95  GLY GLY A . n 
A 1 121 VAL 121 96  96  VAL VAL A . n 
A 1 122 THR 122 97  97  THR THR A . n 
A 1 123 VAL 123 98  98  VAL VAL A . n 
A 1 124 TYR 124 99  99  TYR TYR A . n 
A 1 125 ASP 125 100 100 ASP ASP A . n 
A 1 126 ALA 126 101 101 ALA ALA A . n 
A 1 127 ALA 127 102 102 ALA ALA A . n 
A 1 128 TYR 128 103 103 TYR TYR A . n 
A 1 129 VAL 129 104 104 VAL VAL A . n 
A 1 130 ALA 130 105 105 ALA ALA A . n 
A 1 131 LEU 131 106 106 LEU LEU A . n 
A 1 132 ALA 132 107 107 ALA ALA A . n 
A 1 133 GLU 133 108 108 GLU GLU A . n 
A 1 134 LYS 134 109 109 LYS LYS A . n 
A 1 135 ILE 135 110 110 ILE ILE A . n 
A 1 136 GLY 136 111 111 GLY GLY A . n 
A 1 137 GLY 137 112 112 GLY GLY A . n 
A 1 138 LYS 138 113 113 LYS LYS A . n 
A 1 139 LEU 139 114 114 LEU LEU A . n 
A 1 140 LEU 140 115 115 LEU LEU A . n 
A 1 141 THR 141 116 116 THR THR A . n 
A 1 142 LEU 142 117 117 LEU LEU A . n 
A 1 143 ASP 143 118 118 ASP ASP A . n 
A 1 144 ARG 144 119 119 ARG ARG A . n 
A 1 145 GLN 145 120 120 GLN GLN A . n 
A 1 146 LEU 146 121 121 LEU LEU A . n 
A 1 147 ALA 147 122 122 ALA ALA A . n 
A 1 148 GLU 148 123 123 GLU GLU A . n 
A 1 149 LYS 149 124 124 LYS LYS A . n 
A 1 150 PHE 150 125 125 PHE PHE A . n 
A 1 151 PRO 151 126 126 PRO PRO A . n 
A 1 152 ALA 152 127 127 ALA ALA A . n 
A 1 153 LEU 153 128 128 LEU LEU A . n 
A 1 154 VAL 154 129 129 VAL VAL A . n 
A 1 155 THR 155 130 130 THR THR A . n 
A 1 156 PRO 156 131 ?   ?   ?   A . n 
# 
loop_
_pdbx_nonpoly_scheme.asym_id 
_pdbx_nonpoly_scheme.entity_id 
_pdbx_nonpoly_scheme.mon_id 
_pdbx_nonpoly_scheme.ndb_seq_num 
_pdbx_nonpoly_scheme.pdb_seq_num 
_pdbx_nonpoly_scheme.auth_seq_num 
_pdbx_nonpoly_scheme.pdb_mon_id 
_pdbx_nonpoly_scheme.auth_mon_id 
_pdbx_nonpoly_scheme.pdb_strand_id 
_pdbx_nonpoly_scheme.pdb_ins_code 
B 2 MN  1  132 101 MN  MN  A . 
C 3 CL  1  201 201 CL  CL  A . 
D 4 CA  1  301 301 CA  CA  A . 
E 5 HOH 1  302 1   HOH HOH A . 
E 5 HOH 2  303 2   HOH HOH A . 
E 5 HOH 3  304 3   HOH HOH A . 
E 5 HOH 4  305 4   HOH HOH A . 
E 5 HOH 5  306 5   HOH HOH A . 
E 5 HOH 6  307 6   HOH HOH A . 
E 5 HOH 7  308 7   HOH HOH A . 
E 5 HOH 8  309 8   HOH HOH A . 
E 5 HOH 9  310 9   HOH HOH A . 
E 5 HOH 10 311 10  HOH HOH A . 
E 5 HOH 11 312 11  HOH HOH A . 
E 5 HOH 12 313 12  HOH HOH A . 
E 5 HOH 13 314 13  HOH HOH A . 
E 5 HOH 14 315 14  HOH HOH A . 
E 5 HOH 15 316 15  HOH HOH A . 
E 5 HOH 16 317 16  HOH HOH A . 
E 5 HOH 17 318 17  HOH HOH A . 
E 5 HOH 18 319 18  HOH HOH A . 
E 5 HOH 19 320 19  HOH HOH A . 
E 5 HOH 20 321 20  HOH HOH A . 
E 5 HOH 21 322 21  HOH HOH A . 
E 5 HOH 22 323 22  HOH HOH A . 
E 5 HOH 23 324 23  HOH HOH A . 
E 5 HOH 24 325 24  HOH HOH A . 
E 5 HOH 25 326 25  HOH HOH A . 
E 5 HOH 26 327 26  HOH HOH A . 
E 5 HOH 27 328 27  HOH HOH A . 
E 5 HOH 28 329 28  HOH HOH A . 
E 5 HOH 29 330 29  HOH HOH A . 
E 5 HOH 30 331 30  HOH HOH A . 
E 5 HOH 31 332 31  HOH HOH A . 
E 5 HOH 32 333 32  HOH HOH A . 
E 5 HOH 33 334 33  HOH HOH A . 
E 5 HOH 34 335 34  HOH HOH A . 
E 5 HOH 35 336 35  HOH HOH A . 
E 5 HOH 36 337 36  HOH HOH A . 
E 5 HOH 37 338 37  HOH HOH A . 
E 5 HOH 38 339 38  HOH HOH A . 
E 5 HOH 39 340 39  HOH HOH A . 
E 5 HOH 40 341 40  HOH HOH A . 
E 5 HOH 41 342 41  HOH HOH A . 
E 5 HOH 42 343 42  HOH HOH A . 
E 5 HOH 43 344 43  HOH HOH A . 
E 5 HOH 44 345 44  HOH HOH A . 
E 5 HOH 45 346 45  HOH HOH A . 
E 5 HOH 46 347 46  HOH HOH A . 
E 5 HOH 47 348 47  HOH HOH A . 
E 5 HOH 48 349 48  HOH HOH A . 
E 5 HOH 49 350 49  HOH HOH A . 
E 5 HOH 50 351 50  HOH HOH A . 
E 5 HOH 51 352 51  HOH HOH A . 
E 5 HOH 52 353 52  HOH HOH A . 
E 5 HOH 53 354 53  HOH HOH A . 
E 5 HOH 54 355 54  HOH HOH A . 
E 5 HOH 55 356 55  HOH HOH A . 
E 5 HOH 56 357 56  HOH HOH A . 
E 5 HOH 57 358 57  HOH HOH A . 
E 5 HOH 58 359 58  HOH HOH A . 
E 5 HOH 59 360 59  HOH HOH A . 
E 5 HOH 60 361 60  HOH HOH A . 
E 5 HOH 61 362 61  HOH HOH A . 
E 5 HOH 62 363 62  HOH HOH A . 
E 5 HOH 63 364 63  HOH HOH A . 
E 5 HOH 64 365 64  HOH HOH A . 
E 5 HOH 65 366 65  HOH HOH A . 
E 5 HOH 66 367 66  HOH HOH A . 
E 5 HOH 67 368 67  HOH HOH A . 
E 5 HOH 68 369 68  HOH HOH A . 
E 5 HOH 69 370 69  HOH HOH A . 
E 5 HOH 70 371 70  HOH HOH A . 
E 5 HOH 71 372 71  HOH HOH A . 
E 5 HOH 72 373 72  HOH HOH A . 
E 5 HOH 73 374 73  HOH HOH A . 
E 5 HOH 74 375 74  HOH HOH A . 
E 5 HOH 75 376 75  HOH HOH A . 
E 5 HOH 76 377 76  HOH HOH A . 
E 5 HOH 77 378 77  HOH HOH A . 
E 5 HOH 78 379 78  HOH HOH A . 
E 5 HOH 79 380 79  HOH HOH A . 
E 5 HOH 80 381 80  HOH HOH A . 
# 
loop_
_pdbx_unobs_or_zero_occ_atoms.id 
_pdbx_unobs_or_zero_occ_atoms.PDB_model_num 
_pdbx_unobs_or_zero_occ_atoms.polymer_flag 
_pdbx_unobs_or_zero_occ_atoms.occupancy_flag 
_pdbx_unobs_or_zero_occ_atoms.auth_asym_id 
_pdbx_unobs_or_zero_occ_atoms.auth_comp_id 
_pdbx_unobs_or_zero_occ_atoms.auth_seq_id 
_pdbx_unobs_or_zero_occ_atoms.PDB_ins_code 
_pdbx_unobs_or_zero_occ_atoms.auth_atom_id 
_pdbx_unobs_or_zero_occ_atoms.label_alt_id 
_pdbx_unobs_or_zero_occ_atoms.label_asym_id 
_pdbx_unobs_or_zero_occ_atoms.label_comp_id 
_pdbx_unobs_or_zero_occ_atoms.label_seq_id 
_pdbx_unobs_or_zero_occ_atoms.label_atom_id 
1  1 Y 1 A GLU 18  ? CG  ? A GLU 43  CG  
2  1 Y 1 A GLU 18  ? CD  ? A GLU 43  CD  
3  1 Y 1 A GLU 18  ? OE1 ? A GLU 43  OE1 
4  1 Y 1 A GLU 18  ? OE2 ? A GLU 43  OE2 
5  1 Y 1 A GLU 21  ? CG  ? A GLU 46  CG  
6  1 Y 1 A GLU 21  ? CD  ? A GLU 46  CD  
7  1 Y 1 A GLU 21  ? OE1 ? A GLU 46  OE1 
8  1 Y 1 A GLU 21  ? OE2 ? A GLU 46  OE2 
9  1 Y 1 A GLN 22  ? CD  ? A GLN 47  CD  
10 1 Y 1 A GLN 22  ? OE1 ? A GLN 47  OE1 
11 1 Y 1 A GLN 22  ? NE2 ? A GLN 47  NE2 
12 1 Y 1 A ARG 25  ? CG  ? A ARG 50  CG  
13 1 Y 1 A ARG 25  ? CD  ? A ARG 50  CD  
14 1 Y 1 A ARG 25  ? NE  ? A ARG 50  NE  
15 1 Y 1 A ARG 25  ? CZ  ? A ARG 50  CZ  
16 1 Y 1 A ARG 25  ? NH1 ? A ARG 50  NH1 
17 1 Y 1 A ARG 25  ? NH2 ? A ARG 50  NH2 
18 1 Y 1 A ARG 119 ? CG  ? A ARG 144 CG  
19 1 Y 1 A ARG 119 ? CD  ? A ARG 144 CD  
20 1 Y 1 A ARG 119 ? NE  ? A ARG 144 NE  
21 1 Y 1 A ARG 119 ? CZ  ? A ARG 144 CZ  
22 1 Y 1 A ARG 119 ? NH1 ? A ARG 144 NH1 
23 1 Y 1 A ARG 119 ? NH2 ? A ARG 144 NH2 
24 1 Y 1 A GLN 120 ? CG  ? A GLN 145 CG  
25 1 Y 1 A GLN 120 ? CD  ? A GLN 145 CD  
26 1 Y 1 A GLN 120 ? OE1 ? A GLN 145 OE1 
27 1 Y 1 A GLN 120 ? NE2 ? A GLN 145 NE2 
# 
loop_
_software.name 
_software.version 
_software.date 
_software.type 
_software.contact_author 
_software.contact_author_email 
_software.classification 
_software.location 
_software.language 
_software.citation_id 
_software.pdbx_ordinal 
SCALA       .         ?               program 'Phil Evans'      pre@mrc-lmb.cam.ac.uk    'data scaling'    
http://www.ccp4.ac.uk/dist/html/INDEX.html Fortran ? 1 
REFMAC      .         ?               program 'Murshudov, G.N.' ccp4@dl.ac.uk            refinement        
http://www.ccp4.ac.uk/main.html            Fortran ? 2 
PDB_EXTRACT 1.701     'OCT. 28, 2005' package PDB               sw-help@rcsb.rutgers.edu 'data extraction' 
http://pdb.rutgers.edu/software/           C++     ? 3 
MOSFLM      .         ?               ?       ?                 ?                        'data reduction'  ? ?       ? 4 
CCP4        '(SCALA)' ?               ?       ?                 ?                        'data scaling'    ? ?       ? 5 
PHASER      .         ?               ?       ?                 ?                        phasing           ? ?       ? 6 
# 
_cell.length_a           72.343 
_cell.length_b           72.343 
_cell.length_c           96.803 
_cell.angle_alpha        90.00 
_cell.angle_beta         90.00 
_cell.angle_gamma        120.00 
_cell.entry_id           2FE1 
_cell.pdbx_unique_axis   ? 
_cell.Z_PDB              12 
# 
_symmetry.space_group_name_H-M             'P 61 2 2' 
_symmetry.entry_id                         2FE1 
_symmetry.pdbx_full_space_group_name_H-M   ? 
_symmetry.Int_Tables_number                178 
_symmetry.cell_setting                     ? 
_symmetry.space_group_name_Hall            ? 
# 
_exptl.entry_id          2FE1 
_exptl.crystals_number   1 
_exptl.method            'X-RAY DIFFRACTION' 
# 
_exptl_crystal.id                    1 
_exptl_crystal.density_Matthews      2.06 
_exptl_crystal.density_meas          ? 
_exptl_crystal.density_percent_sol   40.29 
_exptl_crystal.description           ? 
_exptl_crystal.F_000                 ? 
_exptl_crystal.preparation           ? 
# 
_exptl_crystal_grow.crystal_id      1 
_exptl_crystal_grow.method          'VAPOR DIFFUSION, SITTING DROP' 
_exptl_crystal_grow.pH              7.0 
_exptl_crystal_grow.temp            291 
_exptl_crystal_grow.temp_details    ? 
_exptl_crystal_grow.pdbx_details    
;20% w/v PEG 3350, 0.2 M calcium chloride, 0.1 M HEPES, pH 7.0, VAPOR DIFFUSION, SITTING DROP, temperature 291K.  Crystal soaked in crystallization medium supplemented with 5 mM MnCl2 for 24 hours prior to data collection.
;
_exptl_crystal_grow.pdbx_pH_range   . 
# 
_diffrn.id                     1 
_diffrn.ambient_temp           100 
_diffrn.ambient_temp_details   ? 
_diffrn.crystal_id             1 
# 
_diffrn_detector.diffrn_id              1 
_diffrn_detector.detector               CCD 
_diffrn_detector.type                   'ADSC QUANTUM 210' 
_diffrn_detector.pdbx_collection_date   2005-09-25 
_diffrn_detector.details                'cylindrical grazing incidence mirror' 
# 
_diffrn_radiation.diffrn_id                        1 
_diffrn_radiation.wavelength_id                    1 
_diffrn_radiation.pdbx_diffrn_protocol             'SINGLE WAVELENGTH' 
_diffrn_radiation.monochromator                    'Si 111 CHANNEL' 
_diffrn_radiation.pdbx_monochromatic_or_laue_m_l   M 
_diffrn_radiation.pdbx_scattering_type             x-ray 
# 
_diffrn_radiation_wavelength.id           1 
_diffrn_radiation_wavelength.wavelength   1.7712 
_diffrn_radiation_wavelength.wt           1.0 
# 
_diffrn_source.diffrn_id                   1 
_diffrn_source.source                      SYNCHROTRON 
_diffrn_source.type                        'ESRF BEAMLINE ID29' 
_diffrn_source.pdbx_wavelength             ? 
_diffrn_source.pdbx_wavelength_list        1.7712 
_diffrn_source.pdbx_synchrotron_site       ESRF 
_diffrn_source.pdbx_synchrotron_beamline   ID29 
# 
_reflns.entry_id                     2FE1 
_reflns.d_resolution_low             62.65 
_reflns.d_resolution_high            2.2 
_reflns.number_obs                   7979 
_reflns.percent_possible_obs         98.800 
_reflns.pdbx_Rmerge_I_obs            0.053 
_reflns.pdbx_chi_squared             ? 
_reflns.pdbx_redundancy              17.800 
_reflns.pdbx_scaling_rejects         ? 
_reflns.pdbx_netI_over_sigmaI        38.0 
_reflns.pdbx_Rsym_value              0.053 
_reflns.observed_criterion_sigma_F   2.0 
_reflns.observed_criterion_sigma_I   2.0 
_reflns.number_all                   7979 
_reflns.B_iso_Wilson_estimate        29.33 
_reflns.R_free_details               ? 
_reflns.limit_h_max                  ? 
_reflns.limit_h_min                  ? 
_reflns.limit_k_max                  ? 
_reflns.limit_k_min                  ? 
_reflns.limit_l_max                  ? 
_reflns.limit_l_min                  ? 
_reflns.observed_criterion_F_max     ? 
_reflns.observed_criterion_F_min     ? 
_reflns.pdbx_ordinal                 1 
_reflns.pdbx_diffrn_id               1 
# 
_reflns_shell.d_res_low              2.32 
_reflns_shell.d_res_high             2.20 
_reflns_shell.number_unique_all      1027 
_reflns_shell.percent_possible_all   92.000 
_reflns_shell.Rmerge_I_obs           0.18 
_reflns_shell.pdbx_chi_squared       ? 
_reflns_shell.pdbx_redundancy        10.800 
_reflns_shell.number_unique_obs      ? 
_reflns_shell.meanI_over_sigI_obs    7.000 
_reflns_shell.pdbx_Rsym_value        0.184 
_reflns_shell.percent_possible_obs   ? 
_reflns_shell.number_measured_all    ? 
_reflns_shell.number_measured_obs    ? 
_reflns_shell.pdbx_ordinal           1 
_reflns_shell.pdbx_diffrn_id         1 
# 
_refine.ls_d_res_high                            2.200 
_refine.ls_d_res_low                             52.630 
_refine.pdbx_ls_sigma_F                          0.00 
_refine.ls_percent_reflns_obs                    98.480 
_refine.ls_number_reflns_obs                     7949 
_refine.pdbx_ls_cross_valid_method               THROUGHOUT 
_refine.pdbx_R_Free_selection_details            RANDOM 
_refine.details                                  'HYDROGENS HAVE BEEN ADDED IN THE RIDING POSITIONS' 
_refine.ls_R_factor_all                          0.179 
_refine.ls_R_factor_R_work                       0.174 
_refine.ls_R_factor_R_free                       0.229 
_refine.ls_percent_reflns_R_free                 10.000 
_refine.ls_number_reflns_R_free                  795 
_refine.B_iso_mean                               23.700 
_refine.aniso_B[1][1]                            0.330 
_refine.aniso_B[2][2]                            0.330 
_refine.aniso_B[3][3]                            -0.500 
_refine.aniso_B[1][2]                            0.170 
_refine.aniso_B[1][3]                            0.000 
_refine.aniso_B[2][3]                            0.000 
_refine.correlation_coeff_Fo_to_Fc               0.950 
_refine.correlation_coeff_Fo_to_Fc_free          0.911 
_refine.pdbx_overall_ESU_R                       0.246 
_refine.pdbx_overall_ESU_R_Free                  0.204 
_refine.overall_SU_ML                            0.118 
_refine.overall_SU_B                             8.936 
_refine.solvent_model_details                    'BABINET MODEL WITH MASK' 
_refine.pdbx_solvent_vdw_probe_radii             1.200 
_refine.pdbx_solvent_ion_probe_radii             0.800 
_refine.pdbx_solvent_shrinkage_radii             0.800 
_refine.pdbx_stereochemistry_target_values       'MAXIMUM LIKELIHOOD' 
_refine.entry_id                                 2FE1 
_refine.pdbx_ls_sigma_I                          ? 
_refine.ls_number_reflns_all                     7979 
_refine.ls_R_factor_obs                          0.179 
_refine.ls_redundancy_reflns_obs                 ? 
_refine.pdbx_data_cutoff_high_absF               ? 
_refine.pdbx_data_cutoff_low_absF                ? 
_refine.ls_number_parameters                     ? 
_refine.ls_number_restraints                     ? 
_refine.ls_R_factor_R_free_error                 ? 
_refine.ls_R_factor_R_free_error_details         ? 
_refine.pdbx_method_to_determine_struct          'MOLECULAR REPLACEMENT' 
_refine.pdbx_starting_model                      ? 
_refine.pdbx_stereochem_target_val_spec_case     ? 
_refine.solvent_model_param_bsol                 ? 
_refine.solvent_model_param_ksol                 ? 
_refine.occupancy_max                            ? 
_refine.occupancy_min                            ? 
_refine.pdbx_isotropic_thermal_model             TLS 
_refine.B_iso_min                                ? 
_refine.B_iso_max                                ? 
_refine.overall_SU_R_Cruickshank_DPI             ? 
_refine.overall_SU_R_free                        ? 
_refine.pdbx_data_cutoff_high_rms_absF           ? 
_refine.ls_wR_factor_R_free                      ? 
_refine.ls_wR_factor_R_work                      ? 
_refine.overall_FOM_free_R_set                   ? 
_refine.overall_FOM_work_R_set                   ? 
_refine.pdbx_refine_id                           'X-RAY DIFFRACTION' 
_refine.pdbx_TLS_residual_ADP_flag               'LIKELY RESIDUAL' 
_refine.pdbx_diffrn_id                           1 
_refine.pdbx_overall_phase_error                 ? 
_refine.pdbx_overall_SU_R_free_Cruickshank_DPI   ? 
_refine.pdbx_overall_SU_R_Blow_DPI               ? 
_refine.pdbx_overall_SU_R_free_Blow_DPI          ? 
# 
_refine_hist.pdbx_refine_id                   'X-RAY DIFFRACTION' 
_refine_hist.cycle_id                         LAST 
_refine_hist.pdbx_number_atoms_protein        998 
_refine_hist.pdbx_number_atoms_nucleic_acid   0 
_refine_hist.pdbx_number_atoms_ligand         3 
_refine_hist.number_atoms_solvent             80 
_refine_hist.number_atoms_total               1081 
_refine_hist.d_res_high                       2.200 
_refine_hist.d_res_low                        52.630 
# 
loop_
_refine_ls_restr.type 
_refine_ls_restr.number 
_refine_ls_restr.dev_ideal 
_refine_ls_restr.dev_ideal_target 
_refine_ls_restr.weight 
_refine_ls_restr.pdbx_refine_id 
_refine_ls_restr.pdbx_restraint_function 
r_bond_refined_d         1017 0.017  0.022  ? 'X-RAY DIFFRACTION' ? 
r_angle_refined_deg      1380 1.352  1.969  ? 'X-RAY DIFFRACTION' ? 
r_dihedral_angle_1_deg   129  5.362  5.000  ? 'X-RAY DIFFRACTION' ? 
r_dihedral_angle_2_deg   43   30.747 24.651 ? 'X-RAY DIFFRACTION' ? 
r_dihedral_angle_3_deg   169  13.480 15.000 ? 'X-RAY DIFFRACTION' ? 
r_dihedral_angle_4_deg   4    20.403 15.000 ? 'X-RAY DIFFRACTION' ? 
r_chiral_restr           163  0.097  0.200  ? 'X-RAY DIFFRACTION' ? 
r_gen_planes_refined     752  0.006  0.020  ? 'X-RAY DIFFRACTION' ? 
r_nbd_refined            425  0.207  0.200  ? 'X-RAY DIFFRACTION' ? 
r_nbtor_refined          706  0.297  0.200  ? 'X-RAY DIFFRACTION' ? 
r_xyhbond_nbd_refined    62   0.157  0.200  ? 'X-RAY DIFFRACTION' ? 
r_symmetry_vdw_refined   35   0.191  0.200  ? 'X-RAY DIFFRACTION' ? 
r_symmetry_hbond_refined 11   0.145  0.200  ? 'X-RAY DIFFRACTION' ? 
r_mcbond_it              675  0.980  1.500  ? 'X-RAY DIFFRACTION' ? 
r_mcangle_it             1020 1.486  2.000  ? 'X-RAY DIFFRACTION' ? 
r_scbond_it              406  2.525  3.000  ? 'X-RAY DIFFRACTION' ? 
r_scangle_it             360  3.891  4.500  ? 'X-RAY DIFFRACTION' ? 
# 
_refine_ls_shell.d_res_high                       2.200 
_refine_ls_shell.d_res_low                        2.257 
_refine_ls_shell.pdbx_total_number_of_bins_used   20 
_refine_ls_shell.percent_reflns_obs               85.990 
_refine_ls_shell.number_reflns_R_work             446 
_refine_ls_shell.R_factor_all                     ? 
_refine_ls_shell.R_factor_R_work                  0.175 
_refine_ls_shell.R_factor_R_free                  0.239 
_refine_ls_shell.percent_reflns_R_free            ? 
_refine_ls_shell.number_reflns_R_free             45 
_refine_ls_shell.R_factor_R_free_error            ? 
_refine_ls_shell.number_reflns_all                ? 
_refine_ls_shell.number_reflns_obs                491 
_refine_ls_shell.redundancy_reflns_obs            ? 
_refine_ls_shell.pdbx_refine_id                   'X-RAY DIFFRACTION' 
# 
_struct.entry_id                  2FE1 
_struct.title                     'Crystal Structure of PAE0151 from Pyrobaculum aerophilum' 
_struct.pdbx_model_details        ? 
_struct.pdbx_CASP_flag            ? 
_struct.pdbx_model_type_details   ? 
# 
_struct_keywords.entry_id        2FE1 
_struct_keywords.pdbx_keywords   'STRUCTURAL GENOMICS, UNKNOWN FUNCTION' 
_struct_keywords.text            'PIN DOMAIN, STRUCTURAL GENOMICS, UNKNOWN FUNCTION' 
# 
loop_
_struct_asym.id 
_struct_asym.pdbx_blank_PDB_chainid_flag 
_struct_asym.pdbx_modified 
_struct_asym.entity_id 
_struct_asym.details 
A N N 1 ? 
B N N 2 ? 
C N N 3 ? 
D N N 4 ? 
E N N 5 ? 
# 
_struct_ref.id                         1 
_struct_ref.db_name                    UNP 
_struct_ref.db_code                    Q8ZZP3_PYRAE 
_struct_ref.pdbx_db_accession          Q8ZZP3 
_struct_ref.entity_id                  1 
_struct_ref.pdbx_seq_one_letter_code   
;MKLVVDASAIAALYVPEERSEQAERAVSQAQELHTLDLAAYEVANDLWKHARRGLLREDEASNMLEELWEFFKALKVHSY
AEVLKDAFALALKHGVTVYDAAYVALAEKIGGKLLTLDRQLAEKFPALVTP
;
_struct_ref.pdbx_align_begin           1 
_struct_ref.pdbx_db_isoform            ? 
# 
_struct_ref_seq.align_id                      1 
_struct_ref_seq.ref_id                        1 
_struct_ref_seq.pdbx_PDB_id_code              2FE1 
_struct_ref_seq.pdbx_strand_id                A 
_struct_ref_seq.seq_align_beg                 26 
_struct_ref_seq.pdbx_seq_align_beg_ins_code   ? 
_struct_ref_seq.seq_align_end                 156 
_struct_ref_seq.pdbx_seq_align_end_ins_code   ? 
_struct_ref_seq.pdbx_db_accession             Q8ZZP3 
_struct_ref_seq.db_align_beg                  1 
_struct_ref_seq.pdbx_db_align_beg_ins_code    ? 
_struct_ref_seq.db_align_end                  131 
_struct_ref_seq.pdbx_db_align_end_ins_code    ? 
_struct_ref_seq.pdbx_auth_seq_align_beg       1 
_struct_ref_seq.pdbx_auth_seq_align_end       131 
# 
loop_
_struct_ref_seq_dif.align_id 
_struct_ref_seq_dif.pdbx_pdb_id_code 
_struct_ref_seq_dif.mon_id 
_struct_ref_seq_dif.pdbx_pdb_strand_id 
_struct_ref_seq_dif.seq_num 
_struct_ref_seq_dif.pdbx_pdb_ins_code 
_struct_ref_seq_dif.pdbx_seq_db_name 
_struct_ref_seq_dif.pdbx_seq_db_accession_code 
_struct_ref_seq_dif.db_mon_id 
_struct_ref_seq_dif.pdbx_seq_db_seq_num 
_struct_ref_seq_dif.details 
_struct_ref_seq_dif.pdbx_auth_seq_num 
_struct_ref_seq_dif.pdbx_ordinal 
1 2FE1 MET A 1  ? UNP Q8ZZP3 ?   ? 'cloning artifact'    -24 1  
1 2FE1 SER A 2  ? UNP Q8ZZP3 ?   ? 'cloning artifact'    -23 2  
1 2FE1 TYR A 3  ? UNP Q8ZZP3 ?   ? 'cloning artifact'    -22 3  
1 2FE1 TYR A 4  ? UNP Q8ZZP3 ?   ? 'cloning artifact'    -21 4  
1 2FE1 HIS A 5  ? UNP Q8ZZP3 ?   ? 'cloning artifact'    -20 5  
1 2FE1 HIS A 6  ? UNP Q8ZZP3 ?   ? 'cloning artifact'    -19 6  
1 2FE1 HIS A 7  ? UNP Q8ZZP3 ?   ? 'cloning artifact'    -18 7  
1 2FE1 HIS A 8  ? UNP Q8ZZP3 ?   ? 'cloning artifact'    -17 8  
1 2FE1 HIS A 9  ? UNP Q8ZZP3 ?   ? 'cloning artifact'    -16 9  
1 2FE1 HIS A 10 ? UNP Q8ZZP3 ?   ? 'cloning artifact'    -15 10 
1 2FE1 ASP A 11 ? UNP Q8ZZP3 ?   ? 'cloning artifact'    -14 11 
1 2FE1 TYR A 12 ? UNP Q8ZZP3 ?   ? 'cloning artifact'    -13 12 
1 2FE1 ASP A 13 ? UNP Q8ZZP3 ?   ? 'cloning artifact'    -12 13 
1 2FE1 ILE A 14 ? UNP Q8ZZP3 ?   ? 'cloning artifact'    -11 14 
1 2FE1 PRO A 15 ? UNP Q8ZZP3 ?   ? 'cloning artifact'    -10 15 
1 2FE1 THR A 16 ? UNP Q8ZZP3 ?   ? 'cloning artifact'    -9  16 
1 2FE1 THR A 17 ? UNP Q8ZZP3 ?   ? 'cloning artifact'    -8  17 
1 2FE1 GLU A 18 ? UNP Q8ZZP3 ?   ? 'cloning artifact'    -7  18 
1 2FE1 ASN A 19 ? UNP Q8ZZP3 ?   ? 'cloning artifact'    -6  19 
1 2FE1 LEU A 20 ? UNP Q8ZZP3 ?   ? 'cloning artifact'    -5  20 
1 2FE1 TYR A 21 ? UNP Q8ZZP3 ?   ? 'cloning artifact'    -4  21 
1 2FE1 PHE A 22 ? UNP Q8ZZP3 ?   ? 'cloning artifact'    -3  22 
1 2FE1 GLN A 23 ? UNP Q8ZZP3 ?   ? 'cloning artifact'    -2  23 
1 2FE1 GLY A 24 ? UNP Q8ZZP3 ?   ? 'cloning artifact'    -1  24 
1 2FE1 ALA A 25 ? UNP Q8ZZP3 ?   ? 'cloning artifact'    0   25 
1 2FE1 GLU A 27 ? UNP Q8ZZP3 LYS 2 'engineered mutation' 2   26 
# 
_pdbx_struct_assembly.id                   1 
_pdbx_struct_assembly.details              author_and_software_defined_assembly 
_pdbx_struct_assembly.method_details       PISA,PQS 
_pdbx_struct_assembly.oligomeric_details   dimeric 
_pdbx_struct_assembly.oligomeric_count     2 
# 
loop_
_pdbx_struct_assembly_prop.biol_id 
_pdbx_struct_assembly_prop.type 
_pdbx_struct_assembly_prop.value 
_pdbx_struct_assembly_prop.details 
1 'ABSA (A^2)' 3700  ? 
1 MORE         -53   ? 
1 'SSA (A^2)'  12280 ? 
# 
_pdbx_struct_assembly_gen.assembly_id       1 
_pdbx_struct_assembly_gen.oper_expression   1,2 
_pdbx_struct_assembly_gen.asym_id_list      A,B,C,D,E 
# 
loop_
_pdbx_struct_oper_list.id 
_pdbx_struct_oper_list.type 
_pdbx_struct_oper_list.name 
_pdbx_struct_oper_list.symmetry_operation 
_pdbx_struct_oper_list.matrix[1][1] 
_pdbx_struct_oper_list.matrix[1][2] 
_pdbx_struct_oper_list.matrix[1][3] 
_pdbx_struct_oper_list.vector[1] 
_pdbx_struct_oper_list.matrix[2][1] 
_pdbx_struct_oper_list.matrix[2][2] 
_pdbx_struct_oper_list.matrix[2][3] 
_pdbx_struct_oper_list.vector[2] 
_pdbx_struct_oper_list.matrix[3][1] 
_pdbx_struct_oper_list.matrix[3][2] 
_pdbx_struct_oper_list.matrix[3][3] 
_pdbx_struct_oper_list.vector[3] 
1 'identity operation'         1_555  x,y,z           1.0000000000  0.0000000000  0.0000000000  0.0000000000   0.0000000000  1.0000000000  0.0000000000 0.0000000000   0.0000000000  0.0000000000 1.0000000000 0.0000000000  
2 'crystal symmetry operation' 11_655 -x+y+1,y,-z+1/2 -0.8368632802 -0.2501893932 -0.4868933330 -20.7058275524 -0.2501893932 -0.6163050688 0.7467083298 -10.0179189349 -0.4868933330 0.7467083298 0.4531683490 -1.7899274203 
# 
_struct_biol.id                    1 
_struct_biol.details               
;The second part of the biological assembly is generated 
by the two fold axis:  -x+y, y, -z+1/2.
;
_struct_biol.pdbx_parent_biol_id   ? 
# 
loop_
_struct_conf.conf_type_id 
_struct_conf.id 
_struct_conf.pdbx_PDB_helix_id 
_struct_conf.beg_label_comp_id 
_struct_conf.beg_label_asym_id 
_struct_conf.beg_label_seq_id 
_struct_conf.pdbx_beg_PDB_ins_code 
_struct_conf.end_label_comp_id 
_struct_conf.end_label_asym_id 
_struct_conf.end_label_seq_id 
_struct_conf.pdbx_end_PDB_ins_code 
_struct_conf.beg_auth_comp_id 
_struct_conf.beg_auth_asym_id 
_struct_conf.beg_auth_seq_id 
_struct_conf.end_auth_comp_id 
_struct_conf.end_auth_asym_id 
_struct_conf.end_auth_seq_id 
_struct_conf.pdbx_PDB_helix_class 
_struct_conf.details 
_struct_conf.pdbx_PDB_helix_length 
HELX_P HELX_P1 1 ASP A 31  ? ALA A 37  ? ASP A 6   ALA A 12  1 ? 7  
HELX_P HELX_P2 2 SER A 45  ? ALA A 55  ? SER A 20  ALA A 30  1 ? 11 
HELX_P HELX_P3 3 ASP A 62  ? ARG A 78  ? ASP A 37  ARG A 53  1 ? 17 
HELX_P HELX_P4 4 ARG A 82  ? LYS A 98  ? ARG A 57  LYS A 73  1 ? 17 
HELX_P HELX_P5 5 SER A 104 ? GLU A 107 ? SER A 79  GLU A 82  5 ? 4  
HELX_P HELX_P6 6 VAL A 108 ? GLY A 120 ? VAL A 83  GLY A 95  1 ? 13 
HELX_P HELX_P7 7 THR A 122 ? GLY A 136 ? THR A 97  GLY A 111 1 ? 15 
HELX_P HELX_P8 8 ASP A 143 ? PHE A 150 ? ASP A 118 PHE A 125 1 ? 8  
# 
_struct_conf_type.id          HELX_P 
_struct_conf_type.criteria    ? 
_struct_conf_type.reference   ? 
# 
loop_
_struct_conn.id 
_struct_conn.conn_type_id 
_struct_conn.pdbx_leaving_atom_flag 
_struct_conn.pdbx_PDB_id 
_struct_conn.ptnr1_label_asym_id 
_struct_conn.ptnr1_label_comp_id 
_struct_conn.ptnr1_label_seq_id 
_struct_conn.ptnr1_label_atom_id 
_struct_conn.pdbx_ptnr1_label_alt_id 
_struct_conn.pdbx_ptnr1_PDB_ins_code 
_struct_conn.pdbx_ptnr1_standard_comp_id 
_struct_conn.ptnr1_symmetry 
_struct_conn.ptnr2_label_asym_id 
_struct_conn.ptnr2_label_comp_id 
_struct_conn.ptnr2_label_seq_id 
_struct_conn.ptnr2_label_atom_id 
_struct_conn.pdbx_ptnr2_label_alt_id 
_struct_conn.pdbx_ptnr2_PDB_ins_code 
_struct_conn.ptnr1_auth_asym_id 
_struct_conn.ptnr1_auth_comp_id 
_struct_conn.ptnr1_auth_seq_id 
_struct_conn.ptnr2_auth_asym_id 
_struct_conn.ptnr2_auth_comp_id 
_struct_conn.ptnr2_auth_seq_id 
_struct_conn.ptnr2_symmetry 
_struct_conn.pdbx_ptnr3_label_atom_id 
_struct_conn.pdbx_ptnr3_label_seq_id 
_struct_conn.pdbx_ptnr3_label_comp_id 
_struct_conn.pdbx_ptnr3_label_asym_id 
_struct_conn.pdbx_ptnr3_label_alt_id 
_struct_conn.pdbx_ptnr3_PDB_ins_code 
_struct_conn.details 
_struct_conn.pdbx_dist_value 
_struct_conn.pdbx_value_order 
_struct_conn.pdbx_role 
metalc1  metalc ? ? A ASP 111 OD1 ? ? ? 1_555  D CA  . CA ? ? A ASP 86  A CA  301 1_555  ? ? ? ? ? ? ? 2.599 ? ? 
metalc2  metalc ? ? A ASP 111 OD2 ? ? ? 1_555  D CA  . CA ? ? A ASP 86  A CA  301 1_555  ? ? ? ? ? ? ? 2.811 ? ? 
metalc3  metalc ? ? A ASP 111 OD2 ? ? ? 12_555 D CA  . CA ? ? A ASP 86  A CA  301 1_555  ? ? ? ? ? ? ? 2.807 ? ? 
metalc4  metalc ? ? A ASP 111 OD1 ? ? ? 12_555 D CA  . CA ? ? A ASP 86  A CA  301 1_555  ? ? ? ? ? ? ? 2.595 ? ? 
metalc5  metalc ? ? A ASP 143 OD2 ? ? ? 1_555  B MN  . MN ? ? A ASP 118 A MN  132 1_555  ? ? ? ? ? ? ? 2.244 ? ? 
metalc6  metalc ? ? B MN  .   MN  ? ? ? 1_555  E HOH . O  ? ? A MN  132 A HOH 323 1_555  ? ? ? ? ? ? ? 2.363 ? ? 
metalc7  metalc ? ? B MN  .   MN  ? ? ? 1_555  E HOH . O  ? ? A MN  132 A HOH 370 1_555  ? ? ? ? ? ? ? 2.526 ? ? 
metalc8  metalc ? ? D CA  .   CA  ? ? ? 1_555  E HOH . O  ? ? A CA  301 A HOH 380 1_555  ? ? ? ? ? ? ? 2.398 ? ? 
metalc9  metalc ? ? D CA  .   CA  ? ? ? 1_555  E HOH . O  ? ? A CA  301 A HOH 380 12_555 ? ? ? ? ? ? ? 2.397 ? ? 
metalc10 metalc ? ? D CA  .   CA  ? ? ? 1_555  E HOH . O  ? ? A CA  301 A HOH 381 1_555  ? ? ? ? ? ? ? 2.431 ? ? 
metalc11 metalc ? ? D CA  .   CA  ? ? ? 1_555  E HOH . O  ? ? A CA  301 A HOH 381 12_555 ? ? ? ? ? ? ? 2.459 ? ? 
# 
_struct_conn_type.id          metalc 
_struct_conn_type.criteria    ? 
_struct_conn_type.reference   ? 
# 
loop_
_pdbx_struct_conn_angle.id 
_pdbx_struct_conn_angle.ptnr1_label_atom_id 
_pdbx_struct_conn_angle.ptnr1_label_alt_id 
_pdbx_struct_conn_angle.ptnr1_label_asym_id 
_pdbx_struct_conn_angle.ptnr1_label_comp_id 
_pdbx_struct_conn_angle.ptnr1_label_seq_id 
_pdbx_struct_conn_angle.ptnr1_auth_atom_id 
_pdbx_struct_conn_angle.ptnr1_auth_asym_id 
_pdbx_struct_conn_angle.ptnr1_auth_comp_id 
_pdbx_struct_conn_angle.ptnr1_auth_seq_id 
_pdbx_struct_conn_angle.ptnr1_PDB_ins_code 
_pdbx_struct_conn_angle.ptnr1_symmetry 
_pdbx_struct_conn_angle.ptnr2_label_atom_id 
_pdbx_struct_conn_angle.ptnr2_label_alt_id 
_pdbx_struct_conn_angle.ptnr2_label_asym_id 
_pdbx_struct_conn_angle.ptnr2_label_comp_id 
_pdbx_struct_conn_angle.ptnr2_label_seq_id 
_pdbx_struct_conn_angle.ptnr2_auth_atom_id 
_pdbx_struct_conn_angle.ptnr2_auth_asym_id 
_pdbx_struct_conn_angle.ptnr2_auth_comp_id 
_pdbx_struct_conn_angle.ptnr2_auth_seq_id 
_pdbx_struct_conn_angle.ptnr2_PDB_ins_code 
_pdbx_struct_conn_angle.ptnr2_symmetry 
_pdbx_struct_conn_angle.ptnr3_label_atom_id 
_pdbx_struct_conn_angle.ptnr3_label_alt_id 
_pdbx_struct_conn_angle.ptnr3_label_asym_id 
_pdbx_struct_conn_angle.ptnr3_label_comp_id 
_pdbx_struct_conn_angle.ptnr3_label_seq_id 
_pdbx_struct_conn_angle.ptnr3_auth_atom_id 
_pdbx_struct_conn_angle.ptnr3_auth_asym_id 
_pdbx_struct_conn_angle.ptnr3_auth_comp_id 
_pdbx_struct_conn_angle.ptnr3_auth_seq_id 
_pdbx_struct_conn_angle.ptnr3_PDB_ins_code 
_pdbx_struct_conn_angle.ptnr3_symmetry 
_pdbx_struct_conn_angle.value 
_pdbx_struct_conn_angle.value_esd 
1  OD1 ? A ASP 111 ? A ASP 86  ? 1_555  CA ? D CA . ? A CA 301 ? 1_555 OD2 ? A ASP 111 ? A ASP 86  ? 1_555  48.0  ? 
2  OD1 ? A ASP 111 ? A ASP 86  ? 1_555  CA ? D CA . ? A CA 301 ? 1_555 OD2 ? A ASP 111 ? A ASP 86  ? 12_555 175.0 ? 
3  OD2 ? A ASP 111 ? A ASP 86  ? 1_555  CA ? D CA . ? A CA 301 ? 1_555 OD2 ? A ASP 111 ? A ASP 86  ? 12_555 137.0 ? 
4  OD1 ? A ASP 111 ? A ASP 86  ? 1_555  CA ? D CA . ? A CA 301 ? 1_555 OD1 ? A ASP 111 ? A ASP 86  ? 12_555 126.9 ? 
5  OD2 ? A ASP 111 ? A ASP 86  ? 1_555  CA ? D CA . ? A CA 301 ? 1_555 OD1 ? A ASP 111 ? A ASP 86  ? 12_555 174.7 ? 
6  OD2 ? A ASP 111 ? A ASP 86  ? 12_555 CA ? D CA . ? A CA 301 ? 1_555 OD1 ? A ASP 111 ? A ASP 86  ? 12_555 48.1  ? 
7  OD1 ? A ASP 111 ? A ASP 86  ? 1_555  CA ? D CA . ? A CA 301 ? 1_555 O   ? E HOH .   ? A HOH 380 ? 1_555  116.8 ? 
8  OD2 ? A ASP 111 ? A ASP 86  ? 1_555  CA ? D CA . ? A CA 301 ? 1_555 O   ? E HOH .   ? A HOH 380 ? 1_555  68.8  ? 
9  OD2 ? A ASP 111 ? A ASP 86  ? 12_555 CA ? D CA . ? A CA 301 ? 1_555 O   ? E HOH .   ? A HOH 380 ? 1_555  68.2  ? 
10 OD1 ? A ASP 111 ? A ASP 86  ? 12_555 CA ? D CA . ? A CA 301 ? 1_555 O   ? E HOH .   ? A HOH 380 ? 1_555  116.2 ? 
11 OD1 ? A ASP 111 ? A ASP 86  ? 1_555  CA ? D CA . ? A CA 301 ? 1_555 O   ? E HOH .   ? A HOH 380 ? 12_555 116.1 ? 
12 OD2 ? A ASP 111 ? A ASP 86  ? 1_555  CA ? D CA . ? A CA 301 ? 1_555 O   ? E HOH .   ? A HOH 380 ? 12_555 68.1  ? 
13 OD2 ? A ASP 111 ? A ASP 86  ? 12_555 CA ? D CA . ? A CA 301 ? 1_555 O   ? E HOH .   ? A HOH 380 ? 12_555 68.9  ? 
14 OD1 ? A ASP 111 ? A ASP 86  ? 12_555 CA ? D CA . ? A CA 301 ? 1_555 O   ? E HOH .   ? A HOH 380 ? 12_555 116.9 ? 
15 O   ? E HOH .   ? A HOH 380 ? 1_555  CA ? D CA . ? A CA 301 ? 1_555 O   ? E HOH .   ? A HOH 380 ? 12_555 3.6   ? 
16 OD1 ? A ASP 111 ? A ASP 86  ? 1_555  CA ? D CA . ? A CA 301 ? 1_555 O   ? E HOH .   ? A HOH 381 ? 1_555  87.7  ? 
17 OD2 ? A ASP 111 ? A ASP 86  ? 1_555  CA ? D CA . ? A CA 301 ? 1_555 O   ? E HOH .   ? A HOH 381 ? 1_555  90.0  ? 
18 OD2 ? A ASP 111 ? A ASP 86  ? 12_555 CA ? D CA . ? A CA 301 ? 1_555 O   ? E HOH .   ? A HOH 381 ? 1_555  92.0  ? 
19 OD1 ? A ASP 111 ? A ASP 86  ? 12_555 CA ? D CA . ? A CA 301 ? 1_555 O   ? E HOH .   ? A HOH 381 ? 1_555  91.2  ? 
20 O   ? E HOH .   ? A HOH 380 ? 1_555  CA ? D CA . ? A CA 301 ? 1_555 O   ? E HOH .   ? A HOH 381 ? 1_555  94.1  ? 
21 O   ? E HOH .   ? A HOH 380 ? 12_555 CA ? D CA . ? A CA 301 ? 1_555 O   ? E HOH .   ? A HOH 381 ? 1_555  90.5  ? 
22 OD1 ? A ASP 111 ? A ASP 86  ? 1_555  CA ? D CA . ? A CA 301 ? 1_555 O   ? E HOH .   ? A HOH 381 ? 12_555 90.5  ? 
23 OD2 ? A ASP 111 ? A ASP 86  ? 1_555  CA ? D CA . ? A CA 301 ? 1_555 O   ? E HOH .   ? A HOH 381 ? 12_555 91.3  ? 
24 OD2 ? A ASP 111 ? A ASP 86  ? 12_555 CA ? D CA . ? A CA 301 ? 1_555 O   ? E HOH .   ? A HOH 381 ? 12_555 89.5  ? 
25 OD1 ? A ASP 111 ? A ASP 86  ? 12_555 CA ? D CA . ? A CA 301 ? 1_555 O   ? E HOH .   ? A HOH 381 ? 12_555 87.1  ? 
26 O   ? E HOH .   ? A HOH 380 ? 1_555  CA ? D CA . ? A CA 301 ? 1_555 O   ? E HOH .   ? A HOH 381 ? 12_555 89.8  ? 
27 O   ? E HOH .   ? A HOH 380 ? 12_555 CA ? D CA . ? A CA 301 ? 1_555 O   ? E HOH .   ? A HOH 381 ? 12_555 93.4  ? 
28 O   ? E HOH .   ? A HOH 381 ? 1_555  CA ? D CA . ? A CA 301 ? 1_555 O   ? E HOH .   ? A HOH 381 ? 12_555 176.1 ? 
29 OD2 ? A ASP 143 ? A ASP 118 ? 1_555  MN ? B MN . ? A MN 132 ? 1_555 O   ? E HOH .   ? A HOH 323 ? 1_555  67.8  ? 
30 OD2 ? A ASP 143 ? A ASP 118 ? 1_555  MN ? B MN . ? A MN 132 ? 1_555 O   ? E HOH .   ? A HOH 370 ? 1_555  90.2  ? 
31 O   ? E HOH .   ? A HOH 323 ? 1_555  MN ? B MN . ? A MN 132 ? 1_555 O   ? E HOH .   ? A HOH 370 ? 1_555  72.4  ? 
# 
_struct_sheet.id               A 
_struct_sheet.type             ? 
_struct_sheet.number_strands   4 
_struct_sheet.details          ? 
# 
loop_
_struct_sheet_order.sheet_id 
_struct_sheet_order.range_id_1 
_struct_sheet_order.range_id_2 
_struct_sheet_order.offset 
_struct_sheet_order.sense 
A 1 2 ? parallel 
A 2 3 ? parallel 
A 3 4 ? parallel 
# 
loop_
_struct_sheet_range.sheet_id 
_struct_sheet_range.id 
_struct_sheet_range.beg_label_comp_id 
_struct_sheet_range.beg_label_asym_id 
_struct_sheet_range.beg_label_seq_id 
_struct_sheet_range.pdbx_beg_PDB_ins_code 
_struct_sheet_range.end_label_comp_id 
_struct_sheet_range.end_label_asym_id 
_struct_sheet_range.end_label_seq_id 
_struct_sheet_range.pdbx_end_PDB_ins_code 
_struct_sheet_range.beg_auth_comp_id 
_struct_sheet_range.beg_auth_asym_id 
_struct_sheet_range.beg_auth_seq_id 
_struct_sheet_range.end_auth_comp_id 
_struct_sheet_range.end_auth_asym_id 
_struct_sheet_range.end_auth_seq_id 
A 1 LYS A 101 ? HIS A 103 ? LYS A 76  HIS A 78  
A 2 GLU A 57  ? LEU A 61  ? GLU A 32  LEU A 36  
A 3 GLU A 27  ? VAL A 30  ? GLU A 2   VAL A 5   
A 4 LYS A 138 ? LEU A 140 ? LYS A 113 LEU A 115 
# 
loop_
_pdbx_struct_sheet_hbond.sheet_id 
_pdbx_struct_sheet_hbond.range_id_1 
_pdbx_struct_sheet_hbond.range_id_2 
_pdbx_struct_sheet_hbond.range_1_label_atom_id 
_pdbx_struct_sheet_hbond.range_1_label_comp_id 
_pdbx_struct_sheet_hbond.range_1_label_asym_id 
_pdbx_struct_sheet_hbond.range_1_label_seq_id 
_pdbx_struct_sheet_hbond.range_1_PDB_ins_code 
_pdbx_struct_sheet_hbond.range_1_auth_atom_id 
_pdbx_struct_sheet_hbond.range_1_auth_comp_id 
_pdbx_struct_sheet_hbond.range_1_auth_asym_id 
_pdbx_struct_sheet_hbond.range_1_auth_seq_id 
_pdbx_struct_sheet_hbond.range_2_label_atom_id 
_pdbx_struct_sheet_hbond.range_2_label_comp_id 
_pdbx_struct_sheet_hbond.range_2_label_asym_id 
_pdbx_struct_sheet_hbond.range_2_label_seq_id 
_pdbx_struct_sheet_hbond.range_2_PDB_ins_code 
_pdbx_struct_sheet_hbond.range_2_auth_atom_id 
_pdbx_struct_sheet_hbond.range_2_auth_comp_id 
_pdbx_struct_sheet_hbond.range_2_auth_asym_id 
_pdbx_struct_sheet_hbond.range_2_auth_seq_id 
A 1 2 O HIS A 103 ? O HIS A 78 N THR A 60  ? N THR A 35  
A 2 3 O HIS A 59  ? O HIS A 34 N VAL A 30  ? N VAL A 5   
A 3 4 N VAL A 29  ? N VAL A 4  O LEU A 140 ? O LEU A 115 
# 
loop_
_struct_site.id 
_struct_site.pdbx_evidence_code 
_struct_site.pdbx_auth_asym_id 
_struct_site.pdbx_auth_comp_id 
_struct_site.pdbx_auth_seq_id 
_struct_site.pdbx_auth_ins_code 
_struct_site.pdbx_num_residues 
_struct_site.details 
AC1 Software A MN 132 ? 4 'BINDING SITE FOR RESIDUE MN A 132' 
AC2 Software A CL 201 ? 4 'BINDING SITE FOR RESIDUE CL A 201' 
AC3 Software A CA 301 ? 6 'BINDING SITE FOR RESIDUE CA A 301' 
# 
loop_
_struct_site_gen.id 
_struct_site_gen.site_id 
_struct_site_gen.pdbx_num_res 
_struct_site_gen.label_comp_id 
_struct_site_gen.label_asym_id 
_struct_site_gen.label_seq_id 
_struct_site_gen.pdbx_auth_ins_code 
_struct_site_gen.auth_comp_id 
_struct_site_gen.auth_asym_id 
_struct_site_gen.auth_seq_id 
_struct_site_gen.label_atom_id 
_struct_site_gen.label_alt_id 
_struct_site_gen.symmetry 
_struct_site_gen.details 
1  AC1 4 ASP A 143 ? ASP A 118 . ? 1_555  ? 
2  AC1 4 HOH E .   ? HOH A 323 . ? 1_555  ? 
3  AC1 4 HOH E .   ? HOH A 370 . ? 1_555  ? 
4  AC1 4 HOH E .   ? HOH A 377 . ? 1_555  ? 
5  AC2 4 LYS A 74  ? LYS A 49  . ? 1_555  ? 
6  AC2 4 ARG A 77  ? ARG A 52  . ? 1_555  ? 
7  AC2 4 ARG A 78  ? ARG A 53  . ? 1_555  ? 
8  AC2 4 HOH E .   ? HOH A 309 . ? 6_545  ? 
9  AC3 6 ASP A 111 ? ASP A 86  . ? 12_555 ? 
10 AC3 6 ASP A 111 ? ASP A 86  . ? 1_555  ? 
11 AC3 6 HOH E .   ? HOH A 380 . ? 1_555  ? 
12 AC3 6 HOH E .   ? HOH A 380 . ? 12_555 ? 
13 AC3 6 HOH E .   ? HOH A 381 . ? 12_555 ? 
14 AC3 6 HOH E .   ? HOH A 381 . ? 1_555  ? 
# 
loop_
_pdbx_struct_special_symmetry.id 
_pdbx_struct_special_symmetry.PDB_model_num 
_pdbx_struct_special_symmetry.auth_asym_id 
_pdbx_struct_special_symmetry.auth_comp_id 
_pdbx_struct_special_symmetry.auth_seq_id 
_pdbx_struct_special_symmetry.PDB_ins_code 
_pdbx_struct_special_symmetry.label_asym_id 
_pdbx_struct_special_symmetry.label_comp_id 
_pdbx_struct_special_symmetry.label_seq_id 
1 1 A CA  301 ? D CA  . 
2 1 A HOH 306 ? E HOH . 
3 1 A HOH 380 ? E HOH . 
# 
_pdbx_refine_tls.id               1 
_pdbx_refine_tls.details          ? 
_pdbx_refine_tls.method           refined 
_pdbx_refine_tls.origin_x         -0.4211 
_pdbx_refine_tls.origin_y         -0.5838 
_pdbx_refine_tls.origin_z         0.2781 
_pdbx_refine_tls.T[1][1]          -0.0225 
_pdbx_refine_tls.T[2][2]          -0.0062 
_pdbx_refine_tls.T[3][3]          -0.0502 
_pdbx_refine_tls.T[1][2]          -0.0199 
_pdbx_refine_tls.T[1][3]          0.0294 
_pdbx_refine_tls.T[2][3]          -0.0010 
_pdbx_refine_tls.L[1][1]          2.3299 
_pdbx_refine_tls.L[2][2]          2.2200 
_pdbx_refine_tls.L[3][3]          1.3463 
_pdbx_refine_tls.L[1][2]          -0.2995 
_pdbx_refine_tls.L[1][3]          0.9199 
_pdbx_refine_tls.L[2][3]          0.3406 
_pdbx_refine_tls.S[1][1]          -0.0274 
_pdbx_refine_tls.S[2][2]          0.0275 
_pdbx_refine_tls.S[3][3]          0.0000 
_pdbx_refine_tls.S[1][2]          0.1494 
_pdbx_refine_tls.S[1][3]          0.1417 
_pdbx_refine_tls.S[2][3]          -0.2322 
_pdbx_refine_tls.S[2][1]          0.0699 
_pdbx_refine_tls.S[3][1]          -0.1045 
_pdbx_refine_tls.S[3][2]          0.2485 
_pdbx_refine_tls.pdbx_refine_id   'X-RAY DIFFRACTION' 
# 
_pdbx_refine_tls_group.id                  1 
_pdbx_refine_tls_group.refine_tls_id       1 
_pdbx_refine_tls_group.beg_label_asym_id   A 
_pdbx_refine_tls_group.beg_label_seq_id    26 
_pdbx_refine_tls_group.end_label_asym_id   A 
_pdbx_refine_tls_group.end_label_seq_id    155 
_pdbx_refine_tls_group.selection           ALL 
_pdbx_refine_tls_group.beg_auth_asym_id    A 
_pdbx_refine_tls_group.beg_auth_seq_id     1 
_pdbx_refine_tls_group.end_auth_asym_id    A 
_pdbx_refine_tls_group.end_auth_seq_id     130 
_pdbx_refine_tls_group.pdbx_refine_id      'X-RAY DIFFRACTION' 
_pdbx_refine_tls_group.selection_details   ? 
# 
loop_
_pdbx_unobs_or_zero_occ_residues.id 
_pdbx_unobs_or_zero_occ_residues.PDB_model_num 
_pdbx_unobs_or_zero_occ_residues.polymer_flag 
_pdbx_unobs_or_zero_occ_residues.occupancy_flag 
_pdbx_unobs_or_zero_occ_residues.auth_asym_id 
_pdbx_unobs_or_zero_occ_residues.auth_comp_id 
_pdbx_unobs_or_zero_occ_residues.auth_seq_id 
_pdbx_unobs_or_zero_occ_residues.PDB_ins_code 
_pdbx_unobs_or_zero_occ_residues.label_asym_id 
_pdbx_unobs_or_zero_occ_residues.label_comp_id 
_pdbx_unobs_or_zero_occ_residues.label_seq_id 
1  1 Y 1 A MET -24 ? A MET 1   
2  1 Y 1 A SER -23 ? A SER 2   
3  1 Y 1 A TYR -22 ? A TYR 3   
4  1 Y 1 A TYR -21 ? A TYR 4   
5  1 Y 1 A HIS -20 ? A HIS 5   
6  1 Y 1 A HIS -19 ? A HIS 6   
7  1 Y 1 A HIS -18 ? A HIS 7   
8  1 Y 1 A HIS -17 ? A HIS 8   
9  1 Y 1 A HIS -16 ? A HIS 9   
10 1 Y 1 A HIS -15 ? A HIS 10  
11 1 Y 1 A ASP -14 ? A ASP 11  
12 1 Y 1 A TYR -13 ? A TYR 12  
13 1 Y 1 A ASP -12 ? A ASP 13  
14 1 Y 1 A ILE -11 ? A ILE 14  
15 1 Y 1 A PRO -10 ? A PRO 15  
16 1 Y 1 A THR -9  ? A THR 16  
17 1 Y 1 A THR -8  ? A THR 17  
18 1 Y 1 A GLU -7  ? A GLU 18  
19 1 Y 1 A ASN -6  ? A ASN 19  
20 1 Y 1 A LEU -5  ? A LEU 20  
21 1 Y 1 A TYR -4  ? A TYR 21  
22 1 Y 1 A PHE -3  ? A PHE 22  
23 1 Y 1 A GLN -2  ? A GLN 23  
24 1 Y 1 A GLY -1  ? A GLY 24  
25 1 Y 1 A ALA 0   ? A ALA 25  
26 1 Y 1 A PRO 131 ? A PRO 156 
# 
loop_
_chem_comp_atom.comp_id 
_chem_comp_atom.atom_id 
_chem_comp_atom.type_symbol 
_chem_comp_atom.pdbx_aromatic_flag 
_chem_comp_atom.pdbx_stereo_config 
_chem_comp_atom.pdbx_ordinal 
ALA N    N  N N 1   
ALA CA   C  N S 2   
ALA C    C  N N 3   
ALA O    O  N N 4   
ALA CB   C  N N 5   
ALA OXT  O  N N 6   
ALA H    H  N N 7   
ALA H2   H  N N 8   
ALA HA   H  N N 9   
ALA HB1  H  N N 10  
ALA HB2  H  N N 11  
ALA HB3  H  N N 12  
ALA HXT  H  N N 13  
ARG N    N  N N 14  
ARG CA   C  N S 15  
ARG C    C  N N 16  
ARG O    O  N N 17  
ARG CB   C  N N 18  
ARG CG   C  N N 19  
ARG CD   C  N N 20  
ARG NE   N  N N 21  
ARG CZ   C  N N 22  
ARG NH1  N  N N 23  
ARG NH2  N  N N 24  
ARG OXT  O  N N 25  
ARG H    H  N N 26  
ARG H2   H  N N 27  
ARG HA   H  N N 28  
ARG HB2  H  N N 29  
ARG HB3  H  N N 30  
ARG HG2  H  N N 31  
ARG HG3  H  N N 32  
ARG HD2  H  N N 33  
ARG HD3  H  N N 34  
ARG HE   H  N N 35  
ARG HH11 H  N N 36  
ARG HH12 H  N N 37  
ARG HH21 H  N N 38  
ARG HH22 H  N N 39  
ARG HXT  H  N N 40  
ASN N    N  N N 41  
ASN CA   C  N S 42  
ASN C    C  N N 43  
ASN O    O  N N 44  
ASN CB   C  N N 45  
ASN CG   C  N N 46  
ASN OD1  O  N N 47  
ASN ND2  N  N N 48  
ASN OXT  O  N N 49  
ASN H    H  N N 50  
ASN H2   H  N N 51  
ASN HA   H  N N 52  
ASN HB2  H  N N 53  
ASN HB3  H  N N 54  
ASN HD21 H  N N 55  
ASN HD22 H  N N 56  
ASN HXT  H  N N 57  
ASP N    N  N N 58  
ASP CA   C  N S 59  
ASP C    C  N N 60  
ASP O    O  N N 61  
ASP CB   C  N N 62  
ASP CG   C  N N 63  
ASP OD1  O  N N 64  
ASP OD2  O  N N 65  
ASP OXT  O  N N 66  
ASP H    H  N N 67  
ASP H2   H  N N 68  
ASP HA   H  N N 69  
ASP HB2  H  N N 70  
ASP HB3  H  N N 71  
ASP HD2  H  N N 72  
ASP HXT  H  N N 73  
CA  CA   CA N N 74  
CL  CL   CL N N 75  
GLN N    N  N N 76  
GLN CA   C  N S 77  
GLN C    C  N N 78  
GLN O    O  N N 79  
GLN CB   C  N N 80  
GLN CG   C  N N 81  
GLN CD   C  N N 82  
GLN OE1  O  N N 83  
GLN NE2  N  N N 84  
GLN OXT  O  N N 85  
GLN H    H  N N 86  
GLN H2   H  N N 87  
GLN HA   H  N N 88  
GLN HB2  H  N N 89  
GLN HB3  H  N N 90  
GLN HG2  H  N N 91  
GLN HG3  H  N N 92  
GLN HE21 H  N N 93  
GLN HE22 H  N N 94  
GLN HXT  H  N N 95  
GLU N    N  N N 96  
GLU CA   C  N S 97  
GLU C    C  N N 98  
GLU O    O  N N 99  
GLU CB   C  N N 100 
GLU CG   C  N N 101 
GLU CD   C  N N 102 
GLU OE1  O  N N 103 
GLU OE2  O  N N 104 
GLU OXT  O  N N 105 
GLU H    H  N N 106 
GLU H2   H  N N 107 
GLU HA   H  N N 108 
GLU HB2  H  N N 109 
GLU HB3  H  N N 110 
GLU HG2  H  N N 111 
GLU HG3  H  N N 112 
GLU HE2  H  N N 113 
GLU HXT  H  N N 114 
GLY N    N  N N 115 
GLY CA   C  N N 116 
GLY C    C  N N 117 
GLY O    O  N N 118 
GLY OXT  O  N N 119 
GLY H    H  N N 120 
GLY H2   H  N N 121 
GLY HA2  H  N N 122 
GLY HA3  H  N N 123 
GLY HXT  H  N N 124 
HIS N    N  N N 125 
HIS CA   C  N S 126 
HIS C    C  N N 127 
HIS O    O  N N 128 
HIS CB   C  N N 129 
HIS CG   C  Y N 130 
HIS ND1  N  Y N 131 
HIS CD2  C  Y N 132 
HIS CE1  C  Y N 133 
HIS NE2  N  Y N 134 
HIS OXT  O  N N 135 
HIS H    H  N N 136 
HIS H2   H  N N 137 
HIS HA   H  N N 138 
HIS HB2  H  N N 139 
HIS HB3  H  N N 140 
HIS HD1  H  N N 141 
HIS HD2  H  N N 142 
HIS HE1  H  N N 143 
HIS HE2  H  N N 144 
HIS HXT  H  N N 145 
HOH O    O  N N 146 
HOH H1   H  N N 147 
HOH H2   H  N N 148 
ILE N    N  N N 149 
ILE CA   C  N S 150 
ILE C    C  N N 151 
ILE O    O  N N 152 
ILE CB   C  N S 153 
ILE CG1  C  N N 154 
ILE CG2  C  N N 155 
ILE CD1  C  N N 156 
ILE OXT  O  N N 157 
ILE H    H  N N 158 
ILE H2   H  N N 159 
ILE HA   H  N N 160 
ILE HB   H  N N 161 
ILE HG12 H  N N 162 
ILE HG13 H  N N 163 
ILE HG21 H  N N 164 
ILE HG22 H  N N 165 
ILE HG23 H  N N 166 
ILE HD11 H  N N 167 
ILE HD12 H  N N 168 
ILE HD13 H  N N 169 
ILE HXT  H  N N 170 
LEU N    N  N N 171 
LEU CA   C  N S 172 
LEU C    C  N N 173 
LEU O    O  N N 174 
LEU CB   C  N N 175 
LEU CG   C  N N 176 
LEU CD1  C  N N 177 
LEU CD2  C  N N 178 
LEU OXT  O  N N 179 
LEU H    H  N N 180 
LEU H2   H  N N 181 
LEU HA   H  N N 182 
LEU HB2  H  N N 183 
LEU HB3  H  N N 184 
LEU HG   H  N N 185 
LEU HD11 H  N N 186 
LEU HD12 H  N N 187 
LEU HD13 H  N N 188 
LEU HD21 H  N N 189 
LEU HD22 H  N N 190 
LEU HD23 H  N N 191 
LEU HXT  H  N N 192 
LYS N    N  N N 193 
LYS CA   C  N S 194 
LYS C    C  N N 195 
LYS O    O  N N 196 
LYS CB   C  N N 197 
LYS CG   C  N N 198 
LYS CD   C  N N 199 
LYS CE   C  N N 200 
LYS NZ   N  N N 201 
LYS OXT  O  N N 202 
LYS H    H  N N 203 
LYS H2   H  N N 204 
LYS HA   H  N N 205 
LYS HB2  H  N N 206 
LYS HB3  H  N N 207 
LYS HG2  H  N N 208 
LYS HG3  H  N N 209 
LYS HD2  H  N N 210 
LYS HD3  H  N N 211 
LYS HE2  H  N N 212 
LYS HE3  H  N N 213 
LYS HZ1  H  N N 214 
LYS HZ2  H  N N 215 
LYS HZ3  H  N N 216 
LYS HXT  H  N N 217 
MET N    N  N N 218 
MET CA   C  N S 219 
MET C    C  N N 220 
MET O    O  N N 221 
MET CB   C  N N 222 
MET CG   C  N N 223 
MET SD   S  N N 224 
MET CE   C  N N 225 
MET OXT  O  N N 226 
MET H    H  N N 227 
MET H2   H  N N 228 
MET HA   H  N N 229 
MET HB2  H  N N 230 
MET HB3  H  N N 231 
MET HG2  H  N N 232 
MET HG3  H  N N 233 
MET HE1  H  N N 234 
MET HE2  H  N N 235 
MET HE3  H  N N 236 
MET HXT  H  N N 237 
MN  MN   MN N N 238 
PHE N    N  N N 239 
PHE CA   C  N S 240 
PHE C    C  N N 241 
PHE O    O  N N 242 
PHE CB   C  N N 243 
PHE CG   C  Y N 244 
PHE CD1  C  Y N 245 
PHE CD2  C  Y N 246 
PHE CE1  C  Y N 247 
PHE CE2  C  Y N 248 
PHE CZ   C  Y N 249 
PHE OXT  O  N N 250 
PHE H    H  N N 251 
PHE H2   H  N N 252 
PHE HA   H  N N 253 
PHE HB2  H  N N 254 
PHE HB3  H  N N 255 
PHE HD1  H  N N 256 
PHE HD2  H  N N 257 
PHE HE1  H  N N 258 
PHE HE2  H  N N 259 
PHE HZ   H  N N 260 
PHE HXT  H  N N 261 
PRO N    N  N N 262 
PRO CA   C  N S 263 
PRO C    C  N N 264 
PRO O    O  N N 265 
PRO CB   C  N N 266 
PRO CG   C  N N 267 
PRO CD   C  N N 268 
PRO OXT  O  N N 269 
PRO H    H  N N 270 
PRO HA   H  N N 271 
PRO HB2  H  N N 272 
PRO HB3  H  N N 273 
PRO HG2  H  N N 274 
PRO HG3  H  N N 275 
PRO HD2  H  N N 276 
PRO HD3  H  N N 277 
PRO HXT  H  N N 278 
SER N    N  N N 279 
SER CA   C  N S 280 
SER C    C  N N 281 
SER O    O  N N 282 
SER CB   C  N N 283 
SER OG   O  N N 284 
SER OXT  O  N N 285 
SER H    H  N N 286 
SER H2   H  N N 287 
SER HA   H  N N 288 
SER HB2  H  N N 289 
SER HB3  H  N N 290 
SER HG   H  N N 291 
SER HXT  H  N N 292 
THR N    N  N N 293 
THR CA   C  N S 294 
THR C    C  N N 295 
THR O    O  N N 296 
THR CB   C  N R 297 
THR OG1  O  N N 298 
THR CG2  C  N N 299 
THR OXT  O  N N 300 
THR H    H  N N 301 
THR H2   H  N N 302 
THR HA   H  N N 303 
THR HB   H  N N 304 
THR HG1  H  N N 305 
THR HG21 H  N N 306 
THR HG22 H  N N 307 
THR HG23 H  N N 308 
THR HXT  H  N N 309 
TRP N    N  N N 310 
TRP CA   C  N S 311 
TRP C    C  N N 312 
TRP O    O  N N 313 
TRP CB   C  N N 314 
TRP CG   C  Y N 315 
TRP CD1  C  Y N 316 
TRP CD2  C  Y N 317 
TRP NE1  N  Y N 318 
TRP CE2  C  Y N 319 
TRP CE3  C  Y N 320 
TRP CZ2  C  Y N 321 
TRP CZ3  C  Y N 322 
TRP CH2  C  Y N 323 
TRP OXT  O  N N 324 
TRP H    H  N N 325 
TRP H2   H  N N 326 
TRP HA   H  N N 327 
TRP HB2  H  N N 328 
TRP HB3  H  N N 329 
TRP HD1  H  N N 330 
TRP HE1  H  N N 331 
TRP HE3  H  N N 332 
TRP HZ2  H  N N 333 
TRP HZ3  H  N N 334 
TRP HH2  H  N N 335 
TRP HXT  H  N N 336 
TYR N    N  N N 337 
TYR CA   C  N S 338 
TYR C    C  N N 339 
TYR O    O  N N 340 
TYR CB   C  N N 341 
TYR CG   C  Y N 342 
TYR CD1  C  Y N 343 
TYR CD2  C  Y N 344 
TYR CE1  C  Y N 345 
TYR CE2  C  Y N 346 
TYR CZ   C  Y N 347 
TYR OH   O  N N 348 
TYR OXT  O  N N 349 
TYR H    H  N N 350 
TYR H2   H  N N 351 
TYR HA   H  N N 352 
TYR HB2  H  N N 353 
TYR HB3  H  N N 354 
TYR HD1  H  N N 355 
TYR HD2  H  N N 356 
TYR HE1  H  N N 357 
TYR HE2  H  N N 358 
TYR HH   H  N N 359 
TYR HXT  H  N N 360 
VAL N    N  N N 361 
VAL CA   C  N S 362 
VAL C    C  N N 363 
VAL O    O  N N 364 
VAL CB   C  N N 365 
VAL CG1  C  N N 366 
VAL CG2  C  N N 367 
VAL OXT  O  N N 368 
VAL H    H  N N 369 
VAL H2   H  N N 370 
VAL HA   H  N N 371 
VAL HB   H  N N 372 
VAL HG11 H  N N 373 
VAL HG12 H  N N 374 
VAL HG13 H  N N 375 
VAL HG21 H  N N 376 
VAL HG22 H  N N 377 
VAL HG23 H  N N 378 
VAL HXT  H  N N 379 
# 
loop_
_chem_comp_bond.comp_id 
_chem_comp_bond.atom_id_1 
_chem_comp_bond.atom_id_2 
_chem_comp_bond.value_order 
_chem_comp_bond.pdbx_aromatic_flag 
_chem_comp_bond.pdbx_stereo_config 
_chem_comp_bond.pdbx_ordinal 
ALA N   CA   sing N N 1   
ALA N   H    sing N N 2   
ALA N   H2   sing N N 3   
ALA CA  C    sing N N 4   
ALA CA  CB   sing N N 5   
ALA CA  HA   sing N N 6   
ALA C   O    doub N N 7   
ALA C   OXT  sing N N 8   
ALA CB  HB1  sing N N 9   
ALA CB  HB2  sing N N 10  
ALA CB  HB3  sing N N 11  
ALA OXT HXT  sing N N 12  
ARG N   CA   sing N N 13  
ARG N   H    sing N N 14  
ARG N   H2   sing N N 15  
ARG CA  C    sing N N 16  
ARG CA  CB   sing N N 17  
ARG CA  HA   sing N N 18  
ARG C   O    doub N N 19  
ARG C   OXT  sing N N 20  
ARG CB  CG   sing N N 21  
ARG CB  HB2  sing N N 22  
ARG CB  HB3  sing N N 23  
ARG CG  CD   sing N N 24  
ARG CG  HG2  sing N N 25  
ARG CG  HG3  sing N N 26  
ARG CD  NE   sing N N 27  
ARG CD  HD2  sing N N 28  
ARG CD  HD3  sing N N 29  
ARG NE  CZ   sing N N 30  
ARG NE  HE   sing N N 31  
ARG CZ  NH1  sing N N 32  
ARG CZ  NH2  doub N N 33  
ARG NH1 HH11 sing N N 34  
ARG NH1 HH12 sing N N 35  
ARG NH2 HH21 sing N N 36  
ARG NH2 HH22 sing N N 37  
ARG OXT HXT  sing N N 38  
ASN N   CA   sing N N 39  
ASN N   H    sing N N 40  
ASN N   H2   sing N N 41  
ASN CA  C    sing N N 42  
ASN CA  CB   sing N N 43  
ASN CA  HA   sing N N 44  
ASN C   O    doub N N 45  
ASN C   OXT  sing N N 46  
ASN CB  CG   sing N N 47  
ASN CB  HB2  sing N N 48  
ASN CB  HB3  sing N N 49  
ASN CG  OD1  doub N N 50  
ASN CG  ND2  sing N N 51  
ASN ND2 HD21 sing N N 52  
ASN ND2 HD22 sing N N 53  
ASN OXT HXT  sing N N 54  
ASP N   CA   sing N N 55  
ASP N   H    sing N N 56  
ASP N   H2   sing N N 57  
ASP CA  C    sing N N 58  
ASP CA  CB   sing N N 59  
ASP CA  HA   sing N N 60  
ASP C   O    doub N N 61  
ASP C   OXT  sing N N 62  
ASP CB  CG   sing N N 63  
ASP CB  HB2  sing N N 64  
ASP CB  HB3  sing N N 65  
ASP CG  OD1  doub N N 66  
ASP CG  OD2  sing N N 67  
ASP OD2 HD2  sing N N 68  
ASP OXT HXT  sing N N 69  
GLN N   CA   sing N N 70  
GLN N   H    sing N N 71  
GLN N   H2   sing N N 72  
GLN CA  C    sing N N 73  
GLN CA  CB   sing N N 74  
GLN CA  HA   sing N N 75  
GLN C   O    doub N N 76  
GLN C   OXT  sing N N 77  
GLN CB  CG   sing N N 78  
GLN CB  HB2  sing N N 79  
GLN CB  HB3  sing N N 80  
GLN CG  CD   sing N N 81  
GLN CG  HG2  sing N N 82  
GLN CG  HG3  sing N N 83  
GLN CD  OE1  doub N N 84  
GLN CD  NE2  sing N N 85  
GLN NE2 HE21 sing N N 86  
GLN NE2 HE22 sing N N 87  
GLN OXT HXT  sing N N 88  
GLU N   CA   sing N N 89  
GLU N   H    sing N N 90  
GLU N   H2   sing N N 91  
GLU CA  C    sing N N 92  
GLU CA  CB   sing N N 93  
GLU CA  HA   sing N N 94  
GLU C   O    doub N N 95  
GLU C   OXT  sing N N 96  
GLU CB  CG   sing N N 97  
GLU CB  HB2  sing N N 98  
GLU CB  HB3  sing N N 99  
GLU CG  CD   sing N N 100 
GLU CG  HG2  sing N N 101 
GLU CG  HG3  sing N N 102 
GLU CD  OE1  doub N N 103 
GLU CD  OE2  sing N N 104 
GLU OE2 HE2  sing N N 105 
GLU OXT HXT  sing N N 106 
GLY N   CA   sing N N 107 
GLY N   H    sing N N 108 
GLY N   H2   sing N N 109 
GLY CA  C    sing N N 110 
GLY CA  HA2  sing N N 111 
GLY CA  HA3  sing N N 112 
GLY C   O    doub N N 113 
GLY C   OXT  sing N N 114 
GLY OXT HXT  sing N N 115 
HIS N   CA   sing N N 116 
HIS N   H    sing N N 117 
HIS N   H2   sing N N 118 
HIS CA  C    sing N N 119 
HIS CA  CB   sing N N 120 
HIS CA  HA   sing N N 121 
HIS C   O    doub N N 122 
HIS C   OXT  sing N N 123 
HIS CB  CG   sing N N 124 
HIS CB  HB2  sing N N 125 
HIS CB  HB3  sing N N 126 
HIS CG  ND1  sing Y N 127 
HIS CG  CD2  doub Y N 128 
HIS ND1 CE1  doub Y N 129 
HIS ND1 HD1  sing N N 130 
HIS CD2 NE2  sing Y N 131 
HIS CD2 HD2  sing N N 132 
HIS CE1 NE2  sing Y N 133 
HIS CE1 HE1  sing N N 134 
HIS NE2 HE2  sing N N 135 
HIS OXT HXT  sing N N 136 
HOH O   H1   sing N N 137 
HOH O   H2   sing N N 138 
ILE N   CA   sing N N 139 
ILE N   H    sing N N 140 
ILE N   H2   sing N N 141 
ILE CA  C    sing N N 142 
ILE CA  CB   sing N N 143 
ILE CA  HA   sing N N 144 
ILE C   O    doub N N 145 
ILE C   OXT  sing N N 146 
ILE CB  CG1  sing N N 147 
ILE CB  CG2  sing N N 148 
ILE CB  HB   sing N N 149 
ILE CG1 CD1  sing N N 150 
ILE CG1 HG12 sing N N 151 
ILE CG1 HG13 sing N N 152 
ILE CG2 HG21 sing N N 153 
ILE CG2 HG22 sing N N 154 
ILE CG2 HG23 sing N N 155 
ILE CD1 HD11 sing N N 156 
ILE CD1 HD12 sing N N 157 
ILE CD1 HD13 sing N N 158 
ILE OXT HXT  sing N N 159 
LEU N   CA   sing N N 160 
LEU N   H    sing N N 161 
LEU N   H2   sing N N 162 
LEU CA  C    sing N N 163 
LEU CA  CB   sing N N 164 
LEU CA  HA   sing N N 165 
LEU C   O    doub N N 166 
LEU C   OXT  sing N N 167 
LEU CB  CG   sing N N 168 
LEU CB  HB2  sing N N 169 
LEU CB  HB3  sing N N 170 
LEU CG  CD1  sing N N 171 
LEU CG  CD2  sing N N 172 
LEU CG  HG   sing N N 173 
LEU CD1 HD11 sing N N 174 
LEU CD1 HD12 sing N N 175 
LEU CD1 HD13 sing N N 176 
LEU CD2 HD21 sing N N 177 
LEU CD2 HD22 sing N N 178 
LEU CD2 HD23 sing N N 179 
LEU OXT HXT  sing N N 180 
LYS N   CA   sing N N 181 
LYS N   H    sing N N 182 
LYS N   H2   sing N N 183 
LYS CA  C    sing N N 184 
LYS CA  CB   sing N N 185 
LYS CA  HA   sing N N 186 
LYS C   O    doub N N 187 
LYS C   OXT  sing N N 188 
LYS CB  CG   sing N N 189 
LYS CB  HB2  sing N N 190 
LYS CB  HB3  sing N N 191 
LYS CG  CD   sing N N 192 
LYS CG  HG2  sing N N 193 
LYS CG  HG3  sing N N 194 
LYS CD  CE   sing N N 195 
LYS CD  HD2  sing N N 196 
LYS CD  HD3  sing N N 197 
LYS CE  NZ   sing N N 198 
LYS CE  HE2  sing N N 199 
LYS CE  HE3  sing N N 200 
LYS NZ  HZ1  sing N N 201 
LYS NZ  HZ2  sing N N 202 
LYS NZ  HZ3  sing N N 203 
LYS OXT HXT  sing N N 204 
MET N   CA   sing N N 205 
MET N   H    sing N N 206 
MET N   H2   sing N N 207 
MET CA  C    sing N N 208 
MET CA  CB   sing N N 209 
MET CA  HA   sing N N 210 
MET C   O    doub N N 211 
MET C   OXT  sing N N 212 
MET CB  CG   sing N N 213 
MET CB  HB2  sing N N 214 
MET CB  HB3  sing N N 215 
MET CG  SD   sing N N 216 
MET CG  HG2  sing N N 217 
MET CG  HG3  sing N N 218 
MET SD  CE   sing N N 219 
MET CE  HE1  sing N N 220 
MET CE  HE2  sing N N 221 
MET CE  HE3  sing N N 222 
MET OXT HXT  sing N N 223 
PHE N   CA   sing N N 224 
PHE N   H    sing N N 225 
PHE N   H2   sing N N 226 
PHE CA  C    sing N N 227 
PHE CA  CB   sing N N 228 
PHE CA  HA   sing N N 229 
PHE C   O    doub N N 230 
PHE C   OXT  sing N N 231 
PHE CB  CG   sing N N 232 
PHE CB  HB2  sing N N 233 
PHE CB  HB3  sing N N 234 
PHE CG  CD1  doub Y N 235 
PHE CG  CD2  sing Y N 236 
PHE CD1 CE1  sing Y N 237 
PHE CD1 HD1  sing N N 238 
PHE CD2 CE2  doub Y N 239 
PHE CD2 HD2  sing N N 240 
PHE CE1 CZ   doub Y N 241 
PHE CE1 HE1  sing N N 242 
PHE CE2 CZ   sing Y N 243 
PHE CE2 HE2  sing N N 244 
PHE CZ  HZ   sing N N 245 
PHE OXT HXT  sing N N 246 
PRO N   CA   sing N N 247 
PRO N   CD   sing N N 248 
PRO N   H    sing N N 249 
PRO CA  C    sing N N 250 
PRO CA  CB   sing N N 251 
PRO CA  HA   sing N N 252 
PRO C   O    doub N N 253 
PRO C   OXT  sing N N 254 
PRO CB  CG   sing N N 255 
PRO CB  HB2  sing N N 256 
PRO CB  HB3  sing N N 257 
PRO CG  CD   sing N N 258 
PRO CG  HG2  sing N N 259 
PRO CG  HG3  sing N N 260 
PRO CD  HD2  sing N N 261 
PRO CD  HD3  sing N N 262 
PRO OXT HXT  sing N N 263 
SER N   CA   sing N N 264 
SER N   H    sing N N 265 
SER N   H2   sing N N 266 
SER CA  C    sing N N 267 
SER CA  CB   sing N N 268 
SER CA  HA   sing N N 269 
SER C   O    doub N N 270 
SER C   OXT  sing N N 271 
SER CB  OG   sing N N 272 
SER CB  HB2  sing N N 273 
SER CB  HB3  sing N N 274 
SER OG  HG   sing N N 275 
SER OXT HXT  sing N N 276 
THR N   CA   sing N N 277 
THR N   H    sing N N 278 
THR N   H2   sing N N 279 
THR CA  C    sing N N 280 
THR CA  CB   sing N N 281 
THR CA  HA   sing N N 282 
THR C   O    doub N N 283 
THR C   OXT  sing N N 284 
THR CB  OG1  sing N N 285 
THR CB  CG2  sing N N 286 
THR CB  HB   sing N N 287 
THR OG1 HG1  sing N N 288 
THR CG2 HG21 sing N N 289 
THR CG2 HG22 sing N N 290 
THR CG2 HG23 sing N N 291 
THR OXT HXT  sing N N 292 
TRP N   CA   sing N N 293 
TRP N   H    sing N N 294 
TRP N   H2   sing N N 295 
TRP CA  C    sing N N 296 
TRP CA  CB   sing N N 297 
TRP CA  HA   sing N N 298 
TRP C   O    doub N N 299 
TRP C   OXT  sing N N 300 
TRP CB  CG   sing N N 301 
TRP CB  HB2  sing N N 302 
TRP CB  HB3  sing N N 303 
TRP CG  CD1  doub Y N 304 
TRP CG  CD2  sing Y N 305 
TRP CD1 NE1  sing Y N 306 
TRP CD1 HD1  sing N N 307 
TRP CD2 CE2  doub Y N 308 
TRP CD2 CE3  sing Y N 309 
TRP NE1 CE2  sing Y N 310 
TRP NE1 HE1  sing N N 311 
TRP CE2 CZ2  sing Y N 312 
TRP CE3 CZ3  doub Y N 313 
TRP CE3 HE3  sing N N 314 
TRP CZ2 CH2  doub Y N 315 
TRP CZ2 HZ2  sing N N 316 
TRP CZ3 CH2  sing Y N 317 
TRP CZ3 HZ3  sing N N 318 
TRP CH2 HH2  sing N N 319 
TRP OXT HXT  sing N N 320 
TYR N   CA   sing N N 321 
TYR N   H    sing N N 322 
TYR N   H2   sing N N 323 
TYR CA  C    sing N N 324 
TYR CA  CB   sing N N 325 
TYR CA  HA   sing N N 326 
TYR C   O    doub N N 327 
TYR C   OXT  sing N N 328 
TYR CB  CG   sing N N 329 
TYR CB  HB2  sing N N 330 
TYR CB  HB3  sing N N 331 
TYR CG  CD1  doub Y N 332 
TYR CG  CD2  sing Y N 333 
TYR CD1 CE1  sing Y N 334 
TYR CD1 HD1  sing N N 335 
TYR CD2 CE2  doub Y N 336 
TYR CD2 HD2  sing N N 337 
TYR CE1 CZ   doub Y N 338 
TYR CE1 HE1  sing N N 339 
TYR CE2 CZ   sing Y N 340 
TYR CE2 HE2  sing N N 341 
TYR CZ  OH   sing N N 342 
TYR OH  HH   sing N N 343 
TYR OXT HXT  sing N N 344 
VAL N   CA   sing N N 345 
VAL N   H    sing N N 346 
VAL N   H2   sing N N 347 
VAL CA  C    sing N N 348 
VAL CA  CB   sing N N 349 
VAL CA  HA   sing N N 350 
VAL C   O    doub N N 351 
VAL C   OXT  sing N N 352 
VAL CB  CG1  sing N N 353 
VAL CB  CG2  sing N N 354 
VAL CB  HB   sing N N 355 
VAL CG1 HG11 sing N N 356 
VAL CG1 HG12 sing N N 357 
VAL CG1 HG13 sing N N 358 
VAL CG2 HG21 sing N N 359 
VAL CG2 HG22 sing N N 360 
VAL CG2 HG23 sing N N 361 
VAL OXT HXT  sing N N 362 
# 
_atom_sites.entry_id                    2FE1 
_atom_sites.fract_transf_matrix[1][1]   0.01016544 
_atom_sites.fract_transf_matrix[1][2]   0.00098332 
_atom_sites.fract_transf_matrix[1][3]   0.01226253 
_atom_sites.fract_transf_matrix[2][1]   -0.00455820 
_atom_sites.fract_transf_matrix[2][2]   0.00699054 
_atom_sites.fract_transf_matrix[2][3]   0.01360429 
_atom_sites.fract_transf_matrix[3][1]   -0.00338816 
_atom_sites.fract_transf_matrix[3][2]   -0.00909460 
_atom_sites.fract_transf_matrix[3][3]   0.00353802 
_atom_sites.fract_transf_vector[1]      0.689000 
_atom_sites.fract_transf_vector[2]      0.135936 
_atom_sites.fract_transf_vector[3]      0.172528 
# 
loop_
_atom_type.symbol 
C  
CA 
CL 
MN 
N  
O  
S  
# 
loop_
_atom_site.group_PDB 
_atom_site.id 
_atom_site.type_symbol 
_atom_site.label_atom_id 
_atom_site.label_alt_id 
_atom_site.label_comp_id 
_atom_site.label_asym_id 
_atom_site.label_entity_id 
_atom_site.label_seq_id 
_atom_site.pdbx_PDB_ins_code 
_atom_site.Cartn_x 
_atom_site.Cartn_y 
_atom_site.Cartn_z 
_atom_site.occupancy 
_atom_site.B_iso_or_equiv 
_atom_site.pdbx_formal_charge 
_atom_site.auth_seq_id 
_atom_site.auth_comp_id 
_atom_site.auth_asym_id 
_atom_site.auth_atom_id 
_atom_site.pdbx_PDB_model_num 
ATOM   1    N  N   . MET A 1 26  ? 4.914   15.569  6.272   1.00 28.01 ? 1   MET A N   1 
ATOM   2    C  CA  . MET A 1 26  ? 4.348   14.747  5.125   1.00 27.97 ? 1   MET A CA  1 
ATOM   3    C  C   . MET A 1 26  ? 3.539   13.500  5.511   1.00 25.84 ? 1   MET A C   1 
ATOM   4    O  O   . MET A 1 26  ? 4.084   12.518  6.025   1.00 25.08 ? 1   MET A O   1 
ATOM   5    C  CB  . MET A 1 26  ? 5.434   14.354  4.096   1.00 27.72 ? 1   MET A CB  1 
ATOM   6    C  CG  . MET A 1 26  ? 4.825   13.745  2.806   1.00 29.75 ? 1   MET A CG  1 
ATOM   7    S  SD  . MET A 1 26  ? 5.758   12.566  1.766   1.00 33.62 ? 1   MET A SD  1 
ATOM   8    C  CE  . MET A 1 26  ? 6.940   11.826  2.958   1.00 34.33 ? 1   MET A CE  1 
ATOM   9    N  N   . GLU A 1 27  ? 2.243   13.527  5.209   1.00 24.12 ? 2   GLU A N   1 
ATOM   10   C  CA  . GLU A 1 27  ? 1.407   12.337  5.333   1.00 22.45 ? 2   GLU A CA  1 
ATOM   11   C  C   . GLU A 1 27  ? 1.723   11.370  4.175   1.00 21.39 ? 2   GLU A C   1 
ATOM   12   O  O   . GLU A 1 27  ? 1.641   11.761  3.017   1.00 22.51 ? 2   GLU A O   1 
ATOM   13   C  CB  . GLU A 1 27  ? -0.077  12.711  5.313   1.00 22.04 ? 2   GLU A CB  1 
ATOM   14   C  CG  . GLU A 1 27  ? -0.501  13.794  6.334   1.00 24.05 ? 2   GLU A CG  1 
ATOM   15   C  CD  . GLU A 1 27  ? -0.279  13.416  7.812   1.00 25.86 ? 2   GLU A CD  1 
ATOM   16   O  OE1 . GLU A 1 27  ? -0.029  12.226  8.154   1.00 24.02 ? 2   GLU A OE1 1 
ATOM   17   O  OE2 . GLU A 1 27  ? -0.388  14.338  8.640   1.00 24.67 ? 2   GLU A OE2 1 
ATOM   18   N  N   . LEU A 1 28  ? 2.089   10.130  4.479   1.00 18.57 ? 3   LEU A N   1 
ATOM   19   C  CA  . LEU A 1 28  ? 2.451   9.170   3.442   1.00 17.63 ? 3   LEU A CA  1 
ATOM   20   C  C   . LEU A 1 28  ? 1.505   7.972   3.381   1.00 17.21 ? 3   LEU A C   1 
ATOM   21   O  O   . LEU A 1 28  ? 1.377   7.211   4.339   1.00 16.61 ? 3   LEU A O   1 
ATOM   22   C  CB  . LEU A 1 28  ? 3.895   8.669   3.606   1.00 17.42 ? 3   LEU A CB  1 
ATOM   23   C  CG  . LEU A 1 28  ? 4.447   7.731   2.505   1.00 17.97 ? 3   LEU A CG  1 
ATOM   24   C  CD1 . LEU A 1 28  ? 4.710   8.466   1.181   1.00 15.09 ? 3   LEU A CD1 1 
ATOM   25   C  CD2 . LEU A 1 28  ? 5.718   7.056   2.978   1.00 16.75 ? 3   LEU A CD2 1 
ATOM   26   N  N   . VAL A 1 29  ? 0.860   7.812   2.232   1.00 16.84 ? 4   VAL A N   1 
ATOM   27   C  CA  . VAL A 1 29  ? 0.100   6.613   1.945   1.00 15.98 ? 4   VAL A CA  1 
ATOM   28   C  C   . VAL A 1 29  ? 1.028   5.520   1.433   1.00 16.49 ? 4   VAL A C   1 
ATOM   29   O  O   . VAL A 1 29  ? 1.846   5.738   0.517   1.00 16.29 ? 4   VAL A O   1 
ATOM   30   C  CB  . VAL A 1 29  ? -1.030  6.898   0.904   1.00 16.94 ? 4   VAL A CB  1 
ATOM   31   C  CG1 . VAL A 1 29  ? -1.726  5.566   0.486   1.00 13.35 ? 4   VAL A CG1 1 
ATOM   32   C  CG2 . VAL A 1 29  ? -2.059  7.913   1.479   1.00 14.60 ? 4   VAL A CG2 1 
ATOM   33   N  N   . VAL A 1 30  ? 0.897   4.337   2.022   1.00 16.40 ? 5   VAL A N   1 
ATOM   34   C  CA  . VAL A 1 30  ? 1.629   3.173   1.540   1.00 15.38 ? 5   VAL A CA  1 
ATOM   35   C  C   . VAL A 1 30  ? 0.602   2.162   1.029   1.00 16.23 ? 5   VAL A C   1 
ATOM   36   O  O   . VAL A 1 30  ? -0.335  1.761   1.755   1.00 15.85 ? 5   VAL A O   1 
ATOM   37   C  CB  . VAL A 1 30  ? 2.573   2.555   2.635   1.00 15.37 ? 5   VAL A CB  1 
ATOM   38   C  CG1 . VAL A 1 30  ? 3.789   3.479   2.905   1.00 11.81 ? 5   VAL A CG1 1 
ATOM   39   C  CG2 . VAL A 1 30  ? 1.821   2.208   3.954   1.00 13.49 ? 5   VAL A CG2 1 
ATOM   40   N  N   . ASP A 1 31  ? 0.737   1.770   -0.233  1.00 16.46 ? 6   ASP A N   1 
ATOM   41   C  CA  . ASP A 1 31  ? -0.127  0.737   -0.750  1.00 17.10 ? 6   ASP A CA  1 
ATOM   42   C  C   . ASP A 1 31  ? 0.456   -0.644  -0.420  1.00 17.79 ? 6   ASP A C   1 
ATOM   43   O  O   . ASP A 1 31  ? 1.465   -0.760  0.340   1.00 17.22 ? 6   ASP A O   1 
ATOM   44   C  CB  . ASP A 1 31  ? -0.438  0.939   -2.273  1.00 16.60 ? 6   ASP A CB  1 
ATOM   45   C  CG  . ASP A 1 31  ? 0.725   0.584   -3.198  1.00 17.68 ? 6   ASP A CG  1 
ATOM   46   O  OD1 . ASP A 1 31  ? 1.836   0.232   -2.749  1.00 18.03 ? 6   ASP A OD1 1 
ATOM   47   O  OD2 . ASP A 1 31  ? 0.521   0.657   -4.448  1.00 19.04 ? 6   ASP A OD2 1 
ATOM   48   N  N   . ALA A 1 32  ? -0.144  -1.671  -1.039  1.00 18.51 ? 7   ALA A N   1 
ATOM   49   C  CA  . ALA A 1 32  ? 0.135   -3.056  -0.718  1.00 19.22 ? 7   ALA A CA  1 
ATOM   50   C  C   . ALA A 1 32  ? 1.593   -3.422  -1.048  1.00 19.33 ? 7   ALA A C   1 
ATOM   51   O  O   . ALA A 1 32  ? 2.253   -4.079  -0.261  1.00 19.98 ? 7   ALA A O   1 
ATOM   52   C  CB  . ALA A 1 32  ? -0.860  -4.004  -1.451  1.00 18.16 ? 7   ALA A CB  1 
ATOM   53   N  N   . SER A 1 33  ? 2.086   -2.980  -2.199  1.00 20.07 ? 8   SER A N   1 
ATOM   54   C  CA  . SER A 1 33  ? 3.479   -3.244  -2.598  1.00 19.77 ? 8   SER A CA  1 
ATOM   55   C  C   . SER A 1 33  ? 4.429   -2.576  -1.616  1.00 19.10 ? 8   SER A C   1 
ATOM   56   O  O   . SER A 1 33  ? 5.475   -3.121  -1.322  1.00 18.71 ? 8   SER A O   1 
ATOM   57   C  CB  . SER A 1 33  ? 3.762   -2.745  -4.044  1.00 20.43 ? 8   SER A CB  1 
ATOM   58   O  OG  . SER A 1 33  ? 3.720   -1.308  -4.121  1.00 22.55 ? 8   SER A OG  1 
ATOM   59   N  N   . ALA A 1 34  ? 4.055   -1.401  -1.093  1.00 18.65 ? 9   ALA A N   1 
ATOM   60   C  CA  . ALA A 1 34  ? 4.952   -0.691  -0.166  1.00 18.77 ? 9   ALA A CA  1 
ATOM   61   C  C   . ALA A 1 34  ? 4.948   -1.354  1.228   1.00 18.60 ? 9   ALA A C   1 
ATOM   62   O  O   . ALA A 1 34  ? 5.991   -1.513  1.847   1.00 18.48 ? 9   ALA A O   1 
ATOM   63   C  CB  . ALA A 1 34  ? 4.613   0.797   -0.079  1.00 17.52 ? 9   ALA A CB  1 
ATOM   64   N  N   . ILE A 1 35  ? 3.768   -1.754  1.707   1.00 19.19 ? 10  ILE A N   1 
ATOM   65   C  CA  . ILE A 1 35  ? 3.678   -2.486  2.962   1.00 18.24 ? 10  ILE A CA  1 
ATOM   66   C  C   . ILE A 1 35  ? 4.494   -3.797  2.903   1.00 19.44 ? 10  ILE A C   1 
ATOM   67   O  O   . ILE A 1 35  ? 5.256   -4.106  3.850   1.00 19.13 ? 10  ILE A O   1 
ATOM   68   C  CB  . ILE A 1 35  ? 2.213   -2.759  3.315   1.00 18.82 ? 10  ILE A CB  1 
ATOM   69   C  CG1 . ILE A 1 35  ? 1.483   -1.416  3.556   1.00 17.08 ? 10  ILE A CG1 1 
ATOM   70   C  CG2 . ILE A 1 35  ? 2.105   -3.755  4.517   1.00 14.99 ? 10  ILE A CG2 1 
ATOM   71   C  CD1 . ILE A 1 35  ? -0.006  -1.532  3.815   1.00 16.69 ? 10  ILE A CD1 1 
ATOM   72   N  N   . ALA A 1 36  ? 4.369   -4.528  1.789   1.00 20.12 ? 11  ALA A N   1 
ATOM   73   C  CA  . ALA A 1 36  ? 5.116   -5.789  1.581   1.00 21.89 ? 11  ALA A CA  1 
ATOM   74   C  C   . ALA A 1 36  ? 6.616   -5.644  1.791   1.00 22.29 ? 11  ALA A C   1 
ATOM   75   O  O   . ALA A 1 36  ? 7.258   -6.527  2.351   1.00 24.10 ? 11  ALA A O   1 
ATOM   76   C  CB  . ALA A 1 36  ? 4.840   -6.359  0.179   1.00 22.31 ? 11  ALA A CB  1 
ATOM   77   N  N   . ALA A 1 37  ? 7.166   -4.514  1.370   1.00 22.49 ? 12  ALA A N   1 
ATOM   78   C  CA  . ALA A 1 37  ? 8.591   -4.239  1.535   1.00 22.35 ? 12  ALA A CA  1 
ATOM   79   C  C   . ALA A 1 37  ? 8.969   -3.788  2.958   1.00 22.57 ? 12  ALA A C   1 
ATOM   80   O  O   . ALA A 1 37  ? 10.152  -3.708  3.270   1.00 23.26 ? 12  ALA A O   1 
ATOM   81   C  CB  . ALA A 1 37  ? 9.042   -3.190  0.495   1.00 21.44 ? 12  ALA A CB  1 
ATOM   82   N  N   . LEU A 1 38  ? 7.989   -3.492  3.814   1.00 22.86 ? 13  LEU A N   1 
ATOM   83   C  CA  . LEU A 1 38  ? 8.295   -2.947  5.146   1.00 23.65 ? 13  LEU A CA  1 
ATOM   84   C  C   . LEU A 1 38  ? 7.992   -3.841  6.315   1.00 24.61 ? 13  LEU A C   1 
ATOM   85   O  O   . LEU A 1 38  ? 8.645   -3.722  7.340   1.00 25.25 ? 13  LEU A O   1 
ATOM   86   C  CB  . LEU A 1 38  ? 7.589   -1.595  5.401   1.00 22.80 ? 13  LEU A CB  1 
ATOM   87   C  CG  . LEU A 1 38  ? 7.986   -0.383  4.541   1.00 21.23 ? 13  LEU A CG  1 
ATOM   88   C  CD1 . LEU A 1 38  ? 6.854   0.662   4.632   1.00 23.08 ? 13  LEU A CD1 1 
ATOM   89   C  CD2 . LEU A 1 38  ? 9.357   0.198   4.923   1.00 18.05 ? 13  LEU A CD2 1 
ATOM   90   N  N   . TYR A 1 39  ? 6.985   -4.698  6.193   1.00 25.31 ? 14  TYR A N   1 
ATOM   91   C  CA  . TYR A 1 39  ? 6.456   -5.361  7.375   1.00 26.52 ? 14  TYR A CA  1 
ATOM   92   C  C   . TYR A 1 39  ? 7.343   -6.525  7.788   1.00 28.37 ? 14  TYR A C   1 
ATOM   93   O  O   . TYR A 1 39  ? 7.246   -7.030  8.912   1.00 27.48 ? 14  TYR A O   1 
ATOM   94   C  CB  . TYR A 1 39  ? 4.992   -5.771  7.190   1.00 25.87 ? 14  TYR A CB  1 
ATOM   95   C  CG  . TYR A 1 39  ? 4.749   -7.105  6.507   1.00 25.85 ? 14  TYR A CG  1 
ATOM   96   C  CD1 . TYR A 1 39  ? 4.722   -7.215  5.109   1.00 24.43 ? 14  TYR A CD1 1 
ATOM   97   C  CD2 . TYR A 1 39  ? 4.491   -8.239  7.262   1.00 24.93 ? 14  TYR A CD2 1 
ATOM   98   C  CE1 . TYR A 1 39  ? 4.482   -8.456  4.490   1.00 26.10 ? 14  TYR A CE1 1 
ATOM   99   C  CE2 . TYR A 1 39  ? 4.235   -9.457  6.673   1.00 25.19 ? 14  TYR A CE2 1 
ATOM   100  C  CZ  . TYR A 1 39  ? 4.231   -9.561  5.286   1.00 26.12 ? 14  TYR A CZ  1 
ATOM   101  O  OH  . TYR A 1 39  ? 3.980   -10.775 4.734   1.00 27.29 ? 14  TYR A OH  1 
ATOM   102  N  N   . VAL A 1 40  ? 8.209   -6.920  6.854   1.00 30.47 ? 15  VAL A N   1 
ATOM   103  C  CA  . VAL A 1 40  ? 9.263   -7.879  7.081   1.00 32.77 ? 15  VAL A CA  1 
ATOM   104  C  C   . VAL A 1 40  ? 10.555  -7.345  6.446   1.00 34.69 ? 15  VAL A C   1 
ATOM   105  O  O   . VAL A 1 40  ? 10.498  -6.537  5.498   1.00 33.70 ? 15  VAL A O   1 
ATOM   106  C  CB  . VAL A 1 40  ? 8.920   -9.287  6.456   1.00 33.65 ? 15  VAL A CB  1 
ATOM   107  C  CG1 . VAL A 1 40  ? 7.791   -9.986  7.252   1.00 34.48 ? 15  VAL A CG1 1 
ATOM   108  C  CG2 . VAL A 1 40  ? 8.606   -9.185  4.941   1.00 32.07 ? 15  VAL A CG2 1 
ATOM   109  N  N   . PRO A 1 41  ? 11.726  -7.829  6.935   1.00 36.63 ? 16  PRO A N   1 
ATOM   110  C  CA  . PRO A 1 41  ? 12.995  -7.427  6.323   1.00 38.35 ? 16  PRO A CA  1 
ATOM   111  C  C   . PRO A 1 41  ? 12.922  -7.606  4.799   1.00 40.16 ? 16  PRO A C   1 
ATOM   112  O  O   . PRO A 1 41  ? 12.563  -8.695  4.305   1.00 40.59 ? 16  PRO A O   1 
ATOM   113  C  CB  . PRO A 1 41  ? 14.017  -8.396  6.940   1.00 38.24 ? 16  PRO A CB  1 
ATOM   114  C  CG  . PRO A 1 41  ? 13.412  -8.849  8.216   1.00 37.38 ? 16  PRO A CG  1 
ATOM   115  C  CD  . PRO A 1 41  ? 11.916  -8.807  8.030   1.00 36.74 ? 16  PRO A CD  1 
ATOM   116  N  N   . GLU A 1 42  ? 13.210  -6.526  4.075   1.00 42.05 ? 17  GLU A N   1 
ATOM   117  C  CA  . GLU A 1 42  ? 13.147  -6.508  2.614   1.00 43.92 ? 17  GLU A CA  1 
ATOM   118  C  C   . GLU A 1 42  ? 14.042  -5.395  2.068   1.00 44.32 ? 17  GLU A C   1 
ATOM   119  O  O   . GLU A 1 42  ? 14.319  -4.419  2.763   1.00 44.48 ? 17  GLU A O   1 
ATOM   120  C  CB  . GLU A 1 42  ? 11.698  -6.332  2.093   1.00 44.41 ? 17  GLU A CB  1 
ATOM   121  C  CG  . GLU A 1 42  ? 10.722  -7.554  2.239   1.00 46.91 ? 17  GLU A CG  1 
ATOM   122  C  CD  . GLU A 1 42  ? 11.065  -8.794  1.368   1.00 49.94 ? 17  GLU A CD  1 
ATOM   123  O  OE1 . GLU A 1 42  ? 12.165  -8.839  0.760   1.00 49.86 ? 17  GLU A OE1 1 
ATOM   124  O  OE2 . GLU A 1 42  ? 10.219  -9.733  1.302   1.00 50.62 ? 17  GLU A OE2 1 
ATOM   125  N  N   . GLU A 1 43  ? 14.515  -5.563  0.830   1.00 45.02 ? 18  GLU A N   1 
ATOM   126  C  CA  . GLU A 1 43  ? 15.340  -4.550  0.175   1.00 45.08 ? 18  GLU A CA  1 
ATOM   127  C  C   . GLU A 1 43  ? 14.454  -3.396  -0.287  1.00 45.03 ? 18  GLU A C   1 
ATOM   128  O  O   . GLU A 1 43  ? 13.329  -3.607  -0.770  1.00 45.33 ? 18  GLU A O   1 
ATOM   129  C  CB  . GLU A 1 43  ? 16.128  -5.150  -1.003  1.00 45.40 ? 18  GLU A CB  1 
ATOM   130  N  N   . ARG A 1 44  ? 14.951  -2.176  -0.103  1.00 44.57 ? 19  ARG A N   1 
ATOM   131  C  CA  . ARG A 1 44  ? 14.196  -0.972  -0.447  1.00 43.83 ? 19  ARG A CA  1 
ATOM   132  C  C   . ARG A 1 44  ? 15.134  0.064   -1.033  1.00 43.38 ? 19  ARG A C   1 
ATOM   133  O  O   . ARG A 1 44  ? 16.282  0.192   -0.605  1.00 42.85 ? 19  ARG A O   1 
ATOM   134  C  CB  . ARG A 1 44  ? 13.528  -0.380  0.799   1.00 43.77 ? 19  ARG A CB  1 
ATOM   135  C  CG  . ARG A 1 44  ? 12.947  -1.406  1.757   1.00 43.73 ? 19  ARG A CG  1 
ATOM   136  C  CD  . ARG A 1 44  ? 12.697  -0.830  3.139   1.00 42.93 ? 19  ARG A CD  1 
ATOM   137  N  NE  . ARG A 1 44  ? 12.180  -1.862  4.026   1.00 42.04 ? 19  ARG A NE  1 
ATOM   138  C  CZ  . ARG A 1 44  ? 12.791  -2.300  5.120   1.00 42.19 ? 19  ARG A CZ  1 
ATOM   139  N  NH1 . ARG A 1 44  ? 13.962  -1.784  5.497   1.00 41.39 ? 19  ARG A NH1 1 
ATOM   140  N  NH2 . ARG A 1 44  ? 12.215  -3.252  5.849   1.00 41.51 ? 19  ARG A NH2 1 
ATOM   141  N  N   . SER A 1 45  ? 14.631  0.817   -2.005  1.00 43.15 ? 20  SER A N   1 
ATOM   142  C  CA  . SER A 1 45  ? 15.377  1.946   -2.565  1.00 42.98 ? 20  SER A CA  1 
ATOM   143  C  C   . SER A 1 45  ? 15.681  2.943   -1.453  1.00 42.81 ? 20  SER A C   1 
ATOM   144  O  O   . SER A 1 45  ? 14.911  3.062   -0.479  1.00 43.39 ? 20  SER A O   1 
ATOM   145  C  CB  . SER A 1 45  ? 14.558  2.633   -3.662  1.00 43.05 ? 20  SER A CB  1 
ATOM   146  O  OG  . SER A 1 45  ? 13.273  3.030   -3.190  1.00 42.96 ? 20  SER A OG  1 
ATOM   147  N  N   . GLU A 1 46  ? 16.794  3.652   -1.580  1.00 42.14 ? 21  GLU A N   1 
ATOM   148  C  CA  . GLU A 1 46  ? 17.066  4.769   -0.684  1.00 41.65 ? 21  GLU A CA  1 
ATOM   149  C  C   . GLU A 1 46  ? 15.869  5.733   -0.709  1.00 41.12 ? 21  GLU A C   1 
ATOM   150  O  O   . GLU A 1 46  ? 15.486  6.269   0.326   1.00 41.25 ? 21  GLU A O   1 
ATOM   151  C  CB  . GLU A 1 46  ? 18.359  5.490   -1.070  1.00 41.59 ? 21  GLU A CB  1 
ATOM   152  N  N   . GLN A 1 47  ? 15.270  5.910   -1.889  1.00 40.34 ? 22  GLN A N   1 
ATOM   153  C  CA  . GLN A 1 47  ? 14.119  6.796   -2.078  1.00 39.41 ? 22  GLN A CA  1 
ATOM   154  C  C   . GLN A 1 47  ? 12.901  6.389   -1.212  1.00 38.86 ? 22  GLN A C   1 
ATOM   155  O  O   . GLN A 1 47  ? 12.296  7.247   -0.527  1.00 38.52 ? 22  GLN A O   1 
ATOM   156  C  CB  . GLN A 1 47  ? 13.730  6.864   -3.565  1.00 39.67 ? 22  GLN A CB  1 
ATOM   157  C  CG  . GLN A 1 47  ? 14.743  7.593   -4.462  1.00 39.88 ? 22  GLN A CG  1 
ATOM   158  N  N   . ALA A 1 48  ? 12.559  5.094   -1.249  1.00 37.35 ? 23  ALA A N   1 
ATOM   159  C  CA  . ALA A 1 48  ? 11.485  4.531   -0.436  1.00 35.87 ? 23  ALA A CA  1 
ATOM   160  C  C   . ALA A 1 48  ? 11.770  4.765   1.056   1.00 35.09 ? 23  ALA A C   1 
ATOM   161  O  O   . ALA A 1 48  ? 10.897  5.224   1.809   1.00 34.50 ? 23  ALA A O   1 
ATOM   162  C  CB  . ALA A 1 48  ? 11.311  3.038   -0.738  1.00 35.70 ? 23  ALA A CB  1 
ATOM   163  N  N   . GLU A 1 49  ? 13.009  4.498   1.461   1.00 33.83 ? 24  GLU A N   1 
ATOM   164  C  CA  . GLU A 1 49  ? 13.394  4.591   2.865   1.00 32.88 ? 24  GLU A CA  1 
ATOM   165  C  C   . GLU A 1 49  ? 13.283  5.991   3.393   1.00 31.62 ? 24  GLU A C   1 
ATOM   166  O  O   . GLU A 1 49  ? 12.797  6.173   4.510   1.00 31.78 ? 24  GLU A O   1 
ATOM   167  C  CB  . GLU A 1 49  ? 14.803  4.036   3.124   1.00 33.48 ? 24  GLU A CB  1 
ATOM   168  C  CG  . GLU A 1 49  ? 14.781  2.522   3.312   1.00 35.68 ? 24  GLU A CG  1 
ATOM   169  C  CD  . GLU A 1 49  ? 15.674  2.033   4.444   1.00 39.09 ? 24  GLU A CD  1 
ATOM   170  O  OE1 . GLU A 1 49  ? 16.379  2.852   5.094   1.00 38.60 ? 24  GLU A OE1 1 
ATOM   171  O  OE2 . GLU A 1 49  ? 15.649  0.803   4.686   1.00 41.26 ? 24  GLU A OE2 1 
ATOM   172  N  N   . ARG A 1 50  ? 13.713  6.970   2.589   1.00 29.57 ? 25  ARG A N   1 
ATOM   173  C  CA  . ARG A 1 50  ? 13.684  8.382   2.978   1.00 28.09 ? 25  ARG A CA  1 
ATOM   174  C  C   . ARG A 1 50  ? 12.264  8.873   3.116   1.00 26.76 ? 25  ARG A C   1 
ATOM   175  O  O   . ARG A 1 50  ? 11.965  9.661   4.014   1.00 26.65 ? 25  ARG A O   1 
ATOM   176  C  CB  . ARG A 1 50  ? 14.457  9.283   1.981   1.00 28.64 ? 25  ARG A CB  1 
ATOM   177  N  N   . ALA A 1 51  ? 11.394  8.430   2.215   1.00 25.42 ? 26  ALA A N   1 
ATOM   178  C  CA  . ALA A 1 51  ? 9.977   8.805   2.296   1.00 24.63 ? 26  ALA A CA  1 
ATOM   179  C  C   . ALA A 1 51  ? 9.342   8.295   3.601   1.00 23.70 ? 26  ALA A C   1 
ATOM   180  O  O   . ALA A 1 51  ? 8.746   9.079   4.342   1.00 24.76 ? 26  ALA A O   1 
ATOM   181  C  CB  . ALA A 1 51  ? 9.196   8.319   1.054   1.00 24.05 ? 26  ALA A CB  1 
ATOM   182  N  N   . VAL A 1 52  ? 9.485   7.000   3.879   1.00 22.55 ? 27  VAL A N   1 
ATOM   183  C  CA  . VAL A 1 52  ? 8.985   6.371   5.128   1.00 21.70 ? 27  VAL A CA  1 
ATOM   184  C  C   . VAL A 1 52  ? 9.601   7.006   6.381   1.00 22.06 ? 27  VAL A C   1 
ATOM   185  O  O   . VAL A 1 52  ? 8.907   7.311   7.361   1.00 21.41 ? 27  VAL A O   1 
ATOM   186  C  CB  . VAL A 1 52  ? 9.222   4.838   5.104   1.00 21.44 ? 27  VAL A CB  1 
ATOM   187  C  CG1 . VAL A 1 52  ? 8.700   4.142   6.376   1.00 20.74 ? 27  VAL A CG1 1 
ATOM   188  C  CG2 . VAL A 1 52  ? 8.579   4.233   3.869   1.00 20.33 ? 27  VAL A CG2 1 
ATOM   189  N  N   . SER A 1 53  ? 10.902  7.234   6.320   1.00 22.56 ? 28  SER A N   1 
ATOM   190  C  CA  . SER A 1 53  ? 11.647  7.814   7.412   1.00 23.69 ? 28  SER A CA  1 
ATOM   191  C  C   . SER A 1 53  ? 11.121  9.205   7.770   1.00 24.23 ? 28  SER A C   1 
ATOM   192  O  O   . SER A 1 53  ? 10.887  9.509   8.946   1.00 24.43 ? 28  SER A O   1 
ATOM   193  C  CB  . SER A 1 53  ? 13.120  7.884   7.043   1.00 23.21 ? 28  SER A CB  1 
ATOM   194  O  OG  . SER A 1 53  ? 13.884  8.304   8.153   1.00 25.86 ? 28  SER A OG  1 
ATOM   195  N  N   . GLN A 1 54  ? 10.881  10.020  6.744   1.00 24.63 ? 29  GLN A N   1 
ATOM   196  C  CA  . GLN A 1 54  ? 10.507  11.430  6.916   1.00 24.48 ? 29  GLN A CA  1 
ATOM   197  C  C   . GLN A 1 54  ? 9.007   11.667  7.117   1.00 23.73 ? 29  GLN A C   1 
ATOM   198  O  O   . GLN A 1 54  ? 8.602   12.756  7.565   1.00 23.79 ? 29  GLN A O   1 
ATOM   199  C  CB  . GLN A 1 54  ? 11.020  12.226  5.726   1.00 24.60 ? 29  GLN A CB  1 
ATOM   200  C  CG  . GLN A 1 54  ? 12.561  12.377  5.765   1.00 26.49 ? 29  GLN A CG  1 
ATOM   201  C  CD  . GLN A 1 54  ? 13.141  13.084  4.534   1.00 26.98 ? 29  GLN A CD  1 
ATOM   202  O  OE1 . GLN A 1 54  ? 14.239  13.610  4.591   1.00 32.40 ? 29  GLN A OE1 1 
ATOM   203  N  NE2 . GLN A 1 54  ? 12.412  13.079  3.423   1.00 30.83 ? 29  GLN A NE2 1 
ATOM   204  N  N   . ALA A 1 55  ? 8.184   10.661  6.805   1.00 21.96 ? 30  ALA A N   1 
ATOM   205  C  CA  . ALA A 1 55  ? 6.743   10.822  6.877   1.00 20.79 ? 30  ALA A CA  1 
ATOM   206  C  C   . ALA A 1 55  ? 6.331   11.208  8.294   1.00 20.97 ? 30  ALA A C   1 
ATOM   207  O  O   . ALA A 1 55  ? 6.901   10.716  9.280   1.00 19.75 ? 30  ALA A O   1 
ATOM   208  C  CB  . ALA A 1 55  ? 6.037   9.549   6.465   1.00 20.01 ? 30  ALA A CB  1 
ATOM   209  N  N   . GLN A 1 56  ? 5.326   12.080  8.381   1.00 21.06 ? 31  GLN A N   1 
ATOM   210  C  CA  . GLN A 1 56  ? 4.687   12.414  9.634   1.00 21.13 ? 31  GLN A CA  1 
ATOM   211  C  C   . GLN A 1 56  ? 4.021   11.149  10.160  1.00 20.50 ? 31  GLN A C   1 
ATOM   212  O  O   . GLN A 1 56  ? 4.184   10.753  11.313  1.00 19.24 ? 31  GLN A O   1 
ATOM   213  C  CB  . GLN A 1 56  ? 3.645   13.510  9.388   1.00 22.02 ? 31  GLN A CB  1 
ATOM   214  C  CG  . GLN A 1 56  ? 2.582   13.632  10.477  1.00 24.87 ? 31  GLN A CG  1 
ATOM   215  C  CD  . GLN A 1 56  ? 3.128   14.298  11.723  1.00 32.36 ? 31  GLN A CD  1 
ATOM   216  O  OE1 . GLN A 1 56  ? 2.530   14.217  12.804  1.00 35.94 ? 31  GLN A OE1 1 
ATOM   217  N  NE2 . GLN A 1 56  ? 4.272   14.961  11.585  1.00 31.04 ? 31  GLN A NE2 1 
ATOM   218  N  N   . GLU A 1 57  ? 3.287   10.495  9.279   1.00 19.68 ? 32  GLU A N   1 
ATOM   219  C  CA  . GLU A 1 57  ? 2.585   9.278   9.647   1.00 19.87 ? 32  GLU A CA  1 
ATOM   220  C  C   . GLU A 1 57  ? 2.353   8.418   8.404   1.00 17.86 ? 32  GLU A C   1 
ATOM   221  O  O   . GLU A 1 57  ? 2.284   8.953   7.292   1.00 17.69 ? 32  GLU A O   1 
ATOM   222  C  CB  . GLU A 1 57  ? 1.265   9.655   10.316  1.00 20.50 ? 32  GLU A CB  1 
ATOM   223  C  CG  . GLU A 1 57  ? 0.549   8.440   10.918  1.00 26.13 ? 32  GLU A CG  1 
ATOM   224  C  CD  . GLU A 1 57  ? -0.711  8.814   11.678  1.00 29.37 ? 32  GLU A CD  1 
ATOM   225  O  OE1 . GLU A 1 57  ? -1.186  9.972   11.517  1.00 28.96 ? 32  GLU A OE1 1 
ATOM   226  O  OE2 . GLU A 1 57  ? -1.205  7.926   12.418  1.00 30.59 ? 32  GLU A OE2 1 
ATOM   227  N  N   . LEU A 1 58  ? 2.295   7.107   8.578   1.00 16.56 ? 33  LEU A N   1 
ATOM   228  C  CA  . LEU A 1 58  ? 1.936   6.198   7.462   1.00 16.61 ? 33  LEU A CA  1 
ATOM   229  C  C   . LEU A 1 58  ? 0.448   5.913   7.452   1.00 16.19 ? 33  LEU A C   1 
ATOM   230  O  O   . LEU A 1 58  ? -0.146  5.683   8.507   1.00 16.82 ? 33  LEU A O   1 
ATOM   231  C  CB  . LEU A 1 58  ? 2.712   4.862   7.517   1.00 15.86 ? 33  LEU A CB  1 
ATOM   232  C  CG  . LEU A 1 58  ? 4.260   4.898   7.585   1.00 15.94 ? 33  LEU A CG  1 
ATOM   233  C  CD1 . LEU A 1 58  ? 4.886   3.517   7.345   1.00 12.43 ? 33  LEU A CD1 1 
ATOM   234  C  CD2 . LEU A 1 58  ? 4.858   5.963   6.637   1.00 15.51 ? 33  LEU A CD2 1 
ATOM   235  N  N   . HIS A 1 59  ? -0.144  5.908   6.251   1.00 15.85 ? 34  HIS A N   1 
ATOM   236  C  CA  . HIS A 1 59  ? -1.573  5.703   6.047   1.00 15.64 ? 34  HIS A CA  1 
ATOM   237  C  C   . HIS A 1 59  ? -1.806  4.615   5.016   1.00 16.05 ? 34  HIS A C   1 
ATOM   238  O  O   . HIS A 1 59  ? -1.038  4.475   4.067   1.00 17.48 ? 34  HIS A O   1 
ATOM   239  C  CB  . HIS A 1 59  ? -2.193  6.960   5.473   1.00 14.42 ? 34  HIS A CB  1 
ATOM   240  C  CG  . HIS A 1 59  ? -2.032  8.153   6.346   1.00 16.25 ? 34  HIS A CG  1 
ATOM   241  N  ND1 . HIS A 1 59  ? -3.073  8.657   7.099   1.00 16.14 ? 34  HIS A ND1 1 
ATOM   242  C  CD2 . HIS A 1 59  ? -0.975  8.973   6.555   1.00 13.78 ? 34  HIS A CD2 1 
ATOM   243  C  CE1 . HIS A 1 59  ? -2.659  9.732   7.748   1.00 15.73 ? 34  HIS A CE1 1 
ATOM   244  N  NE2 . HIS A 1 59  ? -1.390  9.942   7.437   1.00 17.84 ? 34  HIS A NE2 1 
ATOM   245  N  N   . THR A 1 60  ? -2.895  3.879   5.162   1.00 16.03 ? 35  THR A N   1 
ATOM   246  C  CA  . THR A 1 60  ? -3.267  2.917   4.139   1.00 15.54 ? 35  THR A CA  1 
ATOM   247  C  C   . THR A 1 60  ? -4.763  2.679   4.187   1.00 15.33 ? 35  THR A C   1 
ATOM   248  O  O   . THR A 1 60  ? -5.459  3.324   4.969   1.00 15.70 ? 35  THR A O   1 
ATOM   249  C  CB  . THR A 1 60  ? -2.474  1.579   4.293   1.00 15.31 ? 35  THR A CB  1 
ATOM   250  O  OG1 . THR A 1 60  ? -2.489  0.882   3.040   1.00 14.77 ? 35  THR A OG1 1 
ATOM   251  C  CG2 . THR A 1 60  ? -3.033  0.680   5.497   1.00 15.27 ? 35  THR A CG2 1 
ATOM   252  N  N   . LEU A 1 61  ? -5.235  1.750   3.359   1.00 14.52 ? 36  LEU A N   1 
ATOM   253  C  CA  . LEU A 1 61  ? -6.626  1.389   3.287   1.00 14.90 ? 36  LEU A CA  1 
ATOM   254  C  C   . LEU A 1 61  ? -6.842  -0.001  3.841   1.00 16.02 ? 36  LEU A C   1 
ATOM   255  O  O   . LEU A 1 61  ? -5.961  -0.863  3.726   1.00 17.42 ? 36  LEU A O   1 
ATOM   256  C  CB  . LEU A 1 61  ? -7.103  1.315   1.828   1.00 13.59 ? 36  LEU A CB  1 
ATOM   257  C  CG  . LEU A 1 61  ? -7.138  2.676   1.141   1.00 14.98 ? 36  LEU A CG  1 
ATOM   258  C  CD1 . LEU A 1 61  ? -7.334  2.532   -0.346  1.00 12.03 ? 36  LEU A CD1 1 
ATOM   259  C  CD2 . LEU A 1 61  ? -8.191  3.630   1.794   1.00 13.44 ? 36  LEU A CD2 1 
ATOM   260  N  N   . ASP A 1 62  ? -8.046  -0.211  4.368   1.00 15.31 ? 37  ASP A N   1 
ATOM   261  C  CA  . ASP A 1 62  ? -8.550  -1.523  4.697   1.00 16.04 ? 37  ASP A CA  1 
ATOM   262  C  C   . ASP A 1 62  ? -8.243  -2.560  3.605   1.00 15.63 ? 37  ASP A C   1 
ATOM   263  O  O   . ASP A 1 62  ? -7.856  -3.697  3.901   1.00 14.43 ? 37  ASP A O   1 
ATOM   264  C  CB  . ASP A 1 62  ? -10.068 -1.450  5.000   1.00 16.67 ? 37  ASP A CB  1 
ATOM   265  C  CG  . ASP A 1 62  ? -10.878 -0.626  3.970   1.00 18.14 ? 37  ASP A CG  1 
ATOM   266  O  OD1 . ASP A 1 62  ? -10.406 -0.238  2.868   1.00 18.94 ? 37  ASP A OD1 1 
ATOM   267  O  OD2 . ASP A 1 62  ? -12.050 -0.367  4.290   1.00 20.83 ? 37  ASP A OD2 1 
ATOM   268  N  N   . LEU A 1 63  ? -8.372  -2.129  2.353   1.00 15.31 ? 38  LEU A N   1 
ATOM   269  C  CA  . LEU A 1 63  ? -8.098  -2.935  1.182   1.00 14.56 ? 38  LEU A CA  1 
ATOM   270  C  C   . LEU A 1 63  ? -6.713  -3.590  1.207   1.00 16.20 ? 38  LEU A C   1 
ATOM   271  O  O   . LEU A 1 63  ? -6.577  -4.753  0.840   1.00 16.68 ? 38  LEU A O   1 
ATOM   272  C  CB  . LEU A 1 63  ? -8.236  -2.062  -0.087  1.00 14.21 ? 38  LEU A CB  1 
ATOM   273  C  CG  . LEU A 1 63  ? -7.846  -2.669  -1.448  1.00 14.19 ? 38  LEU A CG  1 
ATOM   274  C  CD1 . LEU A 1 63  ? -8.762  -3.918  -1.860  1.00 14.19 ? 38  LEU A CD1 1 
ATOM   275  C  CD2 . LEU A 1 63  ? -7.934  -1.634  -2.553  1.00 12.69 ? 38  LEU A CD2 1 
ATOM   276  N  N   . ALA A 1 64  ? -5.686  -2.847  1.647   1.00 16.95 ? 39  ALA A N   1 
ATOM   277  C  CA  . ALA A 1 64  ? -4.291  -3.332  1.610   1.00 15.62 ? 39  ALA A CA  1 
ATOM   278  C  C   . ALA A 1 64  ? -4.090  -4.601  2.433   1.00 15.28 ? 39  ALA A C   1 
ATOM   279  O  O   . ALA A 1 64  ? -3.196  -5.392  2.136   1.00 15.69 ? 39  ALA A O   1 
ATOM   280  C  CB  . ALA A 1 64  ? -3.328  -2.227  2.156   1.00 14.57 ? 39  ALA A CB  1 
ATOM   281  N  N   . ALA A 1 65  ? -4.833  -4.738  3.527   1.00 14.14 ? 40  ALA A N   1 
ATOM   282  C  CA  . ALA A 1 65  ? -4.728  -5.950  4.366   1.00 14.66 ? 40  ALA A CA  1 
ATOM   283  C  C   . ALA A 1 65  ? -4.998  -7.200  3.530   1.00 14.95 ? 40  ALA A C   1 
ATOM   284  O  O   . ALA A 1 65  ? -4.231  -8.153  3.595   1.00 14.73 ? 40  ALA A O   1 
ATOM   285  C  CB  . ALA A 1 65  ? -5.692  -5.895  5.586   1.00 13.29 ? 40  ALA A CB  1 
ATOM   286  N  N   . TYR A 1 66  ? -6.071  -7.166  2.707   1.00 15.32 ? 41  TYR A N   1 
ATOM   287  C  CA  . TYR A 1 66  ? -6.453  -8.304  1.869   1.00 14.82 ? 41  TYR A CA  1 
ATOM   288  C  C   . TYR A 1 66  ? -5.422  -8.486  0.747   1.00 15.88 ? 41  TYR A C   1 
ATOM   289  O  O   . TYR A 1 66  ? -5.070  -9.615  0.371   1.00 16.23 ? 41  TYR A O   1 
ATOM   290  C  CB  . TYR A 1 66  ? -7.825  -8.046  1.233   1.00 14.31 ? 41  TYR A CB  1 
ATOM   291  C  CG  . TYR A 1 66  ? -9.005  -7.883  2.180   1.00 15.28 ? 41  TYR A CG  1 
ATOM   292  C  CD1 . TYR A 1 66  ? -9.596  -8.992  2.808   1.00 14.64 ? 41  TYR A CD1 1 
ATOM   293  C  CD2 . TYR A 1 66  ? -9.576  -6.635  2.398   1.00 13.14 ? 41  TYR A CD2 1 
ATOM   294  C  CE1 . TYR A 1 66  ? -10.720 -8.842  3.637   1.00 14.11 ? 41  TYR A CE1 1 
ATOM   295  C  CE2 . TYR A 1 66  ? -10.694 -6.490  3.222   1.00 12.22 ? 41  TYR A CE2 1 
ATOM   296  C  CZ  . TYR A 1 66  ? -11.244 -7.587  3.838   1.00 13.08 ? 41  TYR A CZ  1 
ATOM   297  O  OH  . TYR A 1 66  ? -12.345 -7.441  4.635   1.00 14.77 ? 41  TYR A OH  1 
ATOM   298  N  N   . GLU A 1 67  ? -4.959  -7.376  0.182   1.00 16.15 ? 42  GLU A N   1 
ATOM   299  C  CA  . GLU A 1 67  ? -4.033  -7.433  -0.939  1.00 17.26 ? 42  GLU A CA  1 
ATOM   300  C  C   . GLU A 1 67  ? -2.676  -8.007  -0.496  1.00 17.04 ? 42  GLU A C   1 
ATOM   301  O  O   . GLU A 1 67  ? -2.079  -8.858  -1.195  1.00 17.77 ? 42  GLU A O   1 
ATOM   302  C  CB  . GLU A 1 67  ? -3.844  -6.028  -1.573  1.00 16.86 ? 42  GLU A CB  1 
ATOM   303  C  CG  . GLU A 1 67  ? -5.073  -5.452  -2.305  1.00 17.49 ? 42  GLU A CG  1 
ATOM   304  C  CD  . GLU A 1 67  ? -4.795  -4.069  -2.913  1.00 20.36 ? 42  GLU A CD  1 
ATOM   305  O  OE1 . GLU A 1 67  ? -4.198  -3.184  -2.246  1.00 23.61 ? 42  GLU A OE1 1 
ATOM   306  O  OE2 . GLU A 1 67  ? -5.186  -3.845  -4.073  1.00 26.98 ? 42  GLU A OE2 1 
ATOM   307  N  N   . VAL A 1 68  ? -2.157  -7.521  0.633   1.00 17.36 ? 43  VAL A N   1 
ATOM   308  C  CA  . VAL A 1 68  ? -0.894  -8.097  1.132   1.00 17.77 ? 43  VAL A CA  1 
ATOM   309  C  C   . VAL A 1 68  ? -1.069  -9.587  1.481   1.00 17.66 ? 43  VAL A C   1 
ATOM   310  O  O   . VAL A 1 68  ? -0.225  -10.422 1.117   1.00 18.53 ? 43  VAL A O   1 
ATOM   311  C  CB  . VAL A 1 68  ? -0.284  -7.312  2.359   1.00 17.94 ? 43  VAL A CB  1 
ATOM   312  C  CG1 . VAL A 1 68  ? 1.080   -7.955  2.802   1.00 17.00 ? 43  VAL A CG1 1 
ATOM   313  C  CG2 . VAL A 1 68  ? -0.070  -5.837  2.019   1.00 15.93 ? 43  VAL A CG2 1 
ATOM   314  N  N   . ALA A 1 69  ? -2.124  -9.903  2.220   1.00 17.31 ? 44  ALA A N   1 
ATOM   315  C  CA  . ALA A 1 69  ? -2.410  -11.302 2.603   1.00 17.28 ? 44  ALA A CA  1 
ATOM   316  C  C   . ALA A 1 69  ? -2.519  -12.169 1.352   1.00 17.60 ? 44  ALA A C   1 
ATOM   317  O  O   . ALA A 1 69  ? -1.971  -13.278 1.309   1.00 17.42 ? 44  ALA A O   1 
ATOM   318  C  CB  . ALA A 1 69  ? -3.703  -11.396 3.409   1.00 15.91 ? 44  ALA A CB  1 
ATOM   319  N  N   . ASN A 1 70  ? -3.222  -11.664 0.322   1.00 18.28 ? 45  ASN A N   1 
ATOM   320  C  CA  . ASN A 1 70  ? -3.362  -12.463 -0.910  1.00 18.26 ? 45  ASN A CA  1 
ATOM   321  C  C   . ASN A 1 70  ? -2.013  -12.754 -1.590  1.00 18.20 ? 45  ASN A C   1 
ATOM   322  O  O   . ASN A 1 70  ? -1.761  -13.863 -2.016  1.00 18.00 ? 45  ASN A O   1 
ATOM   323  C  CB  . ASN A 1 70  ? -4.401  -11.852 -1.879  1.00 18.33 ? 45  ASN A CB  1 
ATOM   324  C  CG  . ASN A 1 70  ? -4.947  -12.882 -2.833  1.00 19.59 ? 45  ASN A CG  1 
ATOM   325  O  OD1 . ASN A 1 70  ? -5.694  -13.788 -2.387  1.00 18.47 ? 45  ASN A OD1 1 
ATOM   326  N  ND2 . ASN A 1 70  ? -4.563  -12.836 -4.018  1.00 18.85 ? 45  ASN A ND2 1 
ATOM   327  N  N   . ASP A 1 71  ? -1.122  -11.771 -1.633  1.00 19.61 ? 46  ASP A N   1 
ATOM   328  C  CA  . ASP A 1 71  ? 0.242   -11.934 -2.197  1.00 20.99 ? 46  ASP A CA  1 
ATOM   329  C  C   . ASP A 1 71  ? 1.055   -12.977 -1.386  1.00 21.27 ? 46  ASP A C   1 
ATOM   330  O  O   . ASP A 1 71  ? 1.773   -13.819 -1.955  1.00 19.82 ? 46  ASP A O   1 
ATOM   331  C  CB  . ASP A 1 71  ? 0.947   -10.572 -2.224  1.00 22.51 ? 46  ASP A CB  1 
ATOM   332  C  CG  . ASP A 1 71  ? 2.392   -10.647 -2.723  1.00 28.95 ? 46  ASP A CG  1 
ATOM   333  O  OD1 . ASP A 1 71  ? 2.576   -10.842 -3.940  1.00 36.14 ? 46  ASP A OD1 1 
ATOM   334  O  OD2 . ASP A 1 71  ? 3.361   -10.440 -1.929  1.00 33.91 ? 46  ASP A OD2 1 
ATOM   335  N  N   . LEU A 1 72  ? 0.884   -12.947 -0.057  1.00 20.26 ? 47  LEU A N   1 
ATOM   336  C  CA  . LEU A 1 72  ? 1.428   -13.980 0.832   1.00 19.93 ? 47  LEU A CA  1 
ATOM   337  C  C   . LEU A 1 72  ? 0.881   -15.394 0.501   1.00 18.63 ? 47  LEU A C   1 
ATOM   338  O  O   . LEU A 1 72  ? 1.620   -16.354 0.386   1.00 17.58 ? 47  LEU A O   1 
ATOM   339  C  CB  . LEU A 1 72  ? 1.120   -13.561 2.281   1.00 19.30 ? 47  LEU A CB  1 
ATOM   340  C  CG  . LEU A 1 72  ? 1.842   -14.231 3.431   1.00 22.00 ? 47  LEU A CG  1 
ATOM   341  C  CD1 . LEU A 1 72  ? 3.382   -14.087 3.245   1.00 16.36 ? 47  LEU A CD1 1 
ATOM   342  C  CD2 . LEU A 1 72  ? 1.344   -13.616 4.790   1.00 21.23 ? 47  LEU A CD2 1 
ATOM   343  N  N   . TRP A 1 73  ? -0.434  -15.501 0.333   1.00 18.35 ? 48  TRP A N   1 
ATOM   344  C  CA  . TRP A 1 73  ? -1.064  -16.745 -0.122  1.00 16.77 ? 48  TRP A CA  1 
ATOM   345  C  C   . TRP A 1 73  ? -0.454  -17.272 -1.443  1.00 16.69 ? 48  TRP A C   1 
ATOM   346  O  O   . TRP A 1 73  ? -0.136  -18.476 -1.575  1.00 16.97 ? 48  TRP A O   1 
ATOM   347  C  CB  . TRP A 1 73  ? -2.593  -16.535 -0.222  1.00 15.21 ? 48  TRP A CB  1 
ATOM   348  C  CG  . TRP A 1 73  ? -3.362  -17.660 -0.886  1.00 14.36 ? 48  TRP A CG  1 
ATOM   349  C  CD1 . TRP A 1 73  ? -3.701  -18.862 -0.332  1.00 14.72 ? 48  TRP A CD1 1 
ATOM   350  C  CD2 . TRP A 1 73  ? -3.885  -17.682 -2.225  1.00 13.77 ? 48  TRP A CD2 1 
ATOM   351  N  NE1 . TRP A 1 73  ? -4.423  -19.631 -1.232  1.00 16.05 ? 48  TRP A NE1 1 
ATOM   352  C  CE2 . TRP A 1 73  ? -4.555  -18.921 -2.400  1.00 15.09 ? 48  TRP A CE2 1 
ATOM   353  C  CE3 . TRP A 1 73  ? -3.857  -16.774 -3.290  1.00 14.85 ? 48  TRP A CE3 1 
ATOM   354  C  CZ2 . TRP A 1 73  ? -5.156  -19.279 -3.600  1.00 15.58 ? 48  TRP A CZ2 1 
ATOM   355  C  CZ3 . TRP A 1 73  ? -4.491  -17.120 -4.482  1.00 12.86 ? 48  TRP A CZ3 1 
ATOM   356  C  CH2 . TRP A 1 73  ? -5.146  -18.343 -4.617  1.00 15.07 ? 48  TRP A CH2 1 
ATOM   357  N  N   . LYS A 1 74  ? -0.280  -16.385 -2.412  1.00 16.69 ? 49  LYS A N   1 
ATOM   358  C  CA  . LYS A 1 74  ? 0.333   -16.777 -3.666  1.00 18.68 ? 49  LYS A CA  1 
ATOM   359  C  C   . LYS A 1 74  ? 1.725   -17.324 -3.451  1.00 17.96 ? 49  LYS A C   1 
ATOM   360  O  O   . LYS A 1 74  ? 2.080   -18.319 -4.058  1.00 17.68 ? 49  LYS A O   1 
ATOM   361  C  CB  . LYS A 1 74  ? 0.408   -15.630 -4.682  1.00 18.60 ? 49  LYS A CB  1 
ATOM   362  C  CG  . LYS A 1 74  ? -0.930  -15.316 -5.328  1.00 21.33 ? 49  LYS A CG  1 
ATOM   363  C  CD  . LYS A 1 74  ? -0.843  -14.036 -6.163  1.00 24.17 ? 49  LYS A CD  1 
ATOM   364  C  CE  . LYS A 1 74  ? -2.102  -13.878 -7.020  1.00 32.28 ? 49  LYS A CE  1 
ATOM   365  N  NZ  . LYS A 1 74  ? -2.171  -12.484 -7.648  1.00 35.79 ? 49  LYS A NZ  1 
ATOM   366  N  N   . HIS A 1 75  ? 2.521   -16.644 -2.631  1.00 18.17 ? 50  HIS A N   1 
ATOM   367  C  CA  . HIS A 1 75  ? 3.872   -17.088 -2.363  1.00 19.47 ? 50  HIS A CA  1 
ATOM   368  C  C   . HIS A 1 75  ? 3.906   -18.473 -1.726  1.00 18.93 ? 50  HIS A C   1 
ATOM   369  O  O   . HIS A 1 75  ? 4.729   -19.289 -2.102  1.00 19.78 ? 50  HIS A O   1 
ATOM   370  C  CB  . HIS A 1 75  ? 4.624   -16.084 -1.504  1.00 20.28 ? 50  HIS A CB  1 
ATOM   371  C  CG  . HIS A 1 75  ? 5.130   -14.906 -2.274  1.00 25.54 ? 50  HIS A CG  1 
ATOM   372  N  ND1 . HIS A 1 75  ? 4.299   -13.937 -2.778  1.00 29.55 ? 50  HIS A ND1 1 
ATOM   373  C  CD2 . HIS A 1 75  ? 6.380   -14.560 -2.655  1.00 32.28 ? 50  HIS A CD2 1 
ATOM   374  C  CE1 . HIS A 1 75  ? 5.005   -13.030 -3.424  1.00 31.60 ? 50  HIS A CE1 1 
ATOM   375  N  NE2 . HIS A 1 75  ? 6.275   -13.377 -3.353  1.00 36.88 ? 50  HIS A NE2 1 
ATOM   376  N  N   . ALA A 1 76  ? 3.002   -18.734 -0.782  1.00 19.00 ? 51  ALA A N   1 
ATOM   377  C  CA  . ALA A 1 76  ? 2.907   -20.042 -0.113  1.00 18.34 ? 51  ALA A CA  1 
ATOM   378  C  C   . ALA A 1 76  ? 2.524   -21.132 -1.117  1.00 17.66 ? 51  ALA A C   1 
ATOM   379  O  O   . ALA A 1 76  ? 3.170   -22.167 -1.209  1.00 18.53 ? 51  ALA A O   1 
ATOM   380  C  CB  . ALA A 1 76  ? 1.882   -19.985 1.023   1.00 18.20 ? 51  ALA A CB  1 
ATOM   381  N  N   . ARG A 1 77  ? 1.497   -20.880 -1.909  1.00 17.07 ? 52  ARG A N   1 
ATOM   382  C  CA  . ARG A 1 77  ? 1.000   -21.911 -2.816  1.00 16.99 ? 52  ARG A CA  1 
ATOM   383  C  C   . ARG A 1 77  ? 2.009   -22.203 -3.932  1.00 16.02 ? 52  ARG A C   1 
ATOM   384  O  O   . ARG A 1 77  ? 1.973   -23.275 -4.508  1.00 14.14 ? 52  ARG A O   1 
ATOM   385  C  CB  . ARG A 1 77  ? -0.402  -21.559 -3.376  1.00 16.24 ? 52  ARG A CB  1 
ATOM   386  C  CG  . ARG A 1 77  ? -0.425  -20.424 -4.350  1.00 16.17 ? 52  ARG A CG  1 
ATOM   387  C  CD  . ARG A 1 77  ? -1.855  -19.893 -4.595  1.00 20.05 ? 52  ARG A CD  1 
ATOM   388  N  NE  . ARG A 1 77  ? -2.822  -20.948 -4.919  1.00 23.38 ? 52  ARG A NE  1 
ATOM   389  C  CZ  . ARG A 1 77  ? -3.451  -21.099 -6.093  1.00 26.12 ? 52  ARG A CZ  1 
ATOM   390  N  NH1 . ARG A 1 77  ? -3.224  -20.255 -7.114  1.00 25.80 ? 52  ARG A NH1 1 
ATOM   391  N  NH2 . ARG A 1 77  ? -4.322  -22.113 -6.238  1.00 22.10 ? 52  ARG A NH2 1 
ATOM   392  N  N   . ARG A 1 78  ? 2.903   -21.250 -4.213  1.00 15.36 ? 53  ARG A N   1 
ATOM   393  C  CA  . ARG A 1 78  ? 3.927   -21.462 -5.243  1.00 16.10 ? 53  ARG A CA  1 
ATOM   394  C  C   . ARG A 1 78  ? 5.133   -22.169 -4.691  1.00 16.50 ? 53  ARG A C   1 
ATOM   395  O  O   . ARG A 1 78  ? 6.066   -22.460 -5.430  1.00 16.94 ? 53  ARG A O   1 
ATOM   396  C  CB  . ARG A 1 78  ? 4.325   -20.155 -5.949  1.00 16.41 ? 53  ARG A CB  1 
ATOM   397  C  CG  . ARG A 1 78  ? 3.200   -19.569 -6.830  1.00 15.19 ? 53  ARG A CG  1 
ATOM   398  C  CD  . ARG A 1 78  ? 3.551   -18.180 -7.323  1.00 15.30 ? 53  ARG A CD  1 
ATOM   399  N  NE  . ARG A 1 78  ? 2.382   -17.556 -7.932  1.00 16.92 ? 53  ARG A NE  1 
ATOM   400  C  CZ  . ARG A 1 78  ? 2.357   -16.339 -8.459  1.00 19.53 ? 53  ARG A CZ  1 
ATOM   401  N  NH1 . ARG A 1 78  ? 3.461   -15.625 -8.490  1.00 15.35 ? 53  ARG A NH1 1 
ATOM   402  N  NH2 . ARG A 1 78  ? 1.216   -15.844 -8.957  1.00 20.48 ? 53  ARG A NH2 1 
ATOM   403  N  N   . GLY A 1 79  ? 5.117   -22.446 -3.390  1.00 16.97 ? 54  GLY A N   1 
ATOM   404  C  CA  . GLY A 1 79  ? 6.172   -23.260 -2.784  1.00 17.58 ? 54  GLY A CA  1 
ATOM   405  C  C   . GLY A 1 79  ? 7.346   -22.437 -2.285  1.00 18.30 ? 54  GLY A C   1 
ATOM   406  O  O   . GLY A 1 79  ? 8.385   -22.994 -1.956  1.00 19.52 ? 54  GLY A O   1 
ATOM   407  N  N   . LEU A 1 80  ? 7.184   -21.114 -2.243  1.00 18.36 ? 55  LEU A N   1 
ATOM   408  C  CA  . LEU A 1 80  ? 8.246   -20.211 -1.809  1.00 19.67 ? 55  LEU A CA  1 
ATOM   409  C  C   . LEU A 1 80  ? 8.272   -20.054 -0.278  1.00 20.64 ? 55  LEU A C   1 
ATOM   410  O  O   . LEU A 1 80  ? 9.289   -19.692 0.298   1.00 19.74 ? 55  LEU A O   1 
ATOM   411  C  CB  . LEU A 1 80  ? 8.084   -18.821 -2.463  1.00 19.46 ? 55  LEU A CB  1 
ATOM   412  C  CG  . LEU A 1 80  ? 8.123   -18.776 -3.997  1.00 18.50 ? 55  LEU A CG  1 
ATOM   413  C  CD1 . LEU A 1 80  ? 7.903   -17.349 -4.470  1.00 18.26 ? 55  LEU A CD1 1 
ATOM   414  C  CD2 . LEU A 1 80  ? 9.402   -19.364 -4.583  1.00 15.05 ? 55  LEU A CD2 1 
ATOM   415  N  N   . LEU A 1 81  ? 7.134   -20.309 0.365   1.00 21.39 ? 56  LEU A N   1 
ATOM   416  C  CA  . LEU A 1 81  ? 7.043   -20.243 1.825   1.00 22.34 ? 56  LEU A CA  1 
ATOM   417  C  C   . LEU A 1 81  ? 6.387   -21.519 2.280   1.00 23.53 ? 56  LEU A C   1 
ATOM   418  O  O   . LEU A 1 81  ? 5.416   -21.980 1.632   1.00 23.29 ? 56  LEU A O   1 
ATOM   419  C  CB  . LEU A 1 81  ? 6.168   -19.045 2.266   1.00 21.67 ? 56  LEU A CB  1 
ATOM   420  C  CG  . LEU A 1 81  ? 6.643   -17.661 1.859   1.00 21.47 ? 56  LEU A CG  1 
ATOM   421  C  CD1 . LEU A 1 81  ? 5.527   -16.637 2.043   1.00 24.11 ? 56  LEU A CD1 1 
ATOM   422  C  CD2 . LEU A 1 81  ? 7.890   -17.256 2.665   1.00 23.67 ? 56  LEU A CD2 1 
ATOM   423  N  N   . ARG A 1 82  ? 6.899   -22.084 3.378   1.00 24.98 ? 57  ARG A N   1 
ATOM   424  C  CA  . ARG A 1 82  ? 6.151   -23.108 4.108   1.00 26.62 ? 57  ARG A CA  1 
ATOM   425  C  C   . ARG A 1 82  ? 4.842   -22.502 4.652   1.00 27.11 ? 57  ARG A C   1 
ATOM   426  O  O   . ARG A 1 82  ? 4.756   -21.290 4.904   1.00 27.08 ? 57  ARG A O   1 
ATOM   427  C  CB  . ARG A 1 82  ? 6.985   -23.693 5.241   1.00 26.44 ? 57  ARG A CB  1 
ATOM   428  C  CG  . ARG A 1 82  ? 8.137   -24.605 4.778   1.00 28.17 ? 57  ARG A CG  1 
ATOM   429  C  CD  . ARG A 1 82  ? 9.114   -24.927 5.937   1.00 29.47 ? 57  ARG A CD  1 
ATOM   430  N  NE  . ARG A 1 82  ? 9.375   -23.772 6.807   1.00 33.16 ? 57  ARG A NE  1 
ATOM   431  C  CZ  . ARG A 1 82  ? 10.524  -23.092 6.859   1.00 36.43 ? 57  ARG A CZ  1 
ATOM   432  N  NH1 . ARG A 1 82  ? 11.558  -23.454 6.105   1.00 36.99 ? 57  ARG A NH1 1 
ATOM   433  N  NH2 . ARG A 1 82  ? 10.652  -22.052 7.689   1.00 37.06 ? 57  ARG A NH2 1 
ATOM   434  N  N   . GLU A 1 83  ? 3.824   -23.342 4.806   1.00 27.41 ? 58  GLU A N   1 
ATOM   435  C  CA  . GLU A 1 83  ? 2.540   -22.898 5.313   1.00 28.52 ? 58  GLU A CA  1 
ATOM   436  C  C   . GLU A 1 83  ? 2.624   -22.264 6.720   1.00 28.11 ? 58  GLU A C   1 
ATOM   437  O  O   . GLU A 1 83  ? 2.046   -21.200 6.924   1.00 28.14 ? 58  GLU A O   1 
ATOM   438  C  CB  . GLU A 1 83  ? 1.471   -23.998 5.176   1.00 28.22 ? 58  GLU A CB  1 
ATOM   439  C  CG  . GLU A 1 83  ? 1.042   -24.188 3.687   1.00 29.91 ? 58  GLU A CG  1 
ATOM   440  C  CD  . GLU A 1 83  ? 0.106   -25.389 3.391   1.00 30.52 ? 58  GLU A CD  1 
ATOM   441  O  OE1 . GLU A 1 83  ? 0.524   -26.573 3.514   1.00 34.92 ? 58  GLU A OE1 1 
ATOM   442  O  OE2 . GLU A 1 83  ? -1.036  -25.153 2.951   1.00 33.79 ? 58  GLU A OE2 1 
ATOM   443  N  N   . ASP A 1 84  ? 3.381   -22.861 7.650   1.00 27.87 ? 59  ASP A N   1 
ATOM   444  C  CA  . ASP A 1 84  ? 3.561   -22.247 8.971   1.00 28.09 ? 59  ASP A CA  1 
ATOM   445  C  C   . ASP A 1 84  ? 4.352   -20.950 8.902   1.00 27.12 ? 59  ASP A C   1 
ATOM   446  O  O   . ASP A 1 84  ? 4.129   -20.032 9.698   1.00 26.40 ? 59  ASP A O   1 
ATOM   447  C  CB  . ASP A 1 84  ? 4.180   -23.202 10.000  1.00 28.95 ? 59  ASP A CB  1 
ATOM   448  C  CG  . ASP A 1 84  ? 3.120   -24.004 10.774  1.00 32.38 ? 59  ASP A CG  1 
ATOM   449  O  OD1 . ASP A 1 84  ? 1.913   -23.645 10.686  1.00 37.58 ? 59  ASP A OD1 1 
ATOM   450  O  OD2 . ASP A 1 84  ? 3.488   -24.987 11.469  1.00 33.87 ? 59  ASP A OD2 1 
ATOM   451  N  N   . GLU A 1 85  ? 5.257   -20.874 7.929   1.00 26.39 ? 60  GLU A N   1 
ATOM   452  C  CA  . GLU A 1 85  ? 6.100   -19.688 7.759   1.00 25.82 ? 60  GLU A CA  1 
ATOM   453  C  C   . GLU A 1 85  ? 5.256   -18.523 7.243   1.00 24.52 ? 60  GLU A C   1 
ATOM   454  O  O   . GLU A 1 85  ? 5.381   -17.406 7.725   1.00 24.55 ? 60  GLU A O   1 
ATOM   455  C  CB  . GLU A 1 85  ? 7.254   -20.027 6.832   1.00 25.48 ? 60  GLU A CB  1 
ATOM   456  C  CG  . GLU A 1 85  ? 8.085   -18.871 6.374   1.00 26.13 ? 60  GLU A CG  1 
ATOM   457  C  CD  . GLU A 1 85  ? 9.187   -19.306 5.387   1.00 28.16 ? 60  GLU A CD  1 
ATOM   458  O  OE1 . GLU A 1 85  ? 9.131   -20.450 4.837   1.00 27.88 ? 60  GLU A OE1 1 
ATOM   459  O  OE2 . GLU A 1 85  ? 10.103  -18.480 5.160   1.00 30.97 ? 60  GLU A OE2 1 
ATOM   460  N  N   . ALA A 1 86  ? 4.373   -18.813 6.283   1.00 23.28 ? 61  ALA A N   1 
ATOM   461  C  CA  . ALA A 1 86  ? 3.399   -17.837 5.743   1.00 21.93 ? 61  ALA A CA  1 
ATOM   462  C  C   . ALA A 1 86  ? 2.379   -17.385 6.803   1.00 20.70 ? 61  ALA A C   1 
ATOM   463  O  O   . ALA A 1 86  ? 1.986   -16.219 6.816   1.00 19.63 ? 61  ALA A O   1 
ATOM   464  C  CB  . ALA A 1 86  ? 2.670   -18.424 4.509   1.00 21.17 ? 61  ALA A CB  1 
ATOM   465  N  N   . SER A 1 87  ? 1.969   -18.306 7.677   1.00 20.05 ? 62  SER A N   1 
ATOM   466  C  CA  . SER A 1 87  ? 1.087   -17.972 8.815   1.00 20.83 ? 62  SER A CA  1 
ATOM   467  C  C   . SER A 1 87  ? 1.736   -17.072 9.867   1.00 20.54 ? 62  SER A C   1 
ATOM   468  O  O   . SER A 1 87  ? 1.089   -16.149 10.377  1.00 20.44 ? 62  SER A O   1 
ATOM   469  C  CB  . SER A 1 87  ? 0.524   -19.235 9.473   1.00 20.41 ? 62  SER A CB  1 
ATOM   470  O  OG  . SER A 1 87  ? -0.411  -19.802 8.567   1.00 24.24 ? 62  SER A OG  1 
ATOM   471  N  N   . ASN A 1 88  ? 2.990   -17.365 10.208  1.00 20.07 ? 63  ASN A N   1 
ATOM   472  C  CA  . ASN A 1 88  ? 3.775   -16.463 11.020  1.00 21.18 ? 63  ASN A CA  1 
ATOM   473  C  C   . ASN A 1 88  ? 3.935   -15.065 10.405  1.00 21.32 ? 63  ASN A C   1 
ATOM   474  O  O   . ASN A 1 88  ? 3.741   -14.069 11.103  1.00 22.13 ? 63  ASN A O   1 
ATOM   475  C  CB  . ASN A 1 88  ? 5.111   -17.089 11.427  1.00 22.00 ? 63  ASN A CB  1 
ATOM   476  C  CG  . ASN A 1 88  ? 4.937   -18.167 12.505  1.00 24.96 ? 63  ASN A CG  1 
ATOM   477  O  OD1 . ASN A 1 88  ? 3.849   -18.294 13.110  1.00 26.72 ? 63  ASN A OD1 1 
ATOM   478  N  ND2 . ASN A 1 88  ? 5.995   -18.956 12.743  1.00 26.30 ? 63  ASN A ND2 1 
ATOM   479  N  N   . MET A 1 89  ? 4.232   -14.980 9.110   1.00 20.73 ? 64  MET A N   1 
ATOM   480  C  CA  . MET A 1 89  ? 4.302   -13.679 8.436   1.00 21.29 ? 64  MET A CA  1 
ATOM   481  C  C   . MET A 1 89  ? 2.986   -12.908 8.460   1.00 20.78 ? 64  MET A C   1 
ATOM   482  O  O   . MET A 1 89  ? 2.981   -11.680 8.559   1.00 20.68 ? 64  MET A O   1 
ATOM   483  C  CB  . MET A 1 89  ? 4.760   -13.871 6.985   1.00 21.22 ? 64  MET A CB  1 
ATOM   484  C  CG  . MET A 1 89  ? 6.200   -14.388 6.919   1.00 22.72 ? 64  MET A CG  1 
ATOM   485  S  SD  . MET A 1 89  ? 6.714   -14.805 5.277   1.00 24.42 ? 64  MET A SD  1 
ATOM   486  C  CE  . MET A 1 89  ? 6.601   -13.235 4.404   1.00 23.51 ? 64  MET A CE  1 
ATOM   487  N  N   . LEU A 1 90  ? 1.865   -13.618 8.355   1.00 20.34 ? 65  LEU A N   1 
ATOM   488  C  CA  . LEU A 1 90  ? 0.579   -12.941 8.423   1.00 19.97 ? 65  LEU A CA  1 
ATOM   489  C  C   . LEU A 1 90  ? 0.331   -12.354 9.817   1.00 19.90 ? 65  LEU A C   1 
ATOM   490  O  O   . LEU A 1 90  ? -0.205  -11.262 9.928   1.00 18.49 ? 65  LEU A O   1 
ATOM   491  C  CB  . LEU A 1 90  ? -0.564  -13.847 7.952   1.00 20.55 ? 65  LEU A CB  1 
ATOM   492  C  CG  . LEU A 1 90  ? -1.912  -13.113 8.020   1.00 21.20 ? 65  LEU A CG  1 
ATOM   493  C  CD1 . LEU A 1 90  ? -2.216  -12.291 6.759   1.00 20.49 ? 65  LEU A CD1 1 
ATOM   494  C  CD2 . LEU A 1 90  ? -2.969  -14.065 8.277   1.00 25.16 ? 65  LEU A CD2 1 
ATOM   495  N  N   . GLU A 1 91  ? 0.749   -13.053 10.881  1.00 21.22 ? 66  GLU A N   1 
ATOM   496  C  CA  . GLU A 1 91  ? 0.785   -12.438 12.228  1.00 22.44 ? 66  GLU A CA  1 
ATOM   497  C  C   . GLU A 1 91  ? 1.600   -11.111 12.253  1.00 22.18 ? 66  GLU A C   1 
ATOM   498  O  O   . GLU A 1 91  ? 1.162   -10.102 12.820  1.00 19.70 ? 66  GLU A O   1 
ATOM   499  C  CB  . GLU A 1 91  ? 1.370   -13.398 13.263  1.00 23.01 ? 66  GLU A CB  1 
ATOM   500  C  CG  . GLU A 1 91  ? 0.532   -14.625 13.516  1.00 30.65 ? 66  GLU A CG  1 
ATOM   501  C  CD  . GLU A 1 91  ? -0.608  -14.401 14.523  1.00 39.92 ? 66  GLU A CD  1 
ATOM   502  O  OE1 . GLU A 1 91  ? -1.294  -13.338 14.485  1.00 40.83 ? 66  GLU A OE1 1 
ATOM   503  O  OE2 . GLU A 1 91  ? -0.814  -15.323 15.369  1.00 44.41 ? 66  GLU A OE2 1 
ATOM   504  N  N   . GLU A 1 92  ? 2.792   -11.143 11.654  1.00 22.85 ? 67  GLU A N   1 
ATOM   505  C  CA  . GLU A 1 92  ? 3.656   -9.963  11.581  1.00 25.17 ? 67  GLU A CA  1 
ATOM   506  C  C   . GLU A 1 92  ? 2.965   -8.822  10.823  1.00 24.31 ? 67  GLU A C   1 
ATOM   507  O  O   . GLU A 1 92  ? 3.067   -7.670  11.231  1.00 25.32 ? 67  GLU A O   1 
ATOM   508  C  CB  . GLU A 1 92  ? 4.991   -10.294 10.892  1.00 24.75 ? 67  GLU A CB  1 
ATOM   509  C  CG  . GLU A 1 92  ? 5.908   -11.211 11.675  1.00 28.35 ? 67  GLU A CG  1 
ATOM   510  C  CD  . GLU A 1 92  ? 7.259   -11.375 10.973  1.00 31.01 ? 67  GLU A CD  1 
ATOM   511  O  OE1 . GLU A 1 92  ? 8.050   -10.366 10.928  1.00 38.84 ? 67  GLU A OE1 1 
ATOM   512  O  OE2 . GLU A 1 92  ? 7.531   -12.502 10.456  1.00 38.87 ? 67  GLU A OE2 1 
ATOM   513  N  N   . LEU A 1 93  ? 2.265   -9.147  9.736   1.00 23.56 ? 68  LEU A N   1 
ATOM   514  C  CA  . LEU A 1 93  ? 1.518   -8.148  8.976   1.00 24.05 ? 68  LEU A CA  1 
ATOM   515  C  C   . LEU A 1 93  ? 0.487   -7.464  9.857   1.00 24.24 ? 68  LEU A C   1 
ATOM   516  O  O   . LEU A 1 93  ? 0.310   -6.252  9.813   1.00 23.96 ? 68  LEU A O   1 
ATOM   517  C  CB  . LEU A 1 93  ? 0.797   -8.800  7.779   1.00 23.52 ? 68  LEU A CB  1 
ATOM   518  C  CG  . LEU A 1 93  ? -0.090  -7.859  6.945   1.00 24.45 ? 68  LEU A CG  1 
ATOM   519  C  CD1 . LEU A 1 93  ? 0.762   -6.757  6.302   1.00 24.48 ? 68  LEU A CD1 1 
ATOM   520  C  CD2 . LEU A 1 93  ? -0.938  -8.602  5.847   1.00 23.45 ? 68  LEU A CD2 1 
ATOM   521  N  N   . TRP A 1 94  ? -0.224  -8.291  10.611  1.00 24.52 ? 69  TRP A N   1 
ATOM   522  C  CA  . TRP A 1 94  ? -1.234  -7.868  11.555  1.00 24.61 ? 69  TRP A CA  1 
ATOM   523  C  C   . TRP A 1 94  ? -0.620  -6.912  12.555  1.00 23.79 ? 69  TRP A C   1 
ATOM   524  O  O   . TRP A 1 94  ? -1.182  -5.870  12.801  1.00 22.81 ? 69  TRP A O   1 
ATOM   525  C  CB  . TRP A 1 94  ? -1.760  -9.096  12.279  1.00 26.27 ? 69  TRP A CB  1 
ATOM   526  C  CG  . TRP A 1 94  ? -2.792  -8.800  13.284  1.00 26.94 ? 69  TRP A CG  1 
ATOM   527  C  CD1 . TRP A 1 94  ? -2.635  -8.702  14.641  1.00 27.51 ? 69  TRP A CD1 1 
ATOM   528  C  CD2 . TRP A 1 94  ? -4.150  -8.565  13.012  1.00 28.08 ? 69  TRP A CD2 1 
ATOM   529  N  NE1 . TRP A 1 94  ? -3.833  -8.410  15.234  1.00 28.10 ? 69  TRP A NE1 1 
ATOM   530  C  CE2 . TRP A 1 94  ? -4.787  -8.317  14.253  1.00 29.67 ? 69  TRP A CE2 1 
ATOM   531  C  CE3 . TRP A 1 94  ? -4.910  -8.548  11.835  1.00 29.24 ? 69  TRP A CE3 1 
ATOM   532  C  CZ2 . TRP A 1 94  ? -6.151  -8.070  14.352  1.00 28.85 ? 69  TRP A CZ2 1 
ATOM   533  C  CZ3 . TRP A 1 94  ? -6.246  -8.289  11.928  1.00 29.49 ? 69  TRP A CZ3 1 
ATOM   534  C  CH2 . TRP A 1 94  ? -6.863  -8.054  13.185  1.00 29.67 ? 69  TRP A CH2 1 
ATOM   535  N  N   . GLU A 1 95  ? 0.538   -7.267  13.117  1.00 23.21 ? 70  GLU A N   1 
ATOM   536  C  CA  . GLU A 1 95  ? 1.209   -6.387  14.077  1.00 23.92 ? 70  GLU A CA  1 
ATOM   537  C  C   . GLU A 1 95  ? 1.714   -5.117  13.385  1.00 22.38 ? 70  GLU A C   1 
ATOM   538  O  O   . GLU A 1 95  ? 1.636   -4.040  13.948  1.00 22.63 ? 70  GLU A O   1 
ATOM   539  C  CB  . GLU A 1 95  ? 2.381   -7.069  14.818  1.00 23.53 ? 70  GLU A CB  1 
ATOM   540  C  CG  . GLU A 1 95  ? 2.008   -8.229  15.785  1.00 27.69 ? 70  GLU A CG  1 
ATOM   541  C  CD  . GLU A 1 95  ? 0.972   -7.837  16.849  1.00 31.19 ? 70  GLU A CD  1 
ATOM   542  O  OE1 . GLU A 1 95  ? 0.956   -6.671  17.310  1.00 31.35 ? 70  GLU A OE1 1 
ATOM   543  O  OE2 . GLU A 1 95  ? 0.164   -8.708  17.224  1.00 33.19 ? 70  GLU A OE2 1 
ATOM   544  N  N   . PHE A 1 96  ? 2.246   -5.253  12.178  1.00 21.56 ? 71  PHE A N   1 
ATOM   545  C  CA  . PHE A 1 96  ? 2.663   -4.063  11.401  1.00 20.91 ? 71  PHE A CA  1 
ATOM   546  C  C   . PHE A 1 96  ? 1.530   -3.036  11.181  1.00 20.23 ? 71  PHE A C   1 
ATOM   547  O  O   . PHE A 1 96  ? 1.751   -1.824  11.287  1.00 20.04 ? 71  PHE A O   1 
ATOM   548  C  CB  . PHE A 1 96  ? 3.231   -4.453  10.041  1.00 19.79 ? 71  PHE A CB  1 
ATOM   549  C  CG  . PHE A 1 96  ? 3.820   -3.284  9.299   1.00 20.43 ? 71  PHE A CG  1 
ATOM   550  C  CD1 . PHE A 1 96  ? 5.053   -2.747  9.697   1.00 18.86 ? 71  PHE A CD1 1 
ATOM   551  C  CD2 . PHE A 1 96  ? 3.138   -2.706  8.210   1.00 19.83 ? 71  PHE A CD2 1 
ATOM   552  C  CE1 . PHE A 1 96  ? 5.612   -1.652  9.032   1.00 20.29 ? 71  PHE A CE1 1 
ATOM   553  C  CE2 . PHE A 1 96  ? 3.693   -1.589  7.523   1.00 22.72 ? 71  PHE A CE2 1 
ATOM   554  C  CZ  . PHE A 1 96  ? 4.938   -1.063  7.939   1.00 19.83 ? 71  PHE A CZ  1 
ATOM   555  N  N   . PHE A 1 97  ? 0.329   -3.533  10.861  1.00 19.45 ? 72  PHE A N   1 
ATOM   556  C  CA  . PHE A 1 97  ? -0.835  -2.690  10.604  1.00 19.25 ? 72  PHE A CA  1 
ATOM   557  C  C   . PHE A 1 97  ? -1.225  -1.772  11.757  1.00 19.91 ? 72  PHE A C   1 
ATOM   558  O  O   . PHE A 1 97  ? -1.823  -0.713  11.520  1.00 19.04 ? 72  PHE A O   1 
ATOM   559  C  CB  . PHE A 1 97  ? -2.026  -3.542  10.147  1.00 19.55 ? 72  PHE A CB  1 
ATOM   560  C  CG  . PHE A 1 97  ? -2.226  -3.534  8.656   1.00 20.46 ? 72  PHE A CG  1 
ATOM   561  C  CD1 . PHE A 1 97  ? -1.266  -4.069  7.806   1.00 19.45 ? 72  PHE A CD1 1 
ATOM   562  C  CD2 . PHE A 1 97  ? -3.373  -2.987  8.100   1.00 20.06 ? 72  PHE A CD2 1 
ATOM   563  C  CE1 . PHE A 1 97  ? -1.451  -4.035  6.423   1.00 19.87 ? 72  PHE A CE1 1 
ATOM   564  C  CE2 . PHE A 1 97  ? -3.556  -2.959  6.708   1.00 17.41 ? 72  PHE A CE2 1 
ATOM   565  C  CZ  . PHE A 1 97  ? -2.594  -3.481  5.890   1.00 17.80 ? 72  PHE A CZ  1 
ATOM   566  N  N   . LYS A 1 98  ? -0.863  -2.148  13.000  1.00 20.42 ? 73  LYS A N   1 
ATOM   567  C  CA  . LYS A 1 98  ? -1.112  -1.290  14.163  1.00 21.42 ? 73  LYS A CA  1 
ATOM   568  C  C   . LYS A 1 98  ? -0.277  -0.012  14.146  1.00 21.39 ? 73  LYS A C   1 
ATOM   569  O  O   . LYS A 1 98  ? -0.569  0.937   14.869  1.00 20.90 ? 73  LYS A O   1 
ATOM   570  C  CB  . LYS A 1 98  ? -0.844  -2.047  15.480  1.00 21.50 ? 73  LYS A CB  1 
ATOM   571  C  CG  . LYS A 1 98  ? -1.664  -3.336  15.640  1.00 21.69 ? 73  LYS A CG  1 
ATOM   572  C  CD  . LYS A 1 98  ? -1.214  -4.110  16.890  1.00 23.58 ? 73  LYS A CD  1 
ATOM   573  C  CE  . LYS A 1 98  ? -2.050  -5.415  17.065  1.00 26.00 ? 73  LYS A CE  1 
ATOM   574  N  NZ  . LYS A 1 98  ? -1.674  -6.131  18.346  1.00 28.81 ? 73  LYS A NZ  1 
ATOM   575  N  N   . ALA A 1 99  ? 0.809   0.013   13.379  1.00 21.87 ? 74  ALA A N   1 
ATOM   576  C  CA  . ALA A 1 99  ? 1.560   1.275   13.288  1.00 21.69 ? 74  ALA A CA  1 
ATOM   577  C  C   . ALA A 1 99  ? 1.054   2.144   12.135  1.00 21.67 ? 74  ALA A C   1 
ATOM   578  O  O   . ALA A 1 99  ? 1.580   3.244   11.898  1.00 22.97 ? 74  ALA A O   1 
ATOM   579  C  CB  . ALA A 1 99  ? 3.035   1.023   13.169  1.00 21.54 ? 74  ALA A CB  1 
ATOM   580  N  N   . LEU A 1 100 ? 0.034   1.662   11.426  1.00 19.87 ? 75  LEU A N   1 
ATOM   581  C  CA  . LEU A 1 100 ? -0.508  2.395   10.279  1.00 19.53 ? 75  LEU A CA  1 
ATOM   582  C  C   . LEU A 1 100 ? -1.818  3.063   10.659  1.00 18.89 ? 75  LEU A C   1 
ATOM   583  O  O   . LEU A 1 100 ? -2.596  2.514   11.470  1.00 18.37 ? 75  LEU A O   1 
ATOM   584  C  CB  . LEU A 1 100 ? -0.725  1.451   9.077   1.00 18.21 ? 75  LEU A CB  1 
ATOM   585  C  CG  . LEU A 1 100 ? 0.494   0.601   8.654   1.00 18.79 ? 75  LEU A CG  1 
ATOM   586  C  CD1 . LEU A 1 100 ? 0.150   -0.369  7.436   1.00 19.14 ? 75  LEU A CD1 1 
ATOM   587  C  CD2 . LEU A 1 100 ? 1.663   1.508   8.314   1.00 16.77 ? 75  LEU A CD2 1 
ATOM   588  N  N   . LYS A 1 101 ? -2.085  4.222   10.063  1.00 18.82 ? 76  LYS A N   1 
ATOM   589  C  CA  . LYS A 1 101 ? -3.442  4.759   10.133  1.00 18.94 ? 76  LYS A CA  1 
ATOM   590  C  C   . LYS A 1 101 ? -4.267  4.138   9.000   1.00 18.05 ? 76  LYS A C   1 
ATOM   591  O  O   . LYS A 1 101 ? -4.025  4.396   7.819   1.00 18.93 ? 76  LYS A O   1 
ATOM   592  C  CB  . LYS A 1 101 ? -3.472  6.306   10.120  1.00 19.67 ? 76  LYS A CB  1 
ATOM   593  C  CG  . LYS A 1 101 ? -4.901  6.823   10.260  1.00 19.48 ? 76  LYS A CG  1 
ATOM   594  C  CD  . LYS A 1 101 ? -4.988  8.333   10.533  1.00 21.51 ? 76  LYS A CD  1 
ATOM   595  C  CE  . LYS A 1 101 ? -6.472  8.739   10.723  1.00 24.00 ? 76  LYS A CE  1 
ATOM   596  N  NZ  . LYS A 1 101 ? -6.557  10.151  11.231  1.00 30.01 ? 76  LYS A NZ  1 
ATOM   597  N  N   . VAL A 1 102 ? -5.223  3.288   9.350   1.00 18.68 ? 77  VAL A N   1 
ATOM   598  C  CA  . VAL A 1 102 ? -5.936  2.483   8.333   1.00 18.77 ? 77  VAL A CA  1 
ATOM   599  C  C   . VAL A 1 102 ? -7.252  3.182   8.041   1.00 18.83 ? 77  VAL A C   1 
ATOM   600  O  O   . VAL A 1 102 ? -8.071  3.359   8.933   1.00 19.39 ? 77  VAL A O   1 
ATOM   601  C  CB  . VAL A 1 102 ? -6.216  1.028   8.792   1.00 19.22 ? 77  VAL A CB  1 
ATOM   602  C  CG1 . VAL A 1 102 ? -6.972  0.239   7.688   1.00 18.57 ? 77  VAL A CG1 1 
ATOM   603  C  CG2 . VAL A 1 102 ? -4.859  0.296   9.152   1.00 21.00 ? 77  VAL A CG2 1 
ATOM   604  N  N   . HIS A 1 103 ? -7.453  3.588   6.796   1.00 18.01 ? 78  HIS A N   1 
ATOM   605  C  CA  . HIS A 1 103 ? -8.647  4.340   6.439   1.00 18.54 ? 78  HIS A CA  1 
ATOM   606  C  C   . HIS A 1 103 ? -9.665  3.379   5.802   1.00 16.96 ? 78  HIS A C   1 
ATOM   607  O  O   . HIS A 1 103 ? -9.275  2.369   5.263   1.00 17.53 ? 78  HIS A O   1 
ATOM   608  C  CB  . HIS A 1 103 ? -8.318  5.485   5.478   1.00 17.03 ? 78  HIS A CB  1 
ATOM   609  C  CG  . HIS A 1 103 ? -7.414  6.531   6.059   1.00 19.98 ? 78  HIS A CG  1 
ATOM   610  N  ND1 . HIS A 1 103 ? -7.861  7.785   6.435   1.00 21.68 ? 78  HIS A ND1 1 
ATOM   611  C  CD2 . HIS A 1 103 ? -6.079  6.527   6.275   1.00 16.53 ? 78  HIS A CD2 1 
ATOM   612  C  CE1 . HIS A 1 103 ? -6.845  8.494   6.890   1.00 19.55 ? 78  HIS A CE1 1 
ATOM   613  N  NE2 . HIS A 1 103 ? -5.748  7.765   6.780   1.00 20.24 ? 78  HIS A NE2 1 
ATOM   614  N  N   . SER A 1 104 ? -10.946 3.718   5.833   1.00 17.08 ? 79  SER A N   1 
ATOM   615  C  CA  . SER A 1 104 ? -11.925 2.838   5.220   1.00 17.88 ? 79  SER A CA  1 
ATOM   616  C  C   . SER A 1 104 ? -12.405 3.237   3.827   1.00 17.85 ? 79  SER A C   1 
ATOM   617  O  O   . SER A 1 104 ? -12.236 4.383   3.411   1.00 17.37 ? 79  SER A O   1 
ATOM   618  C  CB  . SER A 1 104 ? -13.098 2.577   6.151   1.00 18.57 ? 79  SER A CB  1 
ATOM   619  O  OG  . SER A 1 104 ? -14.043 3.548   5.985   1.00 20.25 ? 79  SER A OG  1 
ATOM   620  N  N   . TYR A 1 105 ? -12.997 2.263   3.109   1.00 17.36 ? 80  TYR A N   1 
ATOM   621  C  CA  . TYR A 1 105 ? -13.551 2.469   1.776   1.00 17.80 ? 80  TYR A CA  1 
ATOM   622  C  C   . TYR A 1 105 ? -14.511 3.675   1.722   1.00 17.61 ? 80  TYR A C   1 
ATOM   623  O  O   . TYR A 1 105 ? -14.592 4.343   0.690   1.00 18.59 ? 80  TYR A O   1 
ATOM   624  C  CB  . TYR A 1 105 ? -14.321 1.207   1.327   1.00 18.57 ? 80  TYR A CB  1 
ATOM   625  C  CG  . TYR A 1 105 ? -15.637 1.068   2.110   1.00 19.84 ? 80  TYR A CG  1 
ATOM   626  C  CD1 . TYR A 1 105 ? -15.650 0.511   3.379   1.00 16.12 ? 80  TYR A CD1 1 
ATOM   627  C  CD2 . TYR A 1 105 ? -16.846 1.566   1.599   1.00 16.43 ? 80  TYR A CD2 1 
ATOM   628  C  CE1 . TYR A 1 105 ? -16.828 0.442   4.115   1.00 16.63 ? 80  TYR A CE1 1 
ATOM   629  C  CE2 . TYR A 1 105 ? -18.025 1.447   2.316   1.00 17.82 ? 80  TYR A CE2 1 
ATOM   630  C  CZ  . TYR A 1 105 ? -18.003 0.887   3.560   1.00 18.30 ? 80  TYR A CZ  1 
ATOM   631  O  OH  . TYR A 1 105 ? -19.154 0.798   4.312   1.00 23.16 ? 80  TYR A OH  1 
ATOM   632  N  N   . ALA A 1 106 ? -15.263 3.914   2.802   1.00 17.04 ? 81  ALA A N   1 
ATOM   633  C  CA  . ALA A 1 106 ? -16.247 5.018   2.837   1.00 17.14 ? 81  ALA A CA  1 
ATOM   634  C  C   . ALA A 1 106 ? -15.610 6.394   2.581   1.00 16.67 ? 81  ALA A C   1 
ATOM   635  O  O   . ALA A 1 106 ? -16.268 7.296   2.036   1.00 16.24 ? 81  ALA A O   1 
ATOM   636  C  CB  . ALA A 1 106 ? -17.052 5.031   4.186   1.00 16.46 ? 81  ALA A CB  1 
ATOM   637  N  N   . GLU A 1 107 ? -14.326 6.529   2.948   1.00 16.82 ? 82  GLU A N   1 
ATOM   638  C  CA  . GLU A 1 107 ? -13.614 7.815   2.871   1.00 16.13 ? 82  GLU A CA  1 
ATOM   639  C  C   . GLU A 1 107 ? -13.191 8.133   1.463   1.00 16.61 ? 82  GLU A C   1 
ATOM   640  O  O   . GLU A 1 107 ? -12.952 9.313   1.143   1.00 16.47 ? 82  GLU A O   1 
ATOM   641  C  CB  . GLU A 1 107 ? -12.366 7.801   3.756   1.00 16.28 ? 82  GLU A CB  1 
ATOM   642  C  CG  . GLU A 1 107 ? -12.634 7.584   5.212   1.00 16.81 ? 82  GLU A CG  1 
ATOM   643  C  CD  . GLU A 1 107 ? -11.341 7.468   6.013   1.00 23.21 ? 82  GLU A CD  1 
ATOM   644  O  OE1 . GLU A 1 107 ? -10.418 8.307   5.795   1.00 19.57 ? 82  GLU A OE1 1 
ATOM   645  O  OE2 . GLU A 1 107 ? -11.246 6.521   6.851   1.00 23.68 ? 82  GLU A OE2 1 
ATOM   646  N  N   . VAL A 1 108 ? -13.061 7.091   0.626   1.00 17.21 ? 83  VAL A N   1 
ATOM   647  C  CA  . VAL A 1 108 ? -12.412 7.249   -0.702  1.00 17.89 ? 83  VAL A CA  1 
ATOM   648  C  C   . VAL A 1 108 ? -13.173 6.682   -1.878  1.00 18.99 ? 83  VAL A C   1 
ATOM   649  O  O   . VAL A 1 108 ? -12.786 6.911   -3.031  1.00 19.03 ? 83  VAL A O   1 
ATOM   650  C  CB  . VAL A 1 108 ? -10.948 6.667   -0.703  1.00 19.75 ? 83  VAL A CB  1 
ATOM   651  C  CG1 . VAL A 1 108 ? -10.114 7.409   0.336   1.00 17.77 ? 83  VAL A CG1 1 
ATOM   652  C  CG2 . VAL A 1 108 ? -10.943 5.124   -0.418  1.00 13.83 ? 83  VAL A CG2 1 
ATOM   653  N  N   . LEU A 1 109 ? -14.250 5.939   -1.610  1.00 19.34 ? 84  LEU A N   1 
ATOM   654  C  CA  . LEU A 1 109 ? -14.815 5.137   -2.698  1.00 20.27 ? 84  LEU A CA  1 
ATOM   655  C  C   . LEU A 1 109 ? -15.278 5.975   -3.922  1.00 20.31 ? 84  LEU A C   1 
ATOM   656  O  O   . LEU A 1 109 ? -15.008 5.599   -5.076  1.00 20.48 ? 84  LEU A O   1 
ATOM   657  C  CB  . LEU A 1 109 ? -15.959 4.237   -2.194  1.00 19.84 ? 84  LEU A CB  1 
ATOM   658  C  CG  . LEU A 1 109 ? -16.503 3.234   -3.211  1.00 21.47 ? 84  LEU A CG  1 
ATOM   659  C  CD1 . LEU A 1 109 ? -15.493 2.056   -3.440  1.00 20.01 ? 84  LEU A CD1 1 
ATOM   660  C  CD2 . LEU A 1 109 ? -17.944 2.727   -2.840  1.00 20.64 ? 84  LEU A CD2 1 
ATOM   661  N  N   . LYS A 1 110 ? -16.049 7.035   -3.655  1.00 20.17 ? 85  LYS A N   1 
ATOM   662  C  CA  . LYS A 1 110 ? -16.543 7.932   -4.690  1.00 20.89 ? 85  LYS A CA  1 
ATOM   663  C  C   . LYS A 1 110 ? -15.412 8.615   -5.483  1.00 19.10 ? 85  LYS A C   1 
ATOM   664  O  O   . LYS A 1 110 ? -15.447 8.619   -6.698  1.00 18.27 ? 85  LYS A O   1 
ATOM   665  C  CB  . LYS A 1 110 ? -17.499 8.979   -4.098  1.00 21.21 ? 85  LYS A CB  1 
ATOM   666  C  CG  . LYS A 1 110 ? -18.880 8.400   -3.623  1.00 23.04 ? 85  LYS A CG  1 
ATOM   667  C  CD  . LYS A 1 110 ? -19.804 9.554   -3.270  1.00 24.06 ? 85  LYS A CD  1 
ATOM   668  C  CE  . LYS A 1 110 ? -21.017 9.105   -2.441  1.00 29.03 ? 85  LYS A CE  1 
ATOM   669  N  NZ  . LYS A 1 110 ? -22.000 10.255  -2.268  1.00 29.32 ? 85  LYS A NZ  1 
ATOM   670  N  N   . ASP A 1 111 ? -14.409 9.160   -4.793  1.00 18.92 ? 86  ASP A N   1 
ATOM   671  C  CA  . ASP A 1 111 ? -13.224 9.737   -5.489  1.00 18.80 ? 86  ASP A CA  1 
ATOM   672  C  C   . ASP A 1 111 ? -12.469 8.692   -6.306  1.00 18.03 ? 86  ASP A C   1 
ATOM   673  O  O   . ASP A 1 111 ? -11.973 8.998   -7.372  1.00 17.35 ? 86  ASP A O   1 
ATOM   674  C  CB  . ASP A 1 111 ? -12.254 10.359  -4.480  1.00 19.18 ? 86  ASP A CB  1 
ATOM   675  C  CG  . ASP A 1 111 ? -12.833 11.591  -3.814  1.00 21.94 ? 86  ASP A CG  1 
ATOM   676  O  OD1 . ASP A 1 111 ? -13.838 12.114  -4.332  1.00 17.18 ? 86  ASP A OD1 1 
ATOM   677  O  OD2 . ASP A 1 111 ? -12.278 12.039  -2.769  1.00 27.09 ? 86  ASP A OD2 1 
ATOM   678  N  N   . ALA A 1 112 ? -12.370 7.470   -5.764  1.00 18.13 ? 87  ALA A N   1 
ATOM   679  C  CA  . ALA A 1 112 ? -11.587 6.377   -6.373  1.00 16.94 ? 87  ALA A CA  1 
ATOM   680  C  C   . ALA A 1 112 ? -12.233 6.033   -7.684  1.00 16.82 ? 87  ALA A C   1 
ATOM   681  O  O   . ALA A 1 112 ? -11.572 5.899   -8.685  1.00 17.30 ? 87  ALA A O   1 
ATOM   682  C  CB  . ALA A 1 112 ? -11.574 5.136   -5.438  1.00 15.68 ? 87  ALA A CB  1 
ATOM   683  N  N   . PHE A 1 113 ? -13.553 5.866   -7.679  1.00 16.63 ? 88  PHE A N   1 
ATOM   684  C  CA  . PHE A 1 113 ? -14.237 5.524   -8.908  1.00 15.76 ? 88  PHE A CA  1 
ATOM   685  C  C   . PHE A 1 113 ? -14.029 6.582   -10.010 1.00 16.74 ? 88  PHE A C   1 
ATOM   686  O  O   . PHE A 1 113 ? -13.740 6.235   -11.153 1.00 16.34 ? 88  PHE A O   1 
ATOM   687  C  CB  . PHE A 1 113 ? -15.706 5.309   -8.644  1.00 15.44 ? 88  PHE A CB  1 
ATOM   688  C  CG  . PHE A 1 113 ? -16.450 4.800   -9.828  1.00 15.51 ? 88  PHE A CG  1 
ATOM   689  C  CD1 . PHE A 1 113 ? -16.413 3.447   -10.156 1.00 15.86 ? 88  PHE A CD1 1 
ATOM   690  C  CD2 . PHE A 1 113 ? -17.214 5.675   -10.608 1.00 13.95 ? 88  PHE A CD2 1 
ATOM   691  C  CE1 . PHE A 1 113 ? -17.111 2.948   -11.262 1.00 13.04 ? 88  PHE A CE1 1 
ATOM   692  C  CE2 . PHE A 1 113 ? -17.913 5.191   -11.692 1.00 16.24 ? 88  PHE A CE2 1 
ATOM   693  C  CZ  . PHE A 1 113 ? -17.844 3.803   -12.022 1.00 15.72 ? 88  PHE A CZ  1 
ATOM   694  N  N   . ALA A 1 114 ? -14.170 7.860   -9.670  1.00 17.34 ? 89  ALA A N   1 
ATOM   695  C  CA  . ALA A 1 114 ? -14.046 8.941   -10.689 1.00 18.09 ? 89  ALA A CA  1 
ATOM   696  C  C   . ALA A 1 114 ? -12.614 8.981   -11.230 1.00 18.01 ? 89  ALA A C   1 
ATOM   697  O  O   . ALA A 1 114 ? -12.397 9.212   -12.427 1.00 18.67 ? 89  ALA A O   1 
ATOM   698  C  CB  . ALA A 1 114 ? -14.403 10.319  -10.079 1.00 17.23 ? 89  ALA A CB  1 
ATOM   699  N  N   . LEU A 1 115 ? -11.645 8.745   -10.354 1.00 17.99 ? 90  LEU A N   1 
ATOM   700  C  CA  . LEU A 1 115 ? -10.231 8.687   -10.773 1.00 18.36 ? 90  LEU A CA  1 
ATOM   701  C  C   . LEU A 1 115 ? -9.985  7.481   -11.673 1.00 17.13 ? 90  LEU A C   1 
ATOM   702  O  O   . LEU A 1 115 ? -9.321  7.619   -12.683 1.00 16.51 ? 90  LEU A O   1 
ATOM   703  C  CB  . LEU A 1 115 ? -9.274  8.619   -9.573  1.00 18.77 ? 90  LEU A CB  1 
ATOM   704  C  CG  . LEU A 1 115 ? -8.995  9.885   -8.761  1.00 21.33 ? 90  LEU A CG  1 
ATOM   705  C  CD1 . LEU A 1 115 ? -8.287  9.468   -7.486  1.00 19.86 ? 90  LEU A CD1 1 
ATOM   706  C  CD2 . LEU A 1 115 ? -8.173  10.982  -9.502  1.00 19.02 ? 90  LEU A CD2 1 
ATOM   707  N  N   . ALA A 1 116 ? -10.558 6.324   -11.325 1.00 17.02 ? 91  ALA A N   1 
ATOM   708  C  CA  . ALA A 1 116 ? -10.452 5.121   -12.165 1.00 18.14 ? 91  ALA A CA  1 
ATOM   709  C  C   . ALA A 1 116 ? -11.018 5.370   -13.584 1.00 19.82 ? 91  ALA A C   1 
ATOM   710  O  O   . ALA A 1 116 ? -10.388 5.012   -14.606 1.00 19.79 ? 91  ALA A O   1 
ATOM   711  C  CB  . ALA A 1 116 ? -11.159 3.895   -11.500 1.00 17.21 ? 91  ALA A CB  1 
ATOM   712  N  N   . LEU A 1 117 ? -12.190 6.003   -13.647 1.00 20.44 ? 92  LEU A N   1 
ATOM   713  C  CA  . LEU A 1 117 ? -12.816 6.324   -14.932 1.00 22.11 ? 92  LEU A CA  1 
ATOM   714  C  C   . LEU A 1 117 ? -11.964 7.265   -15.764 1.00 22.74 ? 92  LEU A C   1 
ATOM   715  O  O   . LEU A 1 117 ? -11.777 7.057   -16.954 1.00 23.62 ? 92  LEU A O   1 
ATOM   716  C  CB  . LEU A 1 117 ? -14.154 7.001   -14.715 1.00 21.96 ? 92  LEU A CB  1 
ATOM   717  C  CG  . LEU A 1 117 ? -15.399 6.183   -14.487 1.00 23.91 ? 92  LEU A CG  1 
ATOM   718  C  CD1 . LEU A 1 117 ? -16.546 7.167   -14.545 1.00 25.52 ? 92  LEU A CD1 1 
ATOM   719  C  CD2 . LEU A 1 117 ? -15.569 5.088   -15.535 1.00 24.73 ? 92  LEU A CD2 1 
ATOM   720  N  N   . LYS A 1 118 ? -11.452 8.306   -15.122 1.00 23.60 ? 93  LYS A N   1 
ATOM   721  C  CA  . LYS A 1 118 ? -10.681 9.347   -15.792 1.00 24.00 ? 93  LYS A CA  1 
ATOM   722  C  C   . LYS A 1 118 ? -9.298  8.892   -16.277 1.00 23.10 ? 93  LYS A C   1 
ATOM   723  O  O   . LYS A 1 118 ? -8.907  9.175   -17.402 1.00 23.88 ? 93  LYS A O   1 
ATOM   724  C  CB  . LYS A 1 118 ? -10.513 10.532  -14.839 1.00 24.52 ? 93  LYS A CB  1 
ATOM   725  C  CG  . LYS A 1 118 ? -9.801  11.745  -15.440 1.00 26.29 ? 93  LYS A CG  1 
ATOM   726  C  CD  . LYS A 1 118 ? -9.761  12.856  -14.383 1.00 32.03 ? 93  LYS A CD  1 
ATOM   727  C  CE  . LYS A 1 118 ? -9.315  14.210  -14.973 1.00 36.46 ? 93  LYS A CE  1 
ATOM   728  N  NZ  . LYS A 1 118 ? -7.826  14.334  -15.116 1.00 37.77 ? 93  LYS A NZ  1 
ATOM   729  N  N   . HIS A 1 119 ? -8.553  8.238   -15.399 1.00 22.28 ? 94  HIS A N   1 
ATOM   730  C  CA  . HIS A 1 119 ? -7.175  7.840   -15.662 1.00 21.30 ? 94  HIS A CA  1 
ATOM   731  C  C   . HIS A 1 119 ? -6.980  6.420   -16.222 1.00 20.32 ? 94  HIS A C   1 
ATOM   732  O  O   . HIS A 1 119 ? -5.865  6.063   -16.615 1.00 19.18 ? 94  HIS A O   1 
ATOM   733  C  CB  . HIS A 1 119 ? -6.336  8.068   -14.407 1.00 21.42 ? 94  HIS A CB  1 
ATOM   734  C  CG  . HIS A 1 119 ? -6.348  9.497   -13.952 1.00 23.03 ? 94  HIS A CG  1 
ATOM   735  N  ND1 . HIS A 1 119 ? -5.468  10.437  -14.443 1.00 24.60 ? 94  HIS A ND1 1 
ATOM   736  C  CD2 . HIS A 1 119 ? -7.179  10.160  -13.113 1.00 22.52 ? 94  HIS A CD2 1 
ATOM   737  C  CE1 . HIS A 1 119 ? -5.744  11.617  -13.915 1.00 25.90 ? 94  HIS A CE1 1 
ATOM   738  N  NE2 . HIS A 1 119 ? -6.763  11.473  -13.085 1.00 26.05 ? 94  HIS A NE2 1 
ATOM   739  N  N   . GLY A 1 120 ? -8.061  5.639   -16.304 1.00 20.01 ? 95  GLY A N   1 
ATOM   740  C  CA  . GLY A 1 120 ? -7.996  4.271   -16.825 1.00 19.12 ? 95  GLY A CA  1 
ATOM   741  C  C   . GLY A 1 120 ? -7.167  3.350   -15.942 1.00 19.11 ? 95  GLY A C   1 
ATOM   742  O  O   . GLY A 1 120 ? -6.393  2.538   -16.437 1.00 19.13 ? 95  GLY A O   1 
ATOM   743  N  N   . VAL A 1 121 ? -7.298  3.502   -14.626 1.00 18.59 ? 96  VAL A N   1 
ATOM   744  C  CA  . VAL A 1 121 ? -6.680  2.582   -13.675 1.00 17.73 ? 96  VAL A CA  1 
ATOM   745  C  C   . VAL A 1 121 ? -7.803  1.925   -12.891 1.00 17.63 ? 96  VAL A C   1 
ATOM   746  O  O   . VAL A 1 121 ? -8.914  2.399   -12.937 1.00 16.54 ? 96  VAL A O   1 
ATOM   747  C  CB  . VAL A 1 121 ? -5.656  3.272   -12.691 1.00 18.03 ? 96  VAL A CB  1 
ATOM   748  C  CG1 . VAL A 1 121 ? -4.509  3.941   -13.476 1.00 15.79 ? 96  VAL A CG1 1 
ATOM   749  C  CG2 . VAL A 1 121 ? -6.334  4.228   -11.727 1.00 16.36 ? 96  VAL A CG2 1 
ATOM   750  N  N   . THR A 1 122 ? -7.495  0.836   -12.190 1.00 17.30 ? 97  THR A N   1 
ATOM   751  C  CA  . THR A 1 122 ? -8.484  0.083   -11.440 1.00 17.40 ? 97  THR A CA  1 
ATOM   752  C  C   . THR A 1 122 ? -8.946  0.902   -10.219 1.00 16.72 ? 97  THR A C   1 
ATOM   753  O  O   . THR A 1 122 ? -8.204  1.727   -9.681  1.00 16.48 ? 97  THR A O   1 
ATOM   754  C  CB  . THR A 1 122 ? -7.943  -1.281  -10.909 1.00 16.47 ? 97  THR A CB  1 
ATOM   755  O  OG1 . THR A 1 122 ? -6.942  -1.008  -9.933  1.00 16.90 ? 97  THR A OG1 1 
ATOM   756  C  CG2 . THR A 1 122 ? -7.372  -2.157  -12.022 1.00 17.95 ? 97  THR A CG2 1 
ATOM   757  N  N   . VAL A 1 123 ? -10.167 0.649   -9.781  1.00 16.40 ? 98  VAL A N   1 
ATOM   758  C  CA  . VAL A 1 123 ? -10.643 1.261   -8.540  1.00 16.79 ? 98  VAL A CA  1 
ATOM   759  C  C   . VAL A 1 123 ? -9.710  0.936   -7.342  1.00 17.20 ? 98  VAL A C   1 
ATOM   760  O  O   . VAL A 1 123 ? -9.504  1.796   -6.481  1.00 17.82 ? 98  VAL A O   1 
ATOM   761  C  CB  . VAL A 1 123 ? -12.097 0.876   -8.251  1.00 17.51 ? 98  VAL A CB  1 
ATOM   762  C  CG1 . VAL A 1 123 ? -12.574 1.425   -6.892  1.00 16.13 ? 98  VAL A CG1 1 
ATOM   763  C  CG2 . VAL A 1 123 ? -13.015 1.374   -9.409  1.00 15.12 ? 98  VAL A CG2 1 
ATOM   764  N  N   . TYR A 1 124 ? -9.156  -0.278  -7.296  1.00 16.34 ? 99  TYR A N   1 
ATOM   765  C  CA  . TYR A 1 124 ? -8.208  -0.715  -6.272  1.00 16.77 ? 99  TYR A CA  1 
ATOM   766  C  C   . TYR A 1 124 ? -6.999  0.224   -6.173  1.00 17.04 ? 99  TYR A C   1 
ATOM   767  O  O   . TYR A 1 124 ? -6.683  0.725   -5.105  1.00 18.22 ? 99  TYR A O   1 
ATOM   768  C  CB  . TYR A 1 124 ? -7.712  -2.148  -6.625  1.00 17.97 ? 99  TYR A CB  1 
ATOM   769  C  CG  . TYR A 1 124 ? -8.830  -3.146  -6.797  1.00 18.62 ? 99  TYR A CG  1 
ATOM   770  C  CD1 . TYR A 1 124 ? -9.716  -3.412  -5.728  1.00 20.06 ? 99  TYR A CD1 1 
ATOM   771  C  CD2 . TYR A 1 124 ? -9.010  -3.834  -7.999  1.00 18.89 ? 99  TYR A CD2 1 
ATOM   772  C  CE1 . TYR A 1 124 ? -10.761 -4.321  -5.866  1.00 21.20 ? 99  TYR A CE1 1 
ATOM   773  C  CE2 . TYR A 1 124 ? -10.054 -4.763  -8.140  1.00 19.84 ? 99  TYR A CE2 1 
ATOM   774  C  CZ  . TYR A 1 124 ? -10.906 -5.005  -7.048  1.00 18.53 ? 99  TYR A CZ  1 
ATOM   775  O  OH  . TYR A 1 124 ? -11.934 -5.892  -7.133  1.00 19.00 ? 99  TYR A OH  1 
ATOM   776  N  N   . ASP A 1 125 ? -6.357  0.484   -7.301  1.00 16.20 ? 100 ASP A N   1 
ATOM   777  C  CA  . ASP A 1 125 ? -5.286  1.468   -7.404  1.00 16.86 ? 100 ASP A CA  1 
ATOM   778  C  C   . ASP A 1 125 ? -5.727  2.914   -7.166  1.00 17.35 ? 100 ASP A C   1 
ATOM   779  O  O   . ASP A 1 125 ? -5.046  3.657   -6.469  1.00 15.64 ? 100 ASP A O   1 
ATOM   780  C  CB  . ASP A 1 125 ? -4.651  1.371   -8.794  1.00 17.38 ? 100 ASP A CB  1 
ATOM   781  C  CG  . ASP A 1 125 ? -3.724  0.155   -8.944  1.00 18.33 ? 100 ASP A CG  1 
ATOM   782  O  OD1 . ASP A 1 125 ? -3.360  -0.437  -7.912  1.00 17.20 ? 100 ASP A OD1 1 
ATOM   783  O  OD2 . ASP A 1 125 ? -3.361  -0.209  -10.096 1.00 21.24 ? 100 ASP A OD2 1 
ATOM   784  N  N   . ALA A 1 126 ? -6.831  3.322   -7.814  1.00 16.88 ? 101 ALA A N   1 
ATOM   785  C  CA  . ALA A 1 126 ? -7.369  4.691   -7.688  1.00 16.04 ? 101 ALA A CA  1 
ATOM   786  C  C   . ALA A 1 126 ? -7.635  5.051   -6.219  1.00 16.53 ? 101 ALA A C   1 
ATOM   787  O  O   . ALA A 1 126 ? -7.505  6.197   -5.821  1.00 18.17 ? 101 ALA A O   1 
ATOM   788  C  CB  . ALA A 1 126 ? -8.635  4.819   -8.494  1.00 13.83 ? 101 ALA A CB  1 
ATOM   789  N  N   . ALA A 1 127 ? -8.027  4.057   -5.436  1.00 15.46 ? 102 ALA A N   1 
ATOM   790  C  CA  . ALA A 1 127 ? -8.319  4.230   -4.024  1.00 15.53 ? 102 ALA A CA  1 
ATOM   791  C  C   . ALA A 1 127 ? -7.168  4.802   -3.221  1.00 15.41 ? 102 ALA A C   1 
ATOM   792  O  O   . ALA A 1 127 ? -7.351  5.689   -2.371  1.00 13.73 ? 102 ALA A O   1 
ATOM   793  C  CB  . ALA A 1 127 ? -8.829  2.878   -3.419  1.00 14.60 ? 102 ALA A CB  1 
ATOM   794  N  N   . TYR A 1 128 ? -5.956  4.342   -3.502  1.00 15.27 ? 103 TYR A N   1 
ATOM   795  C  CA  . TYR A 1 128 ? -4.793  4.873   -2.763  1.00 16.17 ? 103 TYR A CA  1 
ATOM   796  C  C   . TYR A 1 128 ? -4.484  6.320   -3.160  1.00 16.82 ? 103 TYR A C   1 
ATOM   797  O  O   . TYR A 1 128 ? -4.053  7.161   -2.338  1.00 16.96 ? 103 TYR A O   1 
ATOM   798  C  CB  . TYR A 1 128 ? -3.580  3.948   -2.993  1.00 15.25 ? 103 TYR A CB  1 
ATOM   799  C  CG  . TYR A 1 128 ? -3.829  2.584   -2.363  1.00 17.18 ? 103 TYR A CG  1 
ATOM   800  C  CD1 . TYR A 1 128 ? -3.541  2.354   -0.994  1.00 15.79 ? 103 TYR A CD1 1 
ATOM   801  C  CD2 . TYR A 1 128 ? -4.376  1.530   -3.119  1.00 15.51 ? 103 TYR A CD2 1 
ATOM   802  C  CE1 . TYR A 1 128 ? -3.800  1.101   -0.416  1.00 15.48 ? 103 TYR A CE1 1 
ATOM   803  C  CE2 . TYR A 1 128 ? -4.591  0.263   -2.545  1.00 13.26 ? 103 TYR A CE2 1 
ATOM   804  C  CZ  . TYR A 1 128 ? -4.308  0.073   -1.201  1.00 15.29 ? 103 TYR A CZ  1 
ATOM   805  O  OH  . TYR A 1 128 ? -4.516  -1.157  -0.617  1.00 15.86 ? 103 TYR A OH  1 
ATOM   806  N  N   . VAL A 1 129 ? -4.689  6.601   -4.443  1.00 16.70 ? 104 VAL A N   1 
ATOM   807  C  CA  . VAL A 1 129 ? -4.467  7.940   -4.968  1.00 16.61 ? 104 VAL A CA  1 
ATOM   808  C  C   . VAL A 1 129 ? -5.507  8.879   -4.354  1.00 16.34 ? 104 VAL A C   1 
ATOM   809  O  O   . VAL A 1 129 ? -5.152  9.968   -3.919  1.00 15.84 ? 104 VAL A O   1 
ATOM   810  C  CB  . VAL A 1 129 ? -4.573  7.961   -6.535  1.00 16.71 ? 104 VAL A CB  1 
ATOM   811  C  CG1 . VAL A 1 129 ? -4.462  9.425   -7.079  1.00 16.76 ? 104 VAL A CG1 1 
ATOM   812  C  CG2 . VAL A 1 129 ? -3.525  7.013   -7.151  1.00 14.70 ? 104 VAL A CG2 1 
ATOM   813  N  N   . ALA A 1 130 ? -6.791  8.460   -4.365  1.00 15.92 ? 105 ALA A N   1 
ATOM   814  C  CA  . ALA A 1 130 ? -7.869  9.193   -3.669  1.00 16.72 ? 105 ALA A CA  1 
ATOM   815  C  C   . ALA A 1 130 ? -7.506  9.469   -2.194  1.00 16.41 ? 105 ALA A C   1 
ATOM   816  O  O   . ALA A 1 130 ? -7.777  10.540  -1.664  1.00 17.88 ? 105 ALA A O   1 
ATOM   817  C  CB  . ALA A 1 130 ? -9.186  8.429   -3.745  1.00 15.60 ? 105 ALA A CB  1 
ATOM   818  N  N   . LEU A 1 131 ? -6.887  8.501   -1.542  1.00 15.92 ? 106 LEU A N   1 
ATOM   819  C  CA  . LEU A 1 131 ? -6.544  8.669   -0.157  1.00 16.30 ? 106 LEU A CA  1 
ATOM   820  C  C   . LEU A 1 131 ? -5.377  9.670   0.021   1.00 16.98 ? 106 LEU A C   1 
ATOM   821  O  O   . LEU A 1 131 ? -5.425  10.522  0.898   1.00 17.64 ? 106 LEU A O   1 
ATOM   822  C  CB  . LEU A 1 131 ? -6.299  7.324   0.533   1.00 14.35 ? 106 LEU A CB  1 
ATOM   823  C  CG  . LEU A 1 131 ? -5.777  7.414   1.985   1.00 15.88 ? 106 LEU A CG  1 
ATOM   824  C  CD1 . LEU A 1 131 ? -6.833  7.954   2.912   1.00 15.30 ? 106 LEU A CD1 1 
ATOM   825  C  CD2 . LEU A 1 131 ? -5.214  6.041   2.483   1.00 15.06 ? 106 LEU A CD2 1 
ATOM   826  N  N   . ALA A 1 132 ? -4.335  9.563   -0.799  1.00 17.49 ? 107 ALA A N   1 
ATOM   827  C  CA  . ALA A 1 132 ? -3.259  10.563  -0.758  1.00 18.23 ? 107 ALA A CA  1 
ATOM   828  C  C   . ALA A 1 132 ? -3.823  11.997  -0.920  1.00 18.60 ? 107 ALA A C   1 
ATOM   829  O  O   . ALA A 1 132 ? -3.453  12.909  -0.177  1.00 16.76 ? 107 ALA A O   1 
ATOM   830  C  CB  . ALA A 1 132 ? -2.174  10.251  -1.833  1.00 17.72 ? 107 ALA A CB  1 
ATOM   831  N  N   . GLU A 1 133 ? -4.743  12.178  -1.871  1.00 19.19 ? 108 GLU A N   1 
ATOM   832  C  CA  . GLU A 1 133 ? -5.362  13.473  -2.086  1.00 20.79 ? 108 GLU A CA  1 
ATOM   833  C  C   . GLU A 1 133 ? -6.145  13.923  -0.856  1.00 19.87 ? 108 GLU A C   1 
ATOM   834  O  O   . GLU A 1 133 ? -6.017  15.080  -0.414  1.00 19.57 ? 108 GLU A O   1 
ATOM   835  C  CB  . GLU A 1 133 ? -6.284  13.455  -3.313  1.00 20.23 ? 108 GLU A CB  1 
ATOM   836  C  CG  . GLU A 1 133 ? -5.525  13.447  -4.667  1.00 25.60 ? 108 GLU A CG  1 
ATOM   837  C  CD  . GLU A 1 133 ? -6.310  14.160  -5.844  1.00 25.94 ? 108 GLU A CD  1 
ATOM   838  O  OE1 . GLU A 1 133 ? -7.303  13.574  -6.361  1.00 29.77 ? 108 GLU A OE1 1 
ATOM   839  O  OE2 . GLU A 1 133 ? -5.914  15.304  -6.231  1.00 31.81 ? 108 GLU A OE2 1 
ATOM   840  N  N   . LYS A 1 134 ? -6.946  13.013  -0.303  1.00 19.14 ? 109 LYS A N   1 
ATOM   841  C  CA  . LYS A 1 134 ? -7.775  13.312  0.874   1.00 18.92 ? 109 LYS A CA  1 
ATOM   842  C  C   . LYS A 1 134 ? -6.966  13.800  2.076   1.00 18.41 ? 109 LYS A C   1 
ATOM   843  O  O   . LYS A 1 134 ? -7.350  14.777  2.716   1.00 17.28 ? 109 LYS A O   1 
ATOM   844  C  CB  . LYS A 1 134 ? -8.602  12.095  1.271   1.00 18.93 ? 109 LYS A CB  1 
ATOM   845  C  CG  . LYS A 1 134 ? -9.499  12.345  2.477   1.00 21.21 ? 109 LYS A CG  1 
ATOM   846  C  CD  . LYS A 1 134 ? -10.263 11.087  2.868   1.00 22.93 ? 109 LYS A CD  1 
ATOM   847  C  CE  . LYS A 1 134 ? -11.571 11.446  3.614   1.00 27.38 ? 109 LYS A CE  1 
ATOM   848  N  NZ  . LYS A 1 134 ? -11.246 11.571  5.092   1.00 28.14 ? 109 LYS A NZ  1 
ATOM   849  N  N   . ILE A 1 135 ? -5.845  13.127  2.367   1.00 17.93 ? 110 ILE A N   1 
ATOM   850  C  CA  . ILE A 1 135 ? -5.046  13.486  3.531   1.00 17.85 ? 110 ILE A CA  1 
ATOM   851  C  C   . ILE A 1 135 ? -4.025  14.584  3.220   1.00 18.23 ? 110 ILE A C   1 
ATOM   852  O  O   . ILE A 1 135 ? -3.335  15.006  4.114   1.00 17.44 ? 110 ILE A O   1 
ATOM   853  C  CB  . ILE A 1 135 ? -4.325  12.296  4.205   1.00 18.07 ? 110 ILE A CB  1 
ATOM   854  C  CG1 . ILE A 1 135 ? -3.113  11.841  3.372   1.00 15.93 ? 110 ILE A CG1 1 
ATOM   855  C  CG2 . ILE A 1 135 ? -5.348  11.177  4.627   1.00 18.46 ? 110 ILE A CG2 1 
ATOM   856  C  CD1 . ILE A 1 135 ? -2.567  10.460  3.769   1.00 17.11 ? 110 ILE A CD1 1 
ATOM   857  N  N   . GLY A 1 136 ? -3.929  15.020  1.959   1.00 18.34 ? 111 GLY A N   1 
ATOM   858  C  CA  . GLY A 1 136 ? -2.995  16.098  1.603   1.00 18.57 ? 111 GLY A CA  1 
ATOM   859  C  C   . GLY A 1 136 ? -1.560  15.581  1.635   1.00 19.76 ? 111 GLY A C   1 
ATOM   860  O  O   . GLY A 1 136 ? -0.635  16.279  2.046   1.00 19.42 ? 111 GLY A O   1 
ATOM   861  N  N   . GLY A 1 137 ? -1.372  14.339  1.209   1.00 20.37 ? 112 GLY A N   1 
ATOM   862  C  CA  . GLY A 1 137 ? -0.067  13.726  1.314   1.00 20.68 ? 112 GLY A CA  1 
ATOM   863  C  C   . GLY A 1 137 ? 0.342   13.105  0.007   1.00 21.16 ? 112 GLY A C   1 
ATOM   864  O  O   . GLY A 1 137 ? -0.259  13.362  -1.043  1.00 21.43 ? 112 GLY A O   1 
ATOM   865  N  N   . LYS A 1 138 ? 1.356   12.261  0.070   1.00 20.77 ? 113 LYS A N   1 
ATOM   866  C  CA  . LYS A 1 138 ? 1.819   11.570  -1.108  1.00 20.32 ? 113 LYS A CA  1 
ATOM   867  C  C   . LYS A 1 138 ? 1.665   10.040  -1.005  1.00 20.09 ? 113 LYS A C   1 
ATOM   868  O  O   . LYS A 1 138 ? 1.322   9.477   0.053   1.00 18.73 ? 113 LYS A O   1 
ATOM   869  C  CB  . LYS A 1 138 ? 3.262   11.982  -1.391  1.00 21.64 ? 113 LYS A CB  1 
ATOM   870  C  CG  . LYS A 1 138 ? 3.391   13.460  -1.731  1.00 21.51 ? 113 LYS A CG  1 
ATOM   871  C  CD  . LYS A 1 138 ? 4.577   13.734  -2.617  1.00 26.35 ? 113 LYS A CD  1 
ATOM   872  C  CE  . LYS A 1 138 ? 4.776   15.251  -2.784  1.00 28.34 ? 113 LYS A CE  1 
ATOM   873  N  NZ  . LYS A 1 138 ? 3.570   15.909  -3.380  1.00 31.14 ? 113 LYS A NZ  1 
ATOM   874  N  N   . LEU A 1 139 ? 1.927   9.368   -2.111  1.00 19.43 ? 114 LEU A N   1 
ATOM   875  C  CA  . LEU A 1 139 ? 1.724   7.940   -2.173  1.00 19.51 ? 114 LEU A CA  1 
ATOM   876  C  C   . LEU A 1 139 ? 3.058   7.294   -2.452  1.00 19.11 ? 114 LEU A C   1 
ATOM   877  O  O   . LEU A 1 139 ? 3.789   7.688   -3.362  1.00 18.76 ? 114 LEU A O   1 
ATOM   878  C  CB  . LEU A 1 139 ? 0.739   7.569   -3.283  1.00 19.74 ? 114 LEU A CB  1 
ATOM   879  C  CG  . LEU A 1 139 ? 0.639   6.080   -3.690  1.00 20.01 ? 114 LEU A CG  1 
ATOM   880  C  CD1 . LEU A 1 139 ? 0.045   5.184   -2.573  1.00 18.92 ? 114 LEU A CD1 1 
ATOM   881  C  CD2 . LEU A 1 139 ? -0.207  5.930   -4.934  1.00 20.35 ? 114 LEU A CD2 1 
ATOM   882  N  N   . LEU A 1 140 ? 3.370   6.282   -1.666  1.00 19.27 ? 115 LEU A N   1 
ATOM   883  C  CA  . LEU A 1 140 ? 4.512   5.449   -1.973  1.00 18.84 ? 115 LEU A CA  1 
ATOM   884  C  C   . LEU A 1 140 ? 3.969   4.136   -2.516  1.00 19.44 ? 115 LEU A C   1 
ATOM   885  O  O   . LEU A 1 140 ? 3.231   3.394   -1.822  1.00 19.64 ? 115 LEU A O   1 
ATOM   886  C  CB  . LEU A 1 140 ? 5.349   5.208   -0.739  1.00 18.36 ? 115 LEU A CB  1 
ATOM   887  C  CG  . LEU A 1 140 ? 6.470   4.180   -0.919  1.00 18.42 ? 115 LEU A CG  1 
ATOM   888  C  CD1 . LEU A 1 140 ? 7.537   4.741   -1.835  1.00 16.09 ? 115 LEU A CD1 1 
ATOM   889  C  CD2 . LEU A 1 140 ? 7.084   3.776   0.451   1.00 18.77 ? 115 LEU A CD2 1 
ATOM   890  N  N   . THR A 1 141 ? 4.282   3.883   -3.777  1.00 19.91 ? 116 THR A N   1 
ATOM   891  C  CA  . THR A 1 141 ? 3.948   2.631   -4.417  1.00 21.66 ? 116 THR A CA  1 
ATOM   892  C  C   . THR A 1 141 ? 5.161   2.162   -5.161  1.00 22.95 ? 116 THR A C   1 
ATOM   893  O  O   . THR A 1 141 ? 5.919   2.967   -5.683  1.00 22.07 ? 116 THR A O   1 
ATOM   894  C  CB  . THR A 1 141 ? 2.759   2.735   -5.406  1.00 21.91 ? 116 THR A CB  1 
ATOM   895  O  OG1 . THR A 1 141 ? 2.579   1.464   -6.052  1.00 22.27 ? 116 THR A OG1 1 
ATOM   896  C  CG2 . THR A 1 141 ? 2.964   3.822   -6.490  1.00 20.35 ? 116 THR A CG2 1 
ATOM   897  N  N   . LEU A 1 142 ? 5.348   0.853   -5.193  1.00 25.54 ? 117 LEU A N   1 
ATOM   898  C  CA  . LEU A 1 142 ? 6.385   0.255   -6.050  1.00 28.61 ? 117 LEU A CA  1 
ATOM   899  C  C   . LEU A 1 142 ? 5.847   -0.025  -7.441  1.00 29.47 ? 117 LEU A C   1 
ATOM   900  O  O   . LEU A 1 142 ? 6.519   -0.608  -8.265  1.00 31.01 ? 117 LEU A O   1 
ATOM   901  C  CB  . LEU A 1 142 ? 6.949   -1.015  -5.406  1.00 28.64 ? 117 LEU A CB  1 
ATOM   902  C  CG  . LEU A 1 142 ? 7.936   -0.842  -4.221  1.00 30.20 ? 117 LEU A CG  1 
ATOM   903  C  CD1 . LEU A 1 142 ? 7.476   0.057   -3.099  1.00 32.30 ? 117 LEU A CD1 1 
ATOM   904  C  CD2 . LEU A 1 142 ? 8.310   -2.209  -3.619  1.00 31.15 ? 117 LEU A CD2 1 
ATOM   905  N  N   . ASP A 1 143 ? 4.631   0.416   -7.713  1.00 31.12 ? 118 ASP A N   1 
ATOM   906  C  CA  . ASP A 1 143 ? 4.002   0.175   -9.001  1.00 32.95 ? 118 ASP A CA  1 
ATOM   907  C  C   . ASP A 1 143 ? 4.391   1.327   -9.905  1.00 32.85 ? 118 ASP A C   1 
ATOM   908  O  O   . ASP A 1 143 ? 3.809   2.412   -9.824  1.00 33.34 ? 118 ASP A O   1 
ATOM   909  C  CB  . ASP A 1 143 ? 2.469   0.093   -8.812  1.00 33.77 ? 118 ASP A CB  1 
ATOM   910  C  CG  . ASP A 1 143 ? 1.713   -0.347  -10.069 1.00 36.12 ? 118 ASP A CG  1 
ATOM   911  O  OD1 . ASP A 1 143 ? 1.895   0.266   -11.134 1.00 38.60 ? 118 ASP A OD1 1 
ATOM   912  O  OD2 . ASP A 1 143 ? 0.891   -1.299  -9.968  1.00 41.25 ? 118 ASP A OD2 1 
ATOM   913  N  N   . ARG A 1 144 ? 5.372   1.092   -10.778 1.00 33.51 ? 119 ARG A N   1 
ATOM   914  C  CA  . ARG A 1 144 ? 5.854   2.134   -11.704 1.00 32.74 ? 119 ARG A CA  1 
ATOM   915  C  C   . ARG A 1 144 ? 4.759   2.673   -12.637 1.00 32.19 ? 119 ARG A C   1 
ATOM   916  O  O   . ARG A 1 144 ? 4.668   3.878   -12.875 1.00 32.08 ? 119 ARG A O   1 
ATOM   917  C  CB  . ARG A 1 144 ? 7.077   1.643   -12.487 1.00 33.91 ? 119 ARG A CB  1 
ATOM   918  N  N   . GLN A 1 145 ? 3.908   1.791   -13.138 1.00 31.65 ? 120 GLN A N   1 
ATOM   919  C  CA  . GLN A 1 145 ? 2.823   2.224   -14.023 1.00 31.41 ? 120 GLN A CA  1 
ATOM   920  C  C   . GLN A 1 145 ? 1.864   3.187   -13.327 1.00 31.19 ? 120 GLN A C   1 
ATOM   921  O  O   . GLN A 1 145 ? 1.448   4.194   -13.903 1.00 31.25 ? 120 GLN A O   1 
ATOM   922  C  CB  . GLN A 1 145 ? 2.059   1.014   -14.583 1.00 32.15 ? 120 GLN A CB  1 
ATOM   923  N  N   . LEU A 1 146 ? 1.529   2.877   -12.073 1.00 30.38 ? 121 LEU A N   1 
ATOM   924  C  CA  . LEU A 1 146 ? 0.683   3.744   -11.256 1.00 29.42 ? 121 LEU A CA  1 
ATOM   925  C  C   . LEU A 1 146 ? 1.393   5.055   -10.982 1.00 30.38 ? 121 LEU A C   1 
ATOM   926  O  O   . LEU A 1 146 ? 0.828   6.146   -11.156 1.00 30.24 ? 121 LEU A O   1 
ATOM   927  C  CB  . LEU A 1 146 ? 0.364   3.041   -9.939  1.00 28.76 ? 121 LEU A CB  1 
ATOM   928  C  CG  . LEU A 1 146 ? -0.697  3.657   -9.039  1.00 28.04 ? 121 LEU A CG  1 
ATOM   929  C  CD1 . LEU A 1 146 ? -1.990  3.962   -9.820  1.00 27.15 ? 121 LEU A CD1 1 
ATOM   930  C  CD2 . LEU A 1 146 ? -0.937  2.736   -7.838  1.00 26.35 ? 121 LEU A CD2 1 
ATOM   931  N  N   . ALA A 1 147 ? 2.651   4.923   -10.561 1.00 30.89 ? 122 ALA A N   1 
ATOM   932  C  CA  . ALA A 1 147 ? 3.505   6.053   -10.260 1.00 31.77 ? 122 ALA A CA  1 
ATOM   933  C  C   . ALA A 1 147 ? 3.629   7.013   -11.443 1.00 31.87 ? 122 ALA A C   1 
ATOM   934  O  O   . ALA A 1 147 ? 3.684   8.206   -11.230 1.00 32.06 ? 122 ALA A O   1 
ATOM   935  C  CB  . ALA A 1 147 ? 4.903   5.572   -9.772  1.00 32.13 ? 122 ALA A CB  1 
ATOM   936  N  N   . GLU A 1 148 ? 3.619   6.512   -12.676 1.00 32.61 ? 123 GLU A N   1 
ATOM   937  C  CA  . GLU A 1 148 ? 3.693   7.404   -13.857 1.00 33.73 ? 123 GLU A CA  1 
ATOM   938  C  C   . GLU A 1 148 ? 2.409   8.211   -14.118 1.00 33.81 ? 123 GLU A C   1 
ATOM   939  O  O   . GLU A 1 148 ? 2.474   9.330   -14.654 1.00 33.88 ? 123 GLU A O   1 
ATOM   940  C  CB  . GLU A 1 148 ? 4.084   6.635   -15.124 1.00 33.41 ? 123 GLU A CB  1 
ATOM   941  C  CG  . GLU A 1 148 ? 5.607   6.506   -15.349 1.00 35.20 ? 123 GLU A CG  1 
ATOM   942  C  CD  . GLU A 1 148 ? 5.954   5.951   -16.722 1.00 35.15 ? 123 GLU A CD  1 
ATOM   943  O  OE1 . GLU A 1 148 ? 5.137   5.196   -17.288 1.00 36.97 ? 123 GLU A OE1 1 
ATOM   944  O  OE2 . GLU A 1 148 ? 7.050   6.270   -17.245 1.00 39.77 ? 123 GLU A OE2 1 
ATOM   945  N  N   . LYS A 1 149 ? 1.255   7.645   -13.751 1.00 33.06 ? 124 LYS A N   1 
ATOM   946  C  CA  . LYS A 1 149 ? -0.041  8.275   -14.025 1.00 32.84 ? 124 LYS A CA  1 
ATOM   947  C  C   . LYS A 1 149 ? -0.356  9.425   -13.068 1.00 31.98 ? 124 LYS A C   1 
ATOM   948  O  O   . LYS A 1 149 ? -1.180  10.287  -13.369 1.00 31.85 ? 124 LYS A O   1 
ATOM   949  C  CB  . LYS A 1 149 ? -1.166  7.224   -14.049 1.00 33.46 ? 124 LYS A CB  1 
ATOM   950  C  CG  . LYS A 1 149 ? -1.159  6.375   -15.355 1.00 35.96 ? 124 LYS A CG  1 
ATOM   951  C  CD  . LYS A 1 149 ? -2.540  5.870   -15.771 1.00 36.54 ? 124 LYS A CD  1 
ATOM   952  C  CE  . LYS A 1 149 ? -2.572  5.385   -17.224 1.00 35.56 ? 124 LYS A CE  1 
ATOM   953  N  NZ  . LYS A 1 149 ? -3.474  4.168   -17.389 1.00 37.30 ? 124 LYS A NZ  1 
ATOM   954  N  N   . PHE A 1 150 ? 0.325   9.447   -11.926 1.00 31.19 ? 125 PHE A N   1 
ATOM   955  C  CA  . PHE A 1 150 ? 0.100   10.470  -10.910 1.00 30.47 ? 125 PHE A CA  1 
ATOM   956  C  C   . PHE A 1 150 ? 1.422   11.045  -10.393 1.00 31.24 ? 125 PHE A C   1 
ATOM   957  O  O   . PHE A 1 150 ? 1.798   10.822  -9.241  1.00 31.25 ? 125 PHE A O   1 
ATOM   958  C  CB  . PHE A 1 150 ? -0.755  9.880   -9.774  1.00 29.42 ? 125 PHE A CB  1 
ATOM   959  C  CG  . PHE A 1 150 ? -2.066  9.344   -10.247 1.00 27.17 ? 125 PHE A CG  1 
ATOM   960  C  CD1 . PHE A 1 150 ? -3.139  10.197  -10.452 1.00 24.26 ? 125 PHE A CD1 1 
ATOM   961  C  CD2 . PHE A 1 150 ? -2.202  8.003   -10.559 1.00 23.90 ? 125 PHE A CD2 1 
ATOM   962  C  CE1 . PHE A 1 150 ? -4.336  9.698   -10.912 1.00 27.46 ? 125 PHE A CE1 1 
ATOM   963  C  CE2 . PHE A 1 150 ? -3.380  7.500   -11.032 1.00 25.97 ? 125 PHE A CE2 1 
ATOM   964  C  CZ  . PHE A 1 150 ? -4.465  8.331   -11.196 1.00 26.27 ? 125 PHE A CZ  1 
ATOM   965  N  N   . PRO A 1 151 ? 2.134   11.804  -11.241 1.00 32.11 ? 126 PRO A N   1 
ATOM   966  C  CA  . PRO A 1 151 ? 3.464   12.269  -10.836 1.00 32.71 ? 126 PRO A CA  1 
ATOM   967  C  C   . PRO A 1 151 ? 3.429   13.239  -9.655  1.00 33.22 ? 126 PRO A C   1 
ATOM   968  O  O   . PRO A 1 151 ? 4.386   13.291  -8.887  1.00 33.69 ? 126 PRO A O   1 
ATOM   969  C  CB  . PRO A 1 151 ? 3.989   12.993  -12.093 1.00 32.91 ? 126 PRO A CB  1 
ATOM   970  C  CG  . PRO A 1 151 ? 2.732   13.396  -12.839 1.00 32.84 ? 126 PRO A CG  1 
ATOM   971  C  CD  . PRO A 1 151 ? 1.757   12.288  -12.587 1.00 32.26 ? 126 PRO A CD  1 
ATOM   972  N  N   . ALA A 1 152 ? 2.349   14.008  -9.523  1.00 33.58 ? 127 ALA A N   1 
ATOM   973  C  CA  . ALA A 1 152 ? 2.253   15.025  -8.482  1.00 34.43 ? 127 ALA A CA  1 
ATOM   974  C  C   . ALA A 1 152 ? 1.881   14.400  -7.144  1.00 35.29 ? 127 ALA A C   1 
ATOM   975  O  O   . ALA A 1 152 ? 2.073   15.007  -6.081  1.00 35.54 ? 127 ALA A O   1 
ATOM   976  C  CB  . ALA A 1 152 ? 1.233   16.059  -8.867  1.00 34.53 ? 127 ALA A CB  1 
ATOM   977  N  N   . LEU A 1 153 ? 1.342   13.185  -7.200  1.00 35.71 ? 128 LEU A N   1 
ATOM   978  C  CA  . LEU A 1 153 ? 0.838   12.538  -6.000  1.00 36.51 ? 128 LEU A CA  1 
ATOM   979  C  C   . LEU A 1 153 ? 1.734   11.449  -5.478  1.00 36.98 ? 128 LEU A C   1 
ATOM   980  O  O   . LEU A 1 153 ? 1.580   11.040  -4.354  1.00 37.61 ? 128 LEU A O   1 
ATOM   981  C  CB  . LEU A 1 153 ? -0.610  12.055  -6.172  1.00 35.83 ? 128 LEU A CB  1 
ATOM   982  C  CG  . LEU A 1 153 ? -1.605  13.203  -5.928  1.00 35.10 ? 128 LEU A CG  1 
ATOM   983  C  CD1 . LEU A 1 153 ? -2.983  12.958  -6.572  1.00 31.99 ? 128 LEU A CD1 1 
ATOM   984  C  CD2 . LEU A 1 153 ? -1.703  13.503  -4.425  1.00 33.46 ? 128 LEU A CD2 1 
ATOM   985  N  N   . VAL A 1 154 ? 2.693   11.014  -6.284  1.00 38.19 ? 129 VAL A N   1 
ATOM   986  C  CA  . VAL A 1 154 ? 3.564   9.895   -5.911  1.00 39.10 ? 129 VAL A CA  1 
ATOM   987  C  C   . VAL A 1 154 ? 4.958   10.399  -5.488  1.00 39.72 ? 129 VAL A C   1 
ATOM   988  O  O   . VAL A 1 154 ? 5.409   11.443  -5.945  1.00 40.13 ? 129 VAL A O   1 
ATOM   989  C  CB  . VAL A 1 154 ? 3.596   8.773   -7.041  1.00 38.87 ? 129 VAL A CB  1 
ATOM   990  C  CG1 . VAL A 1 154 ? 4.475   7.586   -6.647  1.00 38.85 ? 129 VAL A CG1 1 
ATOM   991  C  CG2 . VAL A 1 154 ? 2.187   8.271   -7.340  1.00 36.86 ? 129 VAL A CG2 1 
ATOM   992  N  N   . THR A 1 155 ? 5.610   9.674   -4.581  1.00 40.62 ? 130 THR A N   1 
ATOM   993  C  CA  . THR A 1 155 ? 6.956   10.026  -4.119  1.00 41.54 ? 130 THR A CA  1 
ATOM   994  C  C   . THR A 1 155 ? 7.988   9.551   -5.147  1.00 42.33 ? 130 THR A C   1 
ATOM   995  O  O   . THR A 1 155 ? 8.164   8.339   -5.338  1.00 42.50 ? 130 THR A O   1 
ATOM   996  C  CB  . THR A 1 155 ? 7.307   9.343   -2.767  1.00 42.00 ? 130 THR A CB  1 
ATOM   997  O  OG1 . THR A 1 155 ? 7.263   7.917   -2.931  1.00 41.92 ? 130 THR A OG1 1 
ATOM   998  C  CG2 . THR A 1 155 ? 6.361   9.766   -1.650  1.00 40.95 ? 130 THR A CG2 1 
HETATM 999  MN MN  . MN  B 2 .   ? 0.028   -3.244  -9.254  0.33 40.81 ? 132 MN  A MN  1 
HETATM 1000 CL CL  . CL  C 3 .   ? -0.815  -17.838 -7.923  1.00 39.35 ? 201 CL  A CL  1 
HETATM 1001 CA CA  . CA  D 4 .   ? -14.227 14.061  -2.655  0.50 59.67 ? 301 CA  A CA  1 
HETATM 1002 O  O   . HOH E 5 .   ? 14.185  10.938  9.203   1.00 44.08 ? 302 HOH A O   1 
HETATM 1003 O  O   . HOH E 5 .   ? 6.432   12.220  -8.230  1.00 54.48 ? 303 HOH A O   1 
HETATM 1004 O  O   . HOH E 5 .   ? 0.268   5.564   13.483  1.00 37.82 ? 304 HOH A O   1 
HETATM 1005 O  O   . HOH E 5 .   ? 1.936   -6.953  -2.021  1.00 43.14 ? 305 HOH A O   1 
HETATM 1006 O  O   . HOH E 5 .   ? -12.897 -1.112  6.702   0.50 15.95 ? 306 HOH A O   1 
HETATM 1007 O  O   . HOH E 5 .   ? -14.734 9.497   -1.732  1.00 19.45 ? 307 HOH A O   1 
HETATM 1008 O  O   . HOH E 5 .   ? -5.531  -3.383  -9.436  1.00 22.35 ? 308 HOH A O   1 
HETATM 1009 O  O   . HOH E 5 .   ? 2.866   5.567   11.126  1.00 23.02 ? 309 HOH A O   1 
HETATM 1010 O  O   . HOH E 5 .   ? -2.121  -1.859  -3.404  1.00 17.76 ? 310 HOH A O   1 
HETATM 1011 O  O   . HOH E 5 .   ? -5.618  -13.785 -6.825  1.00 26.02 ? 311 HOH A O   1 
HETATM 1012 O  O   . HOH E 5 .   ? -5.800  2.486   12.014  1.00 26.61 ? 312 HOH A O   1 
HETATM 1013 O  O   . HOH E 5 .   ? -9.640  12.153  -2.640  1.00 25.02 ? 313 HOH A O   1 
HETATM 1014 O  O   . HOH E 5 .   ? -1.910  -8.477  -3.929  1.00 22.60 ? 314 HOH A O   1 
HETATM 1015 O  O   . HOH E 5 .   ? -11.616 11.043  -0.567  1.00 30.43 ? 315 HOH A O   1 
HETATM 1016 O  O   . HOH E 5 .   ? -0.948  13.844  -9.962  1.00 43.16 ? 316 HOH A O   1 
HETATM 1017 O  O   . HOH E 5 .   ? -4.489  -0.044  -12.416 1.00 22.97 ? 317 HOH A O   1 
HETATM 1018 O  O   . HOH E 5 .   ? -16.538 7.993   -0.693  1.00 22.25 ? 318 HOH A O   1 
HETATM 1019 O  O   . HOH E 5 .   ? -1.968  0.276   -5.288  1.00 22.25 ? 319 HOH A O   1 
HETATM 1020 O  O   . HOH E 5 .   ? -4.304  0.487   12.701  1.00 27.31 ? 320 HOH A O   1 
HETATM 1021 O  O   . HOH E 5 .   ? -9.764  7.392   9.076   1.00 32.81 ? 321 HOH A O   1 
HETATM 1022 O  O   . HOH E 5 .   ? -5.331  17.848  -0.465  1.00 33.73 ? 322 HOH A O   1 
HETATM 1023 O  O   . HOH E 5 .   ? -0.786  -1.401  -8.020  1.00 35.30 ? 323 HOH A O   1 
HETATM 1024 O  O   . HOH E 5 .   ? -9.363  12.621  -5.268  1.00 35.73 ? 324 HOH A O   1 
HETATM 1025 O  O   . HOH E 5 .   ? -1.745  -15.965 11.099  1.00 35.58 ? 325 HOH A O   1 
HETATM 1026 O  O   . HOH E 5 .   ? -17.524 8.952   -8.374  1.00 24.64 ? 326 HOH A O   1 
HETATM 1027 O  O   . HOH E 5 .   ? -14.277 10.799  -13.597 1.00 36.57 ? 327 HOH A O   1 
HETATM 1028 O  O   . HOH E 5 .   ? 0.508   -25.312 -3.309  1.00 30.42 ? 328 HOH A O   1 
HETATM 1029 O  O   . HOH E 5 .   ? 2.602   -9.823  0.545   1.00 26.19 ? 329 HOH A O   1 
HETATM 1030 O  O   . HOH E 5 .   ? -3.941  -5.060  12.885  1.00 33.63 ? 330 HOH A O   1 
HETATM 1031 O  O   . HOH E 5 .   ? 8.182   -18.883 10.908  1.00 35.64 ? 331 HOH A O   1 
HETATM 1032 O  O   . HOH E 5 .   ? 6.841   -9.295  1.724   1.00 31.31 ? 332 HOH A O   1 
HETATM 1033 O  O   . HOH E 5 .   ? 4.805   -10.567 2.051   1.00 28.72 ? 333 HOH A O   1 
HETATM 1034 O  O   . HOH E 5 .   ? 0.633   -1.997  -5.124  1.00 43.93 ? 334 HOH A O   1 
HETATM 1035 O  O   . HOH E 5 .   ? 5.315   -6.987  12.608  1.00 40.10 ? 335 HOH A O   1 
HETATM 1036 O  O   . HOH E 5 .   ? -13.530 13.907  1.738   1.00 34.05 ? 336 HOH A O   1 
HETATM 1037 O  O   . HOH E 5 .   ? -6.706  16.736  4.629   1.00 40.20 ? 337 HOH A O   1 
HETATM 1038 O  O   . HOH E 5 .   ? -8.229  1.470   12.298  1.00 44.49 ? 338 HOH A O   1 
HETATM 1039 O  O   . HOH E 5 .   ? 1.316   -26.311 -1.461  1.00 34.58 ? 339 HOH A O   1 
HETATM 1040 O  O   . HOH E 5 .   ? -4.195  -2.214  -6.055  1.00 29.21 ? 340 HOH A O   1 
HETATM 1041 O  O   . HOH E 5 .   ? -3.036  9.730   -15.701 1.00 38.89 ? 341 HOH A O   1 
HETATM 1042 O  O   . HOH E 5 .   ? 3.557   -18.136 15.790  1.00 37.91 ? 342 HOH A O   1 
HETATM 1043 O  O   . HOH E 5 .   ? -2.809  -10.654 -5.079  1.00 38.49 ? 343 HOH A O   1 
HETATM 1044 O  O   . HOH E 5 .   ? 7.231   -23.349 8.925   1.00 51.59 ? 344 HOH A O   1 
HETATM 1045 O  O   . HOH E 5 .   ? -15.566 -0.640  7.436   1.00 34.04 ? 345 HOH A O   1 
HETATM 1046 O  O   . HOH E 5 .   ? -2.104  1.831   16.661  1.00 41.51 ? 346 HOH A O   1 
HETATM 1047 O  O   . HOH E 5 .   ? -3.046  -19.460 8.957   1.00 29.42 ? 347 HOH A O   1 
HETATM 1048 O  O   . HOH E 5 .   ? -7.044  13.880  -11.165 1.00 39.31 ? 348 HOH A O   1 
HETATM 1049 O  O   . HOH E 5 .   ? 4.987   -13.981 14.130  1.00 41.34 ? 349 HOH A O   1 
HETATM 1050 O  O   . HOH E 5 .   ? -5.509  -16.308 -7.921  1.00 34.78 ? 350 HOH A O   1 
HETATM 1051 O  O   . HOH E 5 .   ? 4.207   -25.804 7.539   1.00 45.15 ? 351 HOH A O   1 
HETATM 1052 O  O   . HOH E 5 .   ? 11.127  -4.558  7.702   1.00 39.78 ? 352 HOH A O   1 
HETATM 1053 O  O   . HOH E 5 .   ? 6.563   -5.170  -2.646  1.00 33.14 ? 353 HOH A O   1 
HETATM 1054 O  O   . HOH E 5 .   ? 0.931   15.701  3.954   1.00 38.36 ? 354 HOH A O   1 
HETATM 1055 O  O   . HOH E 5 .   ? -10.682 2.396   9.248   1.00 42.89 ? 355 HOH A O   1 
HETATM 1056 O  O   . HOH E 5 .   ? -5.790  11.318  8.594   1.00 42.42 ? 356 HOH A O   1 
HETATM 1057 O  O   . HOH E 5 .   ? 3.461   -4.943  17.775  1.00 42.80 ? 357 HOH A O   1 
HETATM 1058 O  O   . HOH E 5 .   ? 10.765  -21.007 2.656   1.00 37.63 ? 358 HOH A O   1 
HETATM 1059 O  O   . HOH E 5 .   ? -3.403  16.771  -3.379  1.00 42.04 ? 359 HOH A O   1 
HETATM 1060 O  O   . HOH E 5 .   ? -21.506 1.895   4.084   1.00 41.52 ? 360 HOH A O   1 
HETATM 1061 O  O   . HOH E 5 .   ? -13.415 13.267  -12.683 1.00 38.83 ? 361 HOH A O   1 
HETATM 1062 O  O   . HOH E 5 .   ? 7.691   -16.791 9.136   1.00 40.23 ? 362 HOH A O   1 
HETATM 1063 O  O   . HOH E 5 .   ? -1.097  15.813  -1.712  1.00 33.37 ? 363 HOH A O   1 
HETATM 1064 O  O   . HOH E 5 .   ? -6.485  -26.237 -4.207  1.00 38.19 ? 364 HOH A O   1 
HETATM 1065 O  O   . HOH E 5 .   ? -11.630 12.147  -7.513  1.00 36.53 ? 365 HOH A O   1 
HETATM 1066 O  O   . HOH E 5 .   ? -16.201 2.209   7.630   1.00 44.61 ? 366 HOH A O   1 
HETATM 1067 O  O   . HOH E 5 .   ? -0.485  19.054  2.360   1.00 44.92 ? 367 HOH A O   1 
HETATM 1068 O  O   . HOH E 5 .   ? -1.831  -26.264 -3.986  1.00 26.87 ? 368 HOH A O   1 
HETATM 1069 O  O   . HOH E 5 .   ? -4.284  -24.522 -4.404  1.00 42.13 ? 369 HOH A O   1 
HETATM 1070 O  O   . HOH E 5 .   ? -2.220  -2.613  -10.217 1.00 45.03 ? 370 HOH A O   1 
HETATM 1071 O  O   . HOH E 5 .   ? 0.387   -6.511  -4.032  1.00 43.05 ? 371 HOH A O   1 
HETATM 1072 O  O   . HOH E 5 .   ? 4.388   -7.174  -3.188  1.00 39.89 ? 372 HOH A O   1 
HETATM 1073 O  O   . HOH E 5 .   ? -4.621  -9.523  -6.244  1.00 51.89 ? 373 HOH A O   1 
HETATM 1074 O  O   . HOH E 5 .   ? -0.380  -22.762 8.905   1.00 49.56 ? 374 HOH A O   1 
HETATM 1075 O  O   . HOH E 5 .   ? 9.244   -4.896  10.120  1.00 50.21 ? 375 HOH A O   1 
HETATM 1076 O  O   . HOH E 5 .   ? -1.320  12.574  10.676  1.00 41.83 ? 376 HOH A O   1 
HETATM 1077 O  O   . HOH E 5 .   ? -1.740  -4.971  -7.612  1.00 49.25 ? 377 HOH A O   1 
HETATM 1078 O  O   . HOH E 5 .   ? -1.247  -4.112  -5.627  1.00 45.10 ? 378 HOH A O   1 
HETATM 1079 O  O   . HOH E 5 .   ? 3.140   -23.514 1.363   1.00 44.54 ? 379 HOH A O   1 
HETATM 1080 O  O   . HOH E 5 .   ? -12.654 14.271  -0.858  0.50 41.46 ? 380 HOH A O   1 
HETATM 1081 O  O   . HOH E 5 .   ? -15.701 12.573  -1.423  1.00 47.99 ? 381 HOH A O   1 
# 
